data_4Z3O
#
_entry.id   4Z3O
#
_cell.length_a   157.760
_cell.length_b   157.760
_cell.length_c   211.020
_cell.angle_alpha   90.00
_cell.angle_beta   90.00
_cell.angle_gamma   120.00
#
_symmetry.space_group_name_H-M   'P 31 2 1'
#
loop_
_entity.id
_entity.type
_entity.pdbx_description
1 polymer 'DNA topoisomerase 4 subunit B,ParE30-ParC55 fused topo IV from S. pneumoniae'
2 polymer 'E-site DNA'
3 polymer 'E-site DNA'
4 polymer 'E-site DNA'
5 polymer 'E-site DNA'
6 non-polymer 'MAGNESIUM ION'
7 non-polymer '1-cyclopropyl-6-fluoro-8-methoxy-7-[(4aS,7aS)-octahydro-6H-pyrrolo[3,4-b]pyridin-6-yl]-4-oxo-1,4-dihydroquinoline-3-carboxylic acid'
8 water water
#
loop_
_entity_poly.entity_id
_entity_poly.type
_entity_poly.pdbx_seq_one_letter_code
_entity_poly.pdbx_strand_id
1 'polypeptide(L)'
;MKNKKDKGLLSGKLTPAQSKNPAKNELYLVEGDSAGGSAKQGRDRKFQAILPLRGKVINTAKAKMADILKNEEINTMIYT
IGAGVGADFSIEDANYDKIIIMTDADTDGAHIQTLLLTFFYRYMRPLVEAGHVYIALPPLYKMSKGKGKKEEVAYAWTDG
ELEELRKQFGKGATLQRYKGLGEMNADQLWETTMNPETRTLIRVTIEDLARAERRVNVLMGDKVEPRRKWIEDNVKFTLE
EATVFHMSNIQNMSLEDIMGERFGRYSKYIIQDRALPDIRDGLKPVQRRILYSMNKDSNTFDKSYRKSAKSVGNIMGNFH
PHGDSSIYDAMVRMSQNWKNREILVEMHGNNGSMDGDPPAAMRYTEARLSEIAGYLLQDIEKKTVPFAWNFDDTEKEPTV
LPAAFPNLLVNGSTGISAGYATDIPPHNLAEVIDAAVYMIDHPTAKIDKLMEFLPGPDFPTGAIIQGRDEIKKAYETGKG
RVVVRSKTEIEKLKGGKEQIVITEIPYEINKANLVKKIDDVRVNNKVAGIAEVRDESDRDGLRIAIELKKDANTELVLNY
LFKYTDLQINYNFNMVAIDNFTPRQVGIVPILSSYIAHRREVILARSRFDKEKAEKRLHIVEGLIRVISILDEVIALIRA
SENKADAKENLKVSYDFTEEQAEAIVTLQLYRLTNTDVVVLQEEEAELREKIAMLAAIIGDERTMYNLMKKELREVKKKF
ATPRLSSLEDTAKALEHHHHHH
;
A,B
2 'polydeoxyribonucleotide' (DC)(DA)(DT)(DG)(DA)(DA)(DT) E
3 'polydeoxyribonucleotide' (DA)(DG)(DT)(DC)(DA)(DT)(DT)(DC)(DA)(DT)(DG) F
4 'polydeoxyribonucleotide' (DC)(DG)(DT)(DG)(DC)(DA)(DT) G
5 'polydeoxyribonucleotide' (DG)(DA)(DC)(DT)(DA)(DT)(DG)(DC)(DA)(DC)(DG) H
#
# COMPACT_ATOMS: atom_id res chain seq x y z
N LYS A 13 -25.78 10.73 -9.01
CA LYS A 13 -25.17 10.01 -7.90
C LYS A 13 -26.01 8.79 -7.51
N LEU A 14 -27.28 8.82 -7.86
CA LEU A 14 -28.20 7.75 -7.50
C LEU A 14 -28.45 6.77 -8.63
N THR A 15 -28.42 5.48 -8.29
CA THR A 15 -28.77 4.44 -9.24
C THR A 15 -30.24 4.09 -9.04
N PRO A 16 -31.10 4.51 -9.98
CA PRO A 16 -32.55 4.34 -9.84
C PRO A 16 -33.04 2.97 -10.29
N ALA A 17 -34.28 2.64 -9.94
CA ALA A 17 -34.89 1.38 -10.36
C ALA A 17 -35.43 1.52 -11.78
N GLN A 18 -35.69 0.37 -12.41
CA GLN A 18 -36.19 0.36 -13.79
C GLN A 18 -37.58 0.97 -13.87
N SER A 19 -38.50 0.44 -13.07
CA SER A 19 -39.87 0.94 -13.05
C SER A 19 -40.17 1.65 -11.73
N LYS A 20 -41.05 2.64 -11.79
CA LYS A 20 -41.44 3.39 -10.60
C LYS A 20 -42.62 2.72 -9.91
N ASN A 21 -42.44 2.36 -8.64
CA ASN A 21 -43.49 1.68 -7.89
C ASN A 21 -43.36 1.90 -6.38
N PRO A 22 -44.08 2.90 -5.85
CA PRO A 22 -44.06 3.25 -4.42
C PRO A 22 -44.73 2.19 -3.55
N ALA A 23 -44.82 0.95 -4.03
CA ALA A 23 -45.42 -0.13 -3.26
C ALA A 23 -44.45 -1.30 -3.09
N LYS A 24 -43.34 -1.24 -3.82
CA LYS A 24 -42.34 -2.30 -3.77
C LYS A 24 -40.91 -1.79 -3.88
N ASN A 25 -40.75 -0.58 -4.40
CA ASN A 25 -39.43 0.02 -4.57
C ASN A 25 -38.69 0.21 -3.26
N GLU A 26 -37.44 -0.22 -3.23
CA GLU A 26 -36.61 -0.10 -2.03
C GLU A 26 -35.43 0.82 -2.26
N LEU A 27 -35.14 1.65 -1.26
CA LEU A 27 -33.99 2.55 -1.32
C LEU A 27 -32.88 2.02 -0.41
N TYR A 28 -31.74 1.71 -0.99
CA TYR A 28 -30.60 1.23 -0.22
C TYR A 28 -29.60 2.33 0.08
N LEU A 29 -29.45 2.67 1.35
CA LEU A 29 -28.47 3.67 1.76
C LEU A 29 -27.17 2.97 2.14
N VAL A 30 -26.25 2.88 1.18
CA VAL A 30 -25.03 2.10 1.35
C VAL A 30 -23.85 2.95 1.85
N GLU A 31 -23.10 2.40 2.80
CA GLU A 31 -21.92 3.07 3.32
C GLU A 31 -20.72 2.87 2.40
N GLY A 32 -20.44 3.86 1.57
CA GLY A 32 -19.29 3.80 0.69
C GLY A 32 -19.62 3.65 -0.78
N ASP A 33 -18.74 4.17 -1.62
CA ASP A 33 -18.89 4.09 -3.07
C ASP A 33 -18.55 2.69 -3.59
N SER A 34 -17.60 2.03 -2.94
CA SER A 34 -17.20 0.68 -3.31
C SER A 34 -18.35 -0.29 -3.02
N ALA A 35 -18.81 -0.27 -1.78
CA ALA A 35 -19.94 -1.11 -1.37
C ALA A 35 -21.21 -0.71 -2.13
N GLY A 36 -21.33 0.57 -2.47
CA GLY A 36 -22.42 1.03 -3.31
C GLY A 36 -22.35 0.40 -4.69
N GLY A 37 -21.13 0.23 -5.19
CA GLY A 37 -20.92 -0.42 -6.47
C GLY A 37 -21.28 -1.89 -6.40
N SER A 38 -20.83 -2.55 -5.33
CA SER A 38 -21.16 -3.96 -5.11
C SER A 38 -22.66 -4.19 -5.03
N ALA A 39 -23.35 -3.30 -4.34
CA ALA A 39 -24.80 -3.35 -4.23
C ALA A 39 -25.43 -3.17 -5.61
N LYS A 40 -24.95 -2.17 -6.33
CA LYS A 40 -25.42 -1.87 -7.68
C LYS A 40 -25.26 -3.07 -8.60
N GLN A 41 -24.22 -3.86 -8.36
CA GLN A 41 -23.99 -5.07 -9.16
C GLN A 41 -24.89 -6.22 -8.74
N GLY A 42 -25.07 -6.41 -7.43
CA GLY A 42 -25.82 -7.55 -6.94
C GLY A 42 -27.27 -7.26 -6.61
N ARG A 43 -27.80 -6.16 -7.12
CA ARG A 43 -29.18 -5.77 -6.80
C ARG A 43 -30.20 -6.36 -7.79
N ASP A 44 -31.47 -6.07 -7.53
CA ASP A 44 -32.54 -6.39 -8.46
C ASP A 44 -33.05 -5.07 -9.03
N ARG A 45 -32.57 -4.74 -10.23
CA ARG A 45 -32.80 -3.42 -10.82
C ARG A 45 -34.27 -3.11 -11.13
N LYS A 46 -35.13 -4.13 -11.02
CA LYS A 46 -36.54 -3.95 -11.32
C LYS A 46 -37.25 -3.07 -10.30
N PHE A 47 -36.74 -3.04 -9.07
CA PHE A 47 -37.38 -2.26 -8.02
C PHE A 47 -36.39 -1.74 -6.98
N GLN A 48 -35.14 -2.20 -7.03
CA GLN A 48 -34.14 -1.78 -6.05
C GLN A 48 -33.27 -0.63 -6.55
N ALA A 49 -33.12 0.38 -5.71
CA ALA A 49 -32.30 1.55 -6.05
C ALA A 49 -31.12 1.65 -5.08
N ILE A 50 -30.02 2.24 -5.55
CA ILE A 50 -28.82 2.36 -4.75
C ILE A 50 -28.39 3.81 -4.57
N LEU A 51 -28.15 4.21 -3.33
CA LEU A 51 -27.67 5.55 -3.04
C LEU A 51 -26.42 5.47 -2.16
N PRO A 52 -25.25 5.76 -2.74
CA PRO A 52 -23.98 5.77 -2.00
C PRO A 52 -23.92 6.91 -1.00
N LEU A 53 -23.61 6.59 0.25
CA LEU A 53 -23.40 7.62 1.28
C LEU A 53 -21.91 7.84 1.49
N ARG A 54 -21.31 8.65 0.61
CA ARG A 54 -19.88 8.93 0.66
C ARG A 54 -19.49 9.75 1.89
N GLY A 55 -18.99 9.08 2.92
CA GLY A 55 -18.57 9.74 4.14
C GLY A 55 -19.55 9.55 5.27
N LYS A 56 -19.41 10.35 6.32
CA LYS A 56 -20.32 10.29 7.46
C LYS A 56 -21.43 11.33 7.31
N VAL A 57 -22.67 10.89 7.50
CA VAL A 57 -23.83 11.76 7.41
C VAL A 57 -23.79 12.83 8.50
N ILE A 58 -24.06 14.07 8.11
CA ILE A 58 -23.98 15.21 9.02
C ILE A 58 -24.94 15.05 10.20
N ASN A 59 -24.57 15.64 11.35
CA ASN A 59 -25.41 15.56 12.54
C ASN A 59 -26.51 16.59 12.52
N THR A 60 -27.72 16.14 12.17
CA THR A 60 -28.88 17.00 12.07
C THR A 60 -29.51 17.29 13.43
N ALA A 61 -28.67 17.25 14.47
CA ALA A 61 -29.10 17.61 15.81
C ALA A 61 -28.08 18.59 16.40
N LYS A 62 -26.87 18.57 15.83
CA LYS A 62 -25.80 19.45 16.27
C LYS A 62 -25.63 20.62 15.29
N ALA A 63 -25.50 20.30 14.00
CA ALA A 63 -25.28 21.30 12.97
C ALA A 63 -26.46 22.25 12.82
N LYS A 64 -26.17 23.46 12.33
CA LYS A 64 -27.19 24.48 12.11
C LYS A 64 -28.14 24.08 10.99
N MET A 65 -29.36 24.60 11.03
CA MET A 65 -30.39 24.25 10.06
C MET A 65 -30.10 24.83 8.67
N ALA A 66 -29.10 25.69 8.57
CA ALA A 66 -28.70 26.26 7.30
C ALA A 66 -27.67 25.36 6.63
N ASP A 67 -26.60 25.05 7.36
CA ASP A 67 -25.56 24.15 6.88
C ASP A 67 -26.10 22.74 6.68
N ILE A 68 -27.19 22.43 7.39
CA ILE A 68 -27.87 21.15 7.22
C ILE A 68 -28.57 21.12 5.86
N LEU A 69 -29.18 22.25 5.50
CA LEU A 69 -29.86 22.37 4.22
C LEU A 69 -28.85 22.48 3.06
N LYS A 70 -27.64 22.91 3.39
CA LYS A 70 -26.59 23.04 2.39
C LYS A 70 -25.71 21.80 2.33
N ASN A 71 -26.26 20.66 2.73
CA ASN A 71 -25.52 19.41 2.70
C ASN A 71 -25.93 18.53 1.51
N GLU A 72 -24.93 18.05 0.77
CA GLU A 72 -25.16 17.28 -0.45
C GLU A 72 -25.89 15.96 -0.20
N GLU A 73 -25.39 15.19 0.77
CA GLU A 73 -25.97 13.90 1.09
C GLU A 73 -27.42 14.02 1.52
N ILE A 74 -27.70 15.02 2.36
CA ILE A 74 -29.04 15.26 2.86
C ILE A 74 -29.98 15.71 1.74
N ASN A 75 -29.51 16.60 0.90
CA ASN A 75 -30.32 17.13 -0.20
C ASN A 75 -30.69 16.10 -1.24
N THR A 76 -29.73 15.29 -1.67
CA THR A 76 -29.99 14.26 -2.66
C THR A 76 -30.84 13.13 -2.09
N MET A 77 -30.87 13.01 -0.76
CA MET A 77 -31.74 12.04 -0.10
C MET A 77 -33.18 12.55 -0.06
N ILE A 78 -33.32 13.84 0.24
CA ILE A 78 -34.64 14.46 0.28
C ILE A 78 -35.22 14.58 -1.14
N TYR A 79 -34.34 14.58 -2.12
CA TYR A 79 -34.75 14.67 -3.52
C TYR A 79 -35.10 13.30 -4.08
N THR A 80 -34.28 12.30 -3.74
CA THR A 80 -34.50 10.94 -4.21
C THR A 80 -35.75 10.33 -3.57
N ILE A 81 -35.95 10.63 -2.28
CA ILE A 81 -37.15 10.19 -1.57
C ILE A 81 -38.37 10.89 -2.17
N GLY A 82 -38.20 12.16 -2.51
CA GLY A 82 -39.25 12.94 -3.14
C GLY A 82 -40.51 13.05 -2.32
N ALA A 83 -40.42 13.79 -1.21
CA ALA A 83 -41.56 13.99 -0.33
C ALA A 83 -41.44 15.28 0.46
N GLY A 84 -40.24 15.84 0.49
CA GLY A 84 -39.98 17.05 1.25
C GLY A 84 -39.38 16.73 2.60
N VAL A 85 -39.38 17.70 3.50
CA VAL A 85 -38.83 17.52 4.83
C VAL A 85 -39.54 18.38 5.87
N GLY A 86 -39.36 18.04 7.14
CA GLY A 86 -39.96 18.79 8.23
C GLY A 86 -41.47 18.71 8.25
N ALA A 87 -42.11 19.86 8.12
CA ALA A 87 -43.58 19.93 8.12
C ALA A 87 -44.13 19.90 6.71
N ASP A 88 -43.25 20.07 5.72
CA ASP A 88 -43.63 20.01 4.32
C ASP A 88 -43.42 18.60 3.80
N PHE A 89 -43.70 17.62 4.64
CA PHE A 89 -43.45 16.22 4.33
C PHE A 89 -44.74 15.42 4.22
N SER A 90 -44.98 14.85 3.04
CA SER A 90 -46.14 14.00 2.83
C SER A 90 -45.70 12.59 2.49
N ILE A 91 -45.94 11.66 3.42
CA ILE A 91 -45.51 10.26 3.24
C ILE A 91 -46.28 9.57 2.13
N GLU A 92 -47.45 10.11 1.78
CA GLU A 92 -48.27 9.54 0.73
C GLU A 92 -47.65 9.74 -0.65
N ASP A 93 -47.02 10.91 -0.84
CA ASP A 93 -46.41 11.24 -2.12
C ASP A 93 -44.94 10.87 -2.17
N ALA A 94 -44.57 9.79 -1.49
CA ALA A 94 -43.20 9.32 -1.46
C ALA A 94 -42.85 8.54 -2.73
N ASN A 95 -41.70 7.87 -2.72
CA ASN A 95 -41.25 7.11 -3.88
C ASN A 95 -40.83 5.69 -3.55
N TYR A 96 -40.82 5.35 -2.26
CA TYR A 96 -40.38 4.03 -1.84
C TYR A 96 -41.28 3.42 -0.76
N ASP A 97 -41.42 2.10 -0.80
CA ASP A 97 -42.16 1.38 0.22
C ASP A 97 -41.25 1.10 1.42
N LYS A 98 -39.98 0.84 1.13
CA LYS A 98 -39.01 0.53 2.17
C LYS A 98 -37.71 1.30 1.95
N ILE A 99 -37.15 1.87 3.01
CA ILE A 99 -35.84 2.50 2.95
C ILE A 99 -34.87 1.74 3.85
N ILE A 100 -33.95 1.01 3.24
CA ILE A 100 -33.04 0.15 3.97
C ILE A 100 -31.65 0.76 4.12
N ILE A 101 -31.16 0.82 5.36
CA ILE A 101 -29.83 1.32 5.65
C ILE A 101 -28.84 0.16 5.72
N MET A 102 -27.96 0.08 4.72
CA MET A 102 -26.99 -1.01 4.66
C MET A 102 -25.57 -0.50 4.87
N THR A 103 -24.98 -0.85 6.01
CA THR A 103 -23.64 -0.40 6.35
C THR A 103 -22.72 -1.56 6.66
N ASP A 104 -21.44 -1.27 6.87
CA ASP A 104 -20.48 -2.27 7.30
C ASP A 104 -20.89 -2.80 8.67
N ALA A 105 -20.44 -4.02 8.99
CA ALA A 105 -20.79 -4.64 10.26
C ALA A 105 -19.93 -4.10 11.41
N ASP A 106 -19.07 -3.13 11.10
CA ASP A 106 -18.18 -2.57 12.12
C ASP A 106 -18.72 -1.32 12.81
N THR A 107 -17.94 -0.80 13.74
CA THR A 107 -18.37 0.30 14.62
C THR A 107 -18.72 1.58 13.89
N ASP A 108 -17.93 1.93 12.88
CA ASP A 108 -18.20 3.11 12.08
C ASP A 108 -19.53 2.94 11.31
N GLY A 109 -19.86 1.70 11.01
CA GLY A 109 -21.14 1.40 10.39
C GLY A 109 -22.27 1.70 11.36
N ALA A 110 -22.04 1.40 12.63
CA ALA A 110 -23.02 1.67 13.67
C ALA A 110 -23.20 3.17 13.89
N HIS A 111 -22.15 3.94 13.62
CA HIS A 111 -22.20 5.38 13.77
C HIS A 111 -23.05 6.02 12.67
N ILE A 112 -22.86 5.53 11.44
CA ILE A 112 -23.63 6.01 10.30
C ILE A 112 -25.12 5.70 10.50
N GLN A 113 -25.40 4.50 11.01
CA GLN A 113 -26.77 4.10 11.32
C GLN A 113 -27.39 5.06 12.32
N THR A 114 -26.58 5.46 13.30
CA THR A 114 -27.03 6.40 14.33
C THR A 114 -27.35 7.76 13.72
N LEU A 115 -26.41 8.31 12.96
CA LEU A 115 -26.57 9.62 12.33
C LEU A 115 -27.73 9.66 11.35
N LEU A 116 -27.87 8.60 10.56
CA LEU A 116 -28.93 8.52 9.56
C LEU A 116 -30.31 8.38 10.21
N LEU A 117 -30.37 7.69 11.34
CA LEU A 117 -31.63 7.49 12.05
C LEU A 117 -32.13 8.77 12.69
N THR A 118 -31.21 9.58 13.20
CA THR A 118 -31.57 10.86 13.81
C THR A 118 -32.09 11.82 12.75
N PHE A 119 -31.64 11.63 11.52
CA PHE A 119 -32.12 12.44 10.40
C PHE A 119 -33.56 12.05 10.05
N PHE A 120 -33.79 10.75 9.87
CA PHE A 120 -35.12 10.25 9.50
C PHE A 120 -36.10 10.31 10.66
N TYR A 121 -35.63 10.74 11.82
CA TYR A 121 -36.49 10.93 12.98
C TYR A 121 -36.80 12.41 13.19
N ARG A 122 -35.77 13.24 13.09
CA ARG A 122 -35.91 14.68 13.33
C ARG A 122 -36.61 15.41 12.18
N TYR A 123 -36.48 14.88 10.97
CA TYR A 123 -37.00 15.58 9.79
C TYR A 123 -37.92 14.74 8.91
N MET A 124 -38.01 13.44 9.21
CA MET A 124 -38.91 12.55 8.47
C MET A 124 -39.62 11.57 9.39
N ARG A 125 -40.13 12.10 10.51
CA ARG A 125 -40.81 11.29 11.52
C ARG A 125 -41.90 10.32 11.02
N PRO A 126 -42.80 10.78 10.11
CA PRO A 126 -43.82 9.85 9.65
C PRO A 126 -43.27 8.61 8.94
N LEU A 127 -42.10 8.73 8.31
CA LEU A 127 -41.51 7.61 7.58
C LEU A 127 -41.02 6.52 8.53
N VAL A 128 -40.52 6.93 9.69
CA VAL A 128 -40.03 5.99 10.69
C VAL A 128 -41.17 5.44 11.54
N GLU A 129 -42.17 6.28 11.77
CA GLU A 129 -43.33 5.88 12.56
C GLU A 129 -44.22 4.91 11.81
N ALA A 130 -44.08 4.89 10.48
CA ALA A 130 -44.84 3.98 9.64
C ALA A 130 -44.08 2.69 9.40
N GLY A 131 -42.90 2.58 10.01
CA GLY A 131 -42.07 1.39 9.89
C GLY A 131 -41.56 1.17 8.48
N HIS A 132 -41.05 2.22 7.86
CA HIS A 132 -40.52 2.14 6.49
C HIS A 132 -38.99 2.16 6.48
N VAL A 133 -38.39 2.42 7.63
CA VAL A 133 -36.94 2.45 7.74
C VAL A 133 -36.41 1.12 8.26
N TYR A 134 -35.56 0.47 7.46
CA TYR A 134 -35.02 -0.83 7.81
C TYR A 134 -33.50 -0.78 7.92
N ILE A 135 -32.91 -1.83 8.47
CA ILE A 135 -31.46 -1.90 8.60
C ILE A 135 -30.94 -3.27 8.13
N ALA A 136 -30.20 -3.26 7.03
CA ALA A 136 -29.64 -4.50 6.50
C ALA A 136 -28.53 -5.02 7.41
N LEU A 137 -28.53 -6.32 7.67
CA LEU A 137 -27.55 -6.93 8.55
C LEU A 137 -26.69 -7.95 7.81
N PRO A 138 -25.54 -7.49 7.28
CA PRO A 138 -24.60 -8.36 6.55
C PRO A 138 -24.04 -9.45 7.47
N PRO A 139 -23.65 -10.60 6.89
CA PRO A 139 -23.07 -11.69 7.67
C PRO A 139 -21.70 -11.31 8.23
N LEU A 140 -21.24 -12.04 9.24
CA LEU A 140 -19.96 -11.76 9.87
C LEU A 140 -18.93 -12.85 9.58
N TYR A 141 -19.42 -14.01 9.16
CA TYR A 141 -18.55 -15.16 8.87
C TYR A 141 -19.02 -15.93 7.65
N LYS A 142 -18.11 -16.73 7.10
CA LYS A 142 -18.43 -17.58 5.94
C LYS A 142 -17.50 -18.77 5.89
N TYR A 155 -22.58 -19.34 5.99
CA TYR A 155 -22.81 -17.96 6.44
C TYR A 155 -23.32 -17.92 7.87
N ALA A 156 -22.72 -17.06 8.68
CA ALA A 156 -23.12 -16.90 10.07
C ALA A 156 -23.13 -15.42 10.47
N TRP A 157 -24.06 -15.07 11.35
CA TRP A 157 -24.20 -13.69 11.80
C TRP A 157 -23.73 -13.53 13.25
N THR A 158 -23.77 -14.60 14.01
CA THR A 158 -23.34 -14.58 15.40
C THR A 158 -22.17 -15.53 15.63
N ASP A 159 -21.80 -15.70 16.90
CA ASP A 159 -20.75 -16.63 17.27
C ASP A 159 -21.35 -18.01 17.49
N GLY A 160 -22.63 -18.03 17.84
CA GLY A 160 -23.35 -19.27 18.04
C GLY A 160 -23.69 -19.94 16.71
N GLU A 161 -23.94 -19.12 15.69
CA GLU A 161 -24.21 -19.64 14.36
C GLU A 161 -22.94 -20.20 13.74
N LEU A 162 -21.80 -19.61 14.09
CA LEU A 162 -20.50 -20.10 13.64
C LEU A 162 -20.25 -21.47 14.27
N GLU A 163 -20.60 -21.58 15.56
CA GLU A 163 -20.43 -22.83 16.29
C GLU A 163 -21.26 -23.96 15.69
N GLU A 164 -22.48 -23.62 15.28
CA GLU A 164 -23.38 -24.59 14.66
C GLU A 164 -22.93 -24.91 13.23
N LEU A 165 -22.28 -23.95 12.60
CA LEU A 165 -21.79 -24.12 11.23
C LEU A 165 -20.48 -24.90 11.22
N ARG A 166 -19.82 -24.96 12.38
CA ARG A 166 -18.57 -25.69 12.51
C ARG A 166 -18.82 -27.20 12.47
N LYS A 167 -20.02 -27.60 12.86
CA LYS A 167 -20.40 -29.00 12.86
C LYS A 167 -21.01 -29.42 11.52
N LEU A 175 -12.85 -20.54 8.10
CA LEU A 175 -13.88 -19.51 8.07
C LEU A 175 -13.36 -18.22 7.45
N GLN A 176 -14.27 -17.40 6.94
CA GLN A 176 -13.91 -16.13 6.32
C GLN A 176 -14.58 -14.97 7.05
N ARG A 177 -13.81 -14.27 7.89
CA ARG A 177 -14.33 -13.14 8.64
C ARG A 177 -14.41 -11.88 7.80
N TYR A 178 -15.63 -11.44 7.51
CA TYR A 178 -15.84 -10.23 6.72
C TYR A 178 -15.44 -8.98 7.50
N LYS A 179 -14.41 -8.29 7.01
CA LYS A 179 -13.96 -7.05 7.65
C LYS A 179 -14.88 -5.89 7.28
N GLY A 180 -15.68 -6.08 6.23
CA GLY A 180 -16.60 -5.06 5.78
C GLY A 180 -17.36 -5.50 4.54
N LEU A 181 -18.07 -4.55 3.93
CA LEU A 181 -18.83 -4.83 2.72
C LEU A 181 -17.94 -4.96 1.49
N GLY A 182 -16.76 -4.35 1.56
CA GLY A 182 -15.83 -4.36 0.45
C GLY A 182 -15.27 -5.72 0.12
N GLU A 183 -15.26 -6.62 1.10
CA GLU A 183 -14.70 -7.95 0.92
C GLU A 183 -15.74 -8.96 0.44
N MET A 184 -16.99 -8.51 0.34
CA MET A 184 -18.08 -9.38 -0.08
C MET A 184 -18.41 -9.18 -1.55
N ASN A 185 -18.59 -10.29 -2.27
CA ASN A 185 -18.94 -10.24 -3.68
C ASN A 185 -20.42 -9.91 -3.91
N ALA A 186 -20.75 -9.60 -5.15
CA ALA A 186 -22.12 -9.21 -5.50
C ALA A 186 -23.11 -10.35 -5.32
N ASP A 187 -22.73 -11.54 -5.78
CA ASP A 187 -23.58 -12.72 -5.68
C ASP A 187 -23.73 -13.14 -4.21
N GLN A 188 -22.67 -12.94 -3.44
CA GLN A 188 -22.69 -13.23 -2.01
C GLN A 188 -23.53 -12.21 -1.26
N LEU A 189 -23.49 -10.97 -1.74
CA LEU A 189 -24.25 -9.88 -1.14
C LEU A 189 -25.74 -10.13 -1.29
N TRP A 190 -26.15 -10.53 -2.49
CA TRP A 190 -27.55 -10.81 -2.80
C TRP A 190 -28.06 -12.01 -2.02
N GLU A 191 -27.26 -13.07 -1.99
CA GLU A 191 -27.66 -14.31 -1.33
C GLU A 191 -27.77 -14.15 0.18
N THR A 192 -27.06 -13.17 0.72
CA THR A 192 -27.01 -12.98 2.17
C THR A 192 -27.90 -11.86 2.70
N THR A 193 -27.81 -10.68 2.10
CA THR A 193 -28.44 -9.50 2.69
C THR A 193 -29.31 -8.64 1.76
N MET A 194 -29.42 -9.00 0.48
CA MET A 194 -30.20 -8.19 -0.45
C MET A 194 -31.48 -8.85 -0.94
N ASN A 195 -31.47 -10.17 -1.07
CA ASN A 195 -32.65 -10.89 -1.51
C ASN A 195 -33.76 -10.85 -0.46
N PRO A 196 -34.91 -10.27 -0.82
CA PRO A 196 -36.05 -10.10 0.09
C PRO A 196 -36.49 -11.40 0.77
N GLU A 197 -36.23 -12.53 0.13
CA GLU A 197 -36.61 -13.82 0.68
C GLU A 197 -35.53 -14.40 1.58
N THR A 198 -34.31 -13.89 1.44
CA THR A 198 -33.17 -14.43 2.18
C THR A 198 -32.60 -13.46 3.21
N ARG A 199 -32.80 -12.17 2.98
CA ARG A 199 -32.22 -11.13 3.83
C ARG A 199 -32.79 -11.13 5.24
N THR A 200 -32.01 -10.65 6.20
CA THR A 200 -32.45 -10.52 7.57
C THR A 200 -32.41 -9.06 8.00
N LEU A 201 -33.55 -8.39 7.94
CA LEU A 201 -33.62 -6.95 8.22
C LEU A 201 -34.03 -6.63 9.65
N ILE A 202 -33.71 -5.42 10.09
CA ILE A 202 -34.12 -4.92 11.39
C ILE A 202 -35.02 -3.69 11.18
N ARG A 203 -36.29 -3.83 11.52
CA ARG A 203 -37.27 -2.77 11.28
C ARG A 203 -37.24 -1.73 12.39
N VAL A 204 -37.12 -0.47 12.03
CA VAL A 204 -37.10 0.62 13.00
C VAL A 204 -38.51 1.06 13.36
N THR A 205 -38.86 0.93 14.64
CA THR A 205 -40.18 1.32 15.13
C THR A 205 -40.05 2.28 16.31
N ILE A 206 -41.01 3.20 16.42
CA ILE A 206 -41.03 4.14 17.54
C ILE A 206 -42.03 3.68 18.60
N GLU A 207 -41.53 3.10 19.68
CA GLU A 207 -42.37 2.57 20.73
C GLU A 207 -42.84 3.65 21.69
N ASP A 208 -41.92 4.54 22.06
CA ASP A 208 -42.22 5.66 22.95
C ASP A 208 -41.55 6.93 22.44
N LEU A 209 -42.34 7.83 21.91
CA LEU A 209 -41.83 9.06 21.31
C LEU A 209 -41.13 9.96 22.32
N ALA A 210 -41.53 9.85 23.58
CA ALA A 210 -40.94 10.66 24.64
C ALA A 210 -39.54 10.16 25.01
N ARG A 211 -39.44 8.86 25.27
CA ARG A 211 -38.18 8.24 25.63
C ARG A 211 -37.22 8.21 24.44
N ALA A 212 -37.76 8.22 23.24
CA ALA A 212 -36.95 8.26 22.02
C ALA A 212 -36.39 9.66 21.80
N GLU A 213 -37.22 10.67 22.05
CA GLU A 213 -36.79 12.06 21.94
C GLU A 213 -35.67 12.35 22.94
N ARG A 214 -35.80 11.80 24.14
CA ARG A 214 -34.82 12.00 25.19
C ARG A 214 -33.49 11.35 24.83
N ARG A 215 -33.55 10.11 24.36
CA ARG A 215 -32.34 9.37 24.00
C ARG A 215 -31.56 10.01 22.86
N VAL A 216 -32.26 10.35 21.79
CA VAL A 216 -31.63 10.97 20.62
C VAL A 216 -31.05 12.33 20.96
N ASN A 217 -31.78 13.13 21.73
CA ASN A 217 -31.34 14.46 22.10
C ASN A 217 -30.11 14.46 23.01
N VAL A 218 -29.96 13.39 23.79
CA VAL A 218 -28.81 13.28 24.68
C VAL A 218 -27.57 12.78 23.94
N LEU A 219 -27.74 11.72 23.17
CA LEU A 219 -26.63 11.13 22.42
C LEU A 219 -26.11 12.05 21.32
N MET A 220 -27.00 12.84 20.73
CA MET A 220 -26.66 13.61 19.55
C MET A 220 -26.81 15.12 19.75
N GLY A 221 -26.99 15.53 21.00
CA GLY A 221 -27.18 16.94 21.31
C GLY A 221 -25.89 17.73 21.26
N ASP A 222 -25.99 19.05 21.39
CA ASP A 222 -24.84 19.92 21.39
C ASP A 222 -24.11 19.86 22.72
N LYS A 223 -24.84 19.53 23.78
CA LYS A 223 -24.27 19.44 25.11
C LYS A 223 -23.50 18.14 25.30
N VAL A 224 -22.25 18.26 25.73
CA VAL A 224 -21.37 17.10 25.88
C VAL A 224 -21.60 16.38 27.20
N GLU A 225 -21.81 17.15 28.26
CA GLU A 225 -21.93 16.61 29.62
C GLU A 225 -22.96 15.49 29.81
N PRO A 226 -24.19 15.64 29.27
CA PRO A 226 -25.13 14.52 29.42
C PRO A 226 -24.66 13.28 28.66
N ARG A 227 -23.94 13.48 27.56
CA ARG A 227 -23.42 12.38 26.78
C ARG A 227 -22.30 11.65 27.52
N ARG A 228 -21.41 12.43 28.14
CA ARG A 228 -20.32 11.85 28.92
C ARG A 228 -20.88 11.00 30.06
N LYS A 229 -21.91 11.52 30.72
CA LYS A 229 -22.54 10.82 31.83
C LYS A 229 -23.26 9.54 31.37
N TRP A 230 -23.88 9.61 30.20
CA TRP A 230 -24.60 8.46 29.65
C TRP A 230 -23.62 7.34 29.31
N ILE A 231 -22.46 7.71 28.78
CA ILE A 231 -21.42 6.73 28.45
C ILE A 231 -20.87 6.10 29.72
N GLU A 232 -20.67 6.92 30.75
CA GLU A 232 -20.18 6.44 32.04
C GLU A 232 -21.13 5.41 32.66
N ASP A 233 -22.42 5.74 32.66
CA ASP A 233 -23.42 4.91 33.31
C ASP A 233 -23.75 3.63 32.55
N ASN A 234 -23.81 3.73 31.23
CA ASN A 234 -24.23 2.60 30.41
C ASN A 234 -23.10 1.76 29.81
N VAL A 235 -22.20 2.41 29.08
CA VAL A 235 -21.10 1.71 28.43
C VAL A 235 -20.16 1.03 29.43
N LYS A 236 -20.16 -0.30 29.40
CA LYS A 236 -19.29 -1.08 30.28
C LYS A 236 -18.00 -1.43 29.58
N PHE A 237 -16.90 -0.87 30.06
CA PHE A 237 -15.58 -1.07 29.46
C PHE A 237 -14.97 -2.41 29.87
N THR A 238 -15.72 -3.17 30.69
CA THR A 238 -15.28 -4.48 31.16
C THR A 238 -13.94 -4.44 31.86
N ASN A 249 -37.27 -13.62 9.18
CA ASN A 249 -36.50 -12.92 8.14
C ASN A 249 -36.49 -11.41 8.36
N ILE A 250 -37.34 -10.94 9.27
CA ILE A 250 -37.42 -9.51 9.57
C ILE A 250 -37.91 -9.28 11.00
N GLN A 251 -37.00 -8.82 11.86
CA GLN A 251 -37.34 -8.54 13.25
C GLN A 251 -37.51 -7.04 13.47
N ASN A 252 -38.28 -6.69 14.51
CA ASN A 252 -38.55 -5.29 14.80
C ASN A 252 -37.85 -4.81 16.06
N MET A 253 -37.15 -3.68 15.94
CA MET A 253 -36.45 -3.09 17.07
C MET A 253 -36.93 -1.66 17.30
N SER A 254 -36.82 -1.19 18.54
CA SER A 254 -37.26 0.15 18.90
C SER A 254 -36.25 1.20 18.44
N LEU A 255 -36.59 2.47 18.67
CA LEU A 255 -35.68 3.56 18.34
C LEU A 255 -34.67 3.73 19.47
N GLU A 256 -35.15 3.61 20.70
CA GLU A 256 -34.30 3.73 21.88
C GLU A 256 -33.28 2.60 21.94
N ASP A 257 -33.70 1.40 21.53
CA ASP A 257 -32.81 0.24 21.54
C ASP A 257 -31.79 0.30 20.41
N ILE A 258 -32.23 0.78 19.25
CA ILE A 258 -31.35 0.89 18.09
C ILE A 258 -30.31 1.99 18.27
N MET A 259 -30.70 3.06 18.94
CA MET A 259 -29.79 4.18 19.20
C MET A 259 -28.84 3.85 20.34
N GLY A 260 -29.25 2.95 21.23
CA GLY A 260 -28.43 2.56 22.35
C GLY A 260 -27.36 1.56 21.99
N GLU A 261 -27.73 0.56 21.20
CA GLU A 261 -26.80 -0.50 20.80
C GLU A 261 -25.79 -0.02 19.75
N ARG A 262 -26.13 1.05 19.06
CA ARG A 262 -25.27 1.58 17.99
C ARG A 262 -24.30 2.64 18.51
N PHE A 263 -24.81 3.61 19.26
CA PHE A 263 -23.95 4.65 19.82
C PHE A 263 -23.17 4.10 21.01
N GLY A 264 -23.69 3.02 21.60
CA GLY A 264 -22.99 2.36 22.70
C GLY A 264 -21.82 1.55 22.18
N ARG A 265 -21.99 0.96 21.01
CA ARG A 265 -20.93 0.17 20.38
C ARG A 265 -19.85 1.08 19.81
N TYR A 266 -20.27 2.22 19.27
CA TYR A 266 -19.34 3.16 18.66
C TYR A 266 -18.51 3.88 19.70
N SER A 267 -19.17 4.40 20.74
CA SER A 267 -18.50 5.16 21.79
C SER A 267 -17.37 4.37 22.44
N LYS A 268 -17.63 3.11 22.77
CA LYS A 268 -16.64 2.28 23.45
C LYS A 268 -15.39 2.06 22.61
N TYR A 269 -15.58 1.94 21.30
CA TYR A 269 -14.47 1.64 20.39
C TYR A 269 -13.61 2.87 20.10
N ILE A 270 -14.23 4.04 20.08
CA ILE A 270 -13.50 5.27 19.79
C ILE A 270 -12.66 5.70 20.99
N ILE A 271 -13.21 5.48 22.18
CA ILE A 271 -12.52 5.80 23.42
C ILE A 271 -11.35 4.84 23.66
N GLN A 272 -11.65 3.55 23.58
CA GLN A 272 -10.65 2.52 23.86
C GLN A 272 -9.66 2.32 22.72
N ASP A 273 -10.16 2.22 21.50
CA ASP A 273 -9.33 1.78 20.38
C ASP A 273 -9.21 2.76 19.22
N ARG A 274 -9.13 4.06 19.52
CA ARG A 274 -8.85 5.04 18.46
C ARG A 274 -8.22 6.35 18.94
N ALA A 275 -9.06 7.24 19.45
CA ALA A 275 -8.65 8.63 19.68
C ALA A 275 -7.75 8.85 20.89
N LEU A 276 -7.94 8.04 21.92
CA LEU A 276 -7.26 8.28 23.19
C LEU A 276 -6.04 7.39 23.39
N PRO A 277 -4.95 7.97 23.93
CA PRO A 277 -3.68 7.25 24.15
C PRO A 277 -3.74 6.38 25.40
N ASP A 278 -2.91 5.34 25.42
CA ASP A 278 -2.73 4.53 26.61
C ASP A 278 -1.90 5.35 27.60
N ILE A 279 -2.26 5.30 28.87
CA ILE A 279 -1.61 6.13 29.90
C ILE A 279 -0.14 5.75 30.11
N ARG A 280 0.24 4.56 29.65
CA ARG A 280 1.58 4.05 29.86
C ARG A 280 2.56 4.43 28.74
N ASP A 281 2.33 3.93 27.52
CA ASP A 281 3.24 4.22 26.41
C ASP A 281 2.85 5.46 25.62
N GLY A 282 1.72 6.07 25.98
CA GLY A 282 1.26 7.28 25.34
C GLY A 282 0.98 7.13 23.86
N LEU A 283 0.47 5.97 23.48
CA LEU A 283 0.20 5.69 22.07
C LEU A 283 -1.26 5.31 21.79
N LYS A 284 -1.76 5.79 20.65
CA LYS A 284 -3.04 5.34 20.14
C LYS A 284 -2.79 4.02 19.41
N PRO A 285 -3.84 3.20 19.24
CA PRO A 285 -3.70 1.90 18.58
C PRO A 285 -3.05 1.97 17.20
N VAL A 286 -3.29 3.05 16.47
CA VAL A 286 -2.73 3.20 15.13
C VAL A 286 -1.22 3.42 15.16
N GLN A 287 -0.76 4.19 16.15
CA GLN A 287 0.67 4.49 16.28
C GLN A 287 1.43 3.26 16.76
N ARG A 288 0.85 2.54 17.72
CA ARG A 288 1.46 1.35 18.27
C ARG A 288 1.61 0.29 17.20
N ARG A 289 0.58 0.15 16.37
CA ARG A 289 0.60 -0.80 15.26
C ARG A 289 1.62 -0.40 14.20
N ILE A 290 1.79 0.89 14.00
CA ILE A 290 2.79 1.39 13.05
C ILE A 290 4.20 1.06 13.53
N LEU A 291 4.49 1.40 14.79
CA LEU A 291 5.80 1.15 15.37
C LEU A 291 6.14 -0.34 15.44
N TYR A 292 5.16 -1.14 15.84
CA TYR A 292 5.37 -2.58 16.00
C TYR A 292 5.58 -3.30 14.68
N SER A 293 4.74 -2.98 13.69
CA SER A 293 4.82 -3.62 12.38
C SER A 293 6.14 -3.29 11.71
N MET A 294 6.55 -2.03 11.79
CA MET A 294 7.81 -1.60 11.21
C MET A 294 8.99 -2.27 11.91
N ASN A 295 8.85 -2.47 13.21
CA ASN A 295 9.90 -3.13 13.98
C ASN A 295 9.98 -4.60 13.65
N LYS A 296 8.83 -5.23 13.47
CA LYS A 296 8.76 -6.64 13.12
C LYS A 296 9.34 -6.87 11.73
N ASP A 297 9.17 -5.87 10.86
CA ASP A 297 9.70 -5.94 9.50
C ASP A 297 11.17 -5.54 9.46
N SER A 298 11.76 -5.41 10.64
CA SER A 298 13.18 -5.06 10.79
C SER A 298 13.50 -3.71 10.15
N ASN A 299 12.50 -2.82 10.13
CA ASN A 299 12.69 -1.49 9.56
C ASN A 299 13.09 -0.49 10.64
N THR A 300 14.33 -0.61 11.12
CA THR A 300 14.82 0.22 12.22
C THR A 300 15.80 1.30 11.78
N PHE A 301 16.37 1.99 12.76
CA PHE A 301 17.22 3.17 12.51
C PHE A 301 18.58 2.79 11.95
N ASP A 302 19.03 1.57 12.25
CA ASP A 302 20.36 1.13 11.83
C ASP A 302 20.33 0.40 10.50
N LYS A 303 19.18 0.47 9.82
CA LYS A 303 19.04 -0.19 8.53
C LYS A 303 18.48 0.76 7.48
N SER A 304 18.46 0.29 6.23
CA SER A 304 18.00 1.11 5.11
C SER A 304 16.53 1.47 5.23
N TYR A 305 16.16 2.58 4.63
CA TYR A 305 14.77 3.03 4.59
C TYR A 305 13.96 2.13 3.66
N ARG A 306 12.75 1.76 4.09
CA ARG A 306 11.83 1.06 3.22
C ARG A 306 10.82 2.03 2.63
N LYS A 307 10.32 1.72 1.45
CA LYS A 307 9.27 2.52 0.83
C LYS A 307 8.05 2.53 1.74
N SER A 308 7.47 3.72 1.91
CA SER A 308 6.35 3.91 2.83
C SER A 308 5.17 2.99 2.54
N ALA A 309 4.87 2.79 1.26
CA ALA A 309 3.74 1.97 0.85
C ALA A 309 3.91 0.51 1.24
N LYS A 310 5.16 0.05 1.31
CA LYS A 310 5.45 -1.31 1.73
C LYS A 310 5.12 -1.50 3.20
N SER A 311 5.48 -0.50 4.02
CA SER A 311 5.20 -0.55 5.45
C SER A 311 3.71 -0.38 5.71
N VAL A 312 3.11 0.64 5.09
CA VAL A 312 1.69 0.92 5.24
C VAL A 312 0.83 -0.28 4.84
N GLY A 313 1.23 -0.97 3.79
CA GLY A 313 0.53 -2.16 3.33
C GLY A 313 0.60 -3.29 4.34
N ASN A 314 1.77 -3.47 4.94
CA ASN A 314 1.96 -4.51 5.94
C ASN A 314 1.18 -4.25 7.22
N ILE A 315 1.07 -2.96 7.60
CA ILE A 315 0.32 -2.57 8.77
C ILE A 315 -1.17 -2.86 8.57
N MET A 316 -1.66 -2.59 7.36
CA MET A 316 -3.07 -2.73 7.04
C MET A 316 -3.49 -4.19 6.90
N GLY A 317 -2.59 -5.02 6.41
CA GLY A 317 -2.90 -6.42 6.17
C GLY A 317 -2.71 -7.30 7.39
N ASN A 318 -2.02 -6.78 8.40
CA ASN A 318 -1.69 -7.58 9.58
C ASN A 318 -2.31 -7.11 10.88
N PHE A 319 -2.40 -5.79 11.08
CA PHE A 319 -2.81 -5.26 12.37
C PHE A 319 -3.93 -4.22 12.31
N HIS A 320 -3.78 -3.20 11.48
CA HIS A 320 -4.73 -2.09 11.43
C HIS A 320 -5.65 -2.18 10.21
N PRO A 321 -6.90 -2.64 10.42
CA PRO A 321 -7.85 -2.86 9.32
C PRO A 321 -8.58 -1.59 8.90
N HIS A 322 -7.84 -0.60 8.41
CA HIS A 322 -8.44 0.66 8.00
C HIS A 322 -7.79 1.23 6.73
N GLY A 323 -7.99 2.53 6.49
CA GLY A 323 -7.50 3.15 5.28
C GLY A 323 -6.00 3.34 5.24
N ASP A 324 -5.43 3.31 4.03
CA ASP A 324 -4.00 3.49 3.85
C ASP A 324 -3.60 4.95 4.11
N SER A 325 -4.51 5.86 3.79
CA SER A 325 -4.24 7.28 3.99
C SER A 325 -4.17 7.63 5.47
N SER A 326 -5.11 7.08 6.25
CA SER A 326 -5.16 7.32 7.68
C SER A 326 -3.91 6.82 8.38
N ILE A 327 -3.48 5.62 8.01
CA ILE A 327 -2.27 5.02 8.58
C ILE A 327 -1.03 5.84 8.22
N TYR A 328 -0.93 6.23 6.96
CA TYR A 328 0.21 6.99 6.47
C TYR A 328 0.29 8.37 7.10
N ASP A 329 -0.85 9.04 7.21
CA ASP A 329 -0.91 10.39 7.80
C ASP A 329 -0.45 10.37 9.25
N ALA A 330 -0.71 9.27 9.94
CA ALA A 330 -0.24 9.09 11.31
C ALA A 330 1.25 8.79 11.31
N MET A 331 1.69 8.02 10.31
CA MET A 331 3.09 7.66 10.16
C MET A 331 3.94 8.89 9.85
N VAL A 332 3.37 9.83 9.09
CA VAL A 332 4.06 11.06 8.72
C VAL A 332 4.19 11.99 9.94
N ARG A 333 3.13 12.05 10.74
CA ARG A 333 3.11 12.95 11.89
C ARG A 333 4.22 12.60 12.89
N MET A 334 4.50 11.31 13.01
CA MET A 334 5.56 10.83 13.89
C MET A 334 6.95 11.12 13.33
N SER A 335 6.99 11.64 12.10
CA SER A 335 8.25 11.99 11.47
C SER A 335 8.48 13.50 11.48
N GLN A 336 7.46 14.24 11.90
CA GLN A 336 7.53 15.69 11.92
C GLN A 336 8.05 16.21 13.27
N ASN A 337 9.19 16.88 13.25
CA ASN A 337 9.85 17.33 14.47
C ASN A 337 9.31 18.66 15.01
N TRP A 338 8.22 19.15 14.40
CA TRP A 338 7.55 20.34 14.91
C TRP A 338 6.18 19.95 15.46
N LYS A 339 5.92 18.64 15.49
CA LYS A 339 4.69 18.10 16.06
C LYS A 339 5.04 17.20 17.24
N ASN A 340 6.19 16.52 17.13
CA ASN A 340 6.67 15.65 18.20
C ASN A 340 7.99 16.15 18.77
N ARG A 341 8.08 16.18 20.10
CA ARG A 341 9.29 16.60 20.78
C ARG A 341 10.40 15.57 20.58
N GLU A 342 10.00 14.32 20.39
CA GLU A 342 10.93 13.24 20.14
C GLU A 342 10.37 12.30 19.08
N ILE A 343 10.74 12.55 17.82
CA ILE A 343 10.15 11.82 16.70
C ILE A 343 10.43 10.32 16.76
N LEU A 344 9.47 9.52 16.28
CA LEU A 344 9.58 8.08 16.34
C LEU A 344 9.83 7.47 14.96
N VAL A 345 9.63 8.28 13.93
CA VAL A 345 9.84 7.84 12.56
C VAL A 345 10.77 8.80 11.83
N GLU A 346 11.76 8.25 11.14
CA GLU A 346 12.63 9.06 10.28
C GLU A 346 12.23 8.86 8.82
N MET A 347 11.76 9.93 8.20
CA MET A 347 11.23 9.84 6.84
C MET A 347 12.05 10.67 5.86
N HIS A 348 12.36 10.09 4.71
CA HIS A 348 13.08 10.78 3.64
C HIS A 348 12.14 11.44 2.66
N GLY A 349 12.35 12.72 2.39
CA GLY A 349 11.56 13.44 1.40
C GLY A 349 10.52 14.38 1.97
N ASN A 350 9.62 14.84 1.10
CA ASN A 350 8.57 15.78 1.49
C ASN A 350 7.60 15.17 2.49
N ASN A 351 7.81 15.43 3.77
CA ASN A 351 6.89 14.98 4.81
C ASN A 351 6.16 16.17 5.44
N GLY A 352 6.17 17.29 4.73
CA GLY A 352 5.49 18.48 5.20
C GLY A 352 6.42 19.53 5.78
N SER A 353 5.84 20.63 6.26
CA SER A 353 6.59 21.70 6.88
C SER A 353 5.70 22.46 7.87
N MET A 354 6.24 23.51 8.47
CA MET A 354 5.47 24.32 9.39
C MET A 354 4.47 25.19 8.63
N ASP A 355 4.68 25.31 7.33
CA ASP A 355 3.76 26.05 6.46
C ASP A 355 2.51 25.25 6.18
N GLY A 356 2.54 23.96 6.51
CA GLY A 356 1.36 23.12 6.41
C GLY A 356 1.08 22.57 5.03
N ASP A 357 2.06 22.65 4.14
CA ASP A 357 1.92 22.11 2.79
C ASP A 357 1.94 20.58 2.82
N PRO A 358 1.13 19.95 1.95
CA PRO A 358 0.95 18.48 1.91
C PRO A 358 2.26 17.72 1.78
N PRO A 359 2.42 16.64 2.56
CA PRO A 359 3.59 15.76 2.44
C PRO A 359 3.52 15.00 1.12
N ALA A 360 4.66 14.48 0.65
CA ALA A 360 4.69 13.67 -0.56
C ALA A 360 3.87 12.41 -0.31
N ALA A 361 3.15 11.97 -1.34
CA ALA A 361 2.33 10.77 -1.25
C ALA A 361 3.21 9.57 -0.90
N MET A 362 2.62 8.54 -0.29
CA MET A 362 3.38 7.40 0.21
C MET A 362 4.12 6.62 -0.88
N ARG A 363 3.83 6.95 -2.14
CA ARG A 363 4.52 6.35 -3.27
C ARG A 363 5.93 6.93 -3.43
N TYR A 364 6.16 8.09 -2.82
CA TYR A 364 7.44 8.77 -2.92
C TYR A 364 8.31 8.53 -1.70
N THR A 365 7.81 8.88 -0.52
CA THR A 365 8.58 8.86 0.70
C THR A 365 9.01 7.45 1.13
N GLU A 366 10.09 7.39 1.89
CA GLU A 366 10.54 6.15 2.51
C GLU A 366 10.86 6.42 3.98
N ALA A 367 10.60 5.44 4.84
CA ALA A 367 10.71 5.67 6.27
C ALA A 367 11.35 4.53 7.06
N ARG A 368 11.71 4.83 8.30
CA ARG A 368 12.24 3.85 9.23
C ARG A 368 12.06 4.38 10.65
N LEU A 369 12.09 3.49 11.64
CA LEU A 369 11.96 3.90 13.03
C LEU A 369 13.17 4.71 13.47
N SER A 370 12.95 5.71 14.32
CA SER A 370 14.05 6.47 14.88
C SER A 370 14.73 5.64 15.96
N GLU A 371 15.91 6.07 16.39
CA GLU A 371 16.65 5.31 17.39
C GLU A 371 15.93 5.27 18.74
N ILE A 372 15.31 6.38 19.11
CA ILE A 372 14.59 6.45 20.39
C ILE A 372 13.28 5.70 20.31
N ALA A 373 12.81 5.42 19.10
CA ALA A 373 11.61 4.62 18.91
C ALA A 373 11.92 3.16 19.19
N GLY A 374 13.20 2.82 19.18
CA GLY A 374 13.65 1.48 19.49
C GLY A 374 13.47 1.18 20.96
N TYR A 375 13.65 2.20 21.79
CA TYR A 375 13.49 2.04 23.24
C TYR A 375 12.03 1.86 23.63
N LEU A 376 11.12 2.39 22.82
CA LEU A 376 9.70 2.15 23.04
C LEU A 376 9.36 0.68 22.84
N LEU A 377 10.13 0.01 22.01
CA LEU A 377 9.90 -1.39 21.68
C LEU A 377 10.92 -2.31 22.34
N GLN A 378 11.71 -1.76 23.25
CA GLN A 378 12.78 -2.51 23.91
C GLN A 378 12.25 -3.74 24.66
N ASP A 379 12.90 -4.87 24.45
CA ASP A 379 12.55 -6.12 25.12
C ASP A 379 11.15 -6.63 24.82
N ILE A 380 10.60 -6.28 23.66
CA ILE A 380 9.28 -6.77 23.28
C ILE A 380 9.35 -8.25 22.90
N GLU A 381 10.55 -8.73 22.61
CA GLU A 381 10.76 -10.12 22.22
C GLU A 381 10.94 -11.02 23.44
N LYS A 382 10.63 -10.50 24.62
CA LYS A 382 10.88 -11.22 25.86
C LYS A 382 9.63 -11.37 26.73
N LYS A 383 8.46 -11.40 26.09
CA LYS A 383 7.20 -11.64 26.78
C LYS A 383 6.95 -10.64 27.91
N THR A 384 7.34 -9.39 27.68
CA THR A 384 7.23 -8.37 28.71
C THR A 384 5.91 -7.62 28.62
N VAL A 385 5.09 -7.99 27.65
CA VAL A 385 3.87 -7.24 27.36
C VAL A 385 2.73 -8.16 26.91
N PRO A 386 1.49 -7.80 27.30
CA PRO A 386 0.29 -8.57 26.91
C PRO A 386 0.04 -8.50 25.41
N PHE A 387 -0.16 -9.65 24.78
CA PHE A 387 -0.46 -9.72 23.36
C PHE A 387 -1.87 -10.21 23.12
N ALA A 388 -2.49 -9.71 22.06
CA ALA A 388 -3.85 -10.13 21.70
C ALA A 388 -3.92 -10.39 20.20
N TRP A 389 -4.89 -11.20 19.79
CA TRP A 389 -5.08 -11.52 18.38
C TRP A 389 -5.48 -10.29 17.58
N ASN A 390 -5.04 -10.23 16.33
CA ASN A 390 -5.47 -9.17 15.43
C ASN A 390 -6.89 -9.41 14.92
N PHE A 391 -7.34 -8.56 14.02
CA PHE A 391 -8.66 -8.71 13.42
C PHE A 391 -8.70 -10.02 12.62
N ASP A 392 -7.54 -10.40 12.09
CA ASP A 392 -7.43 -11.56 11.21
C ASP A 392 -7.41 -12.86 12.01
N ASP A 393 -7.12 -12.76 13.30
CA ASP A 393 -6.94 -13.92 14.18
C ASP A 393 -5.88 -14.87 13.62
N THR A 394 -4.86 -14.30 12.98
CA THR A 394 -3.77 -15.07 12.41
C THR A 394 -2.46 -14.75 13.12
N GLU A 395 -2.38 -13.55 13.68
CA GLU A 395 -1.16 -13.09 14.34
C GLU A 395 -1.51 -12.27 15.58
N LYS A 396 -0.66 -12.36 16.61
CA LYS A 396 -0.86 -11.60 17.84
C LYS A 396 -0.19 -10.23 17.75
N GLU A 397 -0.72 -9.26 18.49
CA GLU A 397 -0.16 -7.91 18.51
C GLU A 397 -0.15 -7.38 19.94
N PRO A 398 0.85 -6.53 20.26
CA PRO A 398 0.96 -5.99 21.62
C PRO A 398 -0.13 -4.96 21.91
N THR A 399 -0.67 -4.98 23.12
CA THR A 399 -1.69 -4.03 23.53
C THR A 399 -1.07 -2.76 24.09
N VAL A 400 0.23 -2.85 24.42
CA VAL A 400 0.96 -1.72 24.98
C VAL A 400 2.45 -1.96 24.75
N LEU A 401 3.22 -0.89 24.61
CA LEU A 401 4.67 -1.03 24.42
C LEU A 401 5.41 -0.93 25.76
N PRO A 402 6.54 -1.65 25.88
CA PRO A 402 7.34 -1.65 27.11
C PRO A 402 7.74 -0.24 27.55
N ALA A 403 7.98 0.65 26.59
CA ALA A 403 8.24 2.06 26.86
C ALA A 403 9.39 2.30 27.82
N ALA A 404 10.62 2.17 27.33
CA ALA A 404 11.81 2.41 28.15
C ALA A 404 11.93 3.88 28.55
N PHE A 405 11.16 4.73 27.87
CA PHE A 405 11.04 6.13 28.27
C PHE A 405 9.57 6.54 28.27
N PRO A 406 9.16 7.36 29.25
CA PRO A 406 7.76 7.79 29.42
C PRO A 406 7.27 8.68 28.29
N ASN A 407 6.83 8.06 27.20
CA ASN A 407 6.47 8.77 25.98
C ASN A 407 5.26 9.70 26.10
N LEU A 408 4.28 9.31 26.92
CA LEU A 408 3.03 10.05 27.06
C LEU A 408 3.26 11.53 27.40
N LEU A 409 4.24 11.79 28.25
CA LEU A 409 4.57 13.16 28.63
C LEU A 409 5.55 13.79 27.65
N VAL A 410 6.52 13.00 27.21
CA VAL A 410 7.58 13.50 26.32
C VAL A 410 7.05 13.95 24.96
N ASN A 411 6.16 13.17 24.37
CA ASN A 411 5.59 13.48 23.06
C ASN A 411 4.19 14.09 23.10
N GLY A 412 3.40 13.70 24.11
CA GLY A 412 2.06 14.20 24.26
C GLY A 412 1.06 13.46 23.41
N SER A 413 -0.18 13.96 23.37
CA SER A 413 -1.24 13.30 22.60
C SER A 413 -2.45 14.19 22.35
N THR A 414 -3.12 13.96 21.22
CA THR A 414 -4.31 14.72 20.82
C THR A 414 -5.02 14.09 19.62
N GLY A 415 -6.33 13.83 19.76
CA GLY A 415 -7.03 14.03 21.02
C GLY A 415 -8.49 14.47 20.90
N ILE A 416 -9.28 13.75 20.12
CA ILE A 416 -10.71 14.02 20.03
C ILE A 416 -11.51 12.71 19.97
N SER A 417 -12.12 12.34 21.09
CA SER A 417 -12.92 11.11 21.15
C SER A 417 -14.41 11.41 21.12
N ALA A 418 -15.20 10.54 21.76
CA ALA A 418 -16.64 10.73 21.87
C ALA A 418 -17.05 10.73 23.35
N GLY A 419 -17.41 11.90 23.86
CA GLY A 419 -17.71 12.06 25.26
C GLY A 419 -16.48 12.52 26.02
N TYR A 420 -15.32 12.33 25.40
CA TYR A 420 -14.05 12.73 25.99
C TYR A 420 -13.15 13.36 24.92
N ALA A 421 -12.11 14.06 25.38
CA ALA A 421 -11.13 14.66 24.48
C ALA A 421 -9.78 14.73 25.19
N THR A 422 -8.70 14.92 24.43
CA THR A 422 -7.36 14.87 24.99
C THR A 422 -6.41 15.93 24.43
N ASP A 423 -5.71 16.62 25.32
CA ASP A 423 -4.64 17.52 24.92
C ASP A 423 -3.51 17.53 25.95
N ILE A 424 -2.48 16.73 25.69
CA ILE A 424 -1.31 16.68 26.54
C ILE A 424 -0.11 17.26 25.79
N PRO A 425 0.53 18.29 26.37
CA PRO A 425 1.68 18.92 25.71
C PRO A 425 2.94 18.08 25.82
N PRO A 426 3.90 18.29 24.90
CA PRO A 426 5.17 17.57 24.96
C PRO A 426 6.02 18.06 26.13
N HIS A 427 6.97 17.25 26.56
CA HIS A 427 7.86 17.63 27.66
C HIS A 427 9.30 17.21 27.39
N ASN A 428 10.22 17.82 28.11
CA ASN A 428 11.64 17.48 27.99
C ASN A 428 11.92 16.06 28.48
N LEU A 429 12.73 15.32 27.71
CA LEU A 429 13.02 13.92 28.02
C LEU A 429 13.76 13.79 29.36
N ALA A 430 14.70 14.69 29.61
CA ALA A 430 15.50 14.63 30.83
C ALA A 430 14.67 15.01 32.04
N GLU A 431 13.82 16.02 31.88
CA GLU A 431 13.02 16.55 32.99
C GLU A 431 11.99 15.55 33.51
N VAL A 432 11.28 14.91 32.59
CA VAL A 432 10.27 13.91 32.95
C VAL A 432 10.92 12.73 33.65
N ILE A 433 12.06 12.28 33.10
CA ILE A 433 12.81 11.19 33.70
C ILE A 433 13.27 11.53 35.11
N ASP A 434 13.78 12.74 35.29
CA ASP A 434 14.21 13.21 36.60
C ASP A 434 13.08 13.19 37.61
N ALA A 435 11.88 13.56 37.16
CA ALA A 435 10.69 13.55 38.01
C ALA A 435 10.28 12.11 38.29
N ALA A 436 10.45 11.25 37.29
CA ALA A 436 10.15 9.83 37.43
C ALA A 436 11.05 9.17 38.46
N VAL A 437 12.35 9.43 38.34
CA VAL A 437 13.34 8.86 39.25
C VAL A 437 13.07 9.28 40.69
N TYR A 438 12.66 10.53 40.87
CA TYR A 438 12.35 11.04 42.20
C TYR A 438 11.14 10.33 42.79
N MET A 439 10.10 10.14 41.98
CA MET A 439 8.88 9.50 42.43
C MET A 439 9.10 8.01 42.71
N ILE A 440 10.09 7.42 42.05
CA ILE A 440 10.46 6.04 42.32
C ILE A 440 10.98 5.91 43.75
N ASP A 441 11.78 6.89 44.16
CA ASP A 441 12.30 6.94 45.52
C ASP A 441 11.22 7.37 46.49
N HIS A 442 10.34 8.26 46.04
CA HIS A 442 9.30 8.83 46.89
C HIS A 442 7.93 8.76 46.24
N PRO A 443 7.24 7.62 46.41
CA PRO A 443 5.91 7.36 45.84
C PRO A 443 4.88 8.42 46.21
N THR A 444 4.94 8.93 47.43
CA THR A 444 3.95 9.90 47.89
C THR A 444 4.40 11.34 47.69
N ALA A 445 5.13 11.59 46.60
CA ALA A 445 5.63 12.93 46.31
C ALA A 445 4.50 13.89 45.93
N LYS A 446 4.67 15.17 46.27
CA LYS A 446 3.69 16.19 45.95
C LYS A 446 4.04 16.90 44.65
N ILE A 447 3.06 17.56 44.04
CA ILE A 447 3.23 18.25 42.77
C ILE A 447 4.28 19.35 42.86
N ASP A 448 4.25 20.13 43.93
CA ASP A 448 5.20 21.22 44.14
C ASP A 448 6.65 20.75 44.10
N LYS A 449 6.90 19.55 44.61
CA LYS A 449 8.25 19.00 44.61
C LYS A 449 8.61 18.45 43.24
N LEU A 450 7.64 17.83 42.59
CA LEU A 450 7.83 17.24 41.27
C LEU A 450 8.14 18.30 40.22
N MET A 451 7.64 19.50 40.44
CA MET A 451 7.84 20.60 39.49
C MET A 451 9.22 21.25 39.64
N GLU A 452 9.99 20.79 40.61
CA GLU A 452 11.38 21.20 40.71
C GLU A 452 12.19 20.50 39.63
N PHE A 453 11.65 19.37 39.16
CA PHE A 453 12.28 18.60 38.10
C PHE A 453 11.52 18.76 36.79
N LEU A 454 10.20 18.82 36.89
CA LEU A 454 9.34 19.01 35.72
C LEU A 454 8.58 20.33 35.83
N PRO A 455 9.25 21.44 35.50
CA PRO A 455 8.67 22.77 35.69
C PRO A 455 7.47 23.04 34.80
N GLY A 456 7.49 22.51 33.58
CA GLY A 456 6.38 22.71 32.65
C GLY A 456 6.62 22.04 31.31
N PRO A 457 5.65 22.22 30.38
CA PRO A 457 5.75 21.64 29.03
C PRO A 457 6.97 22.16 28.28
N ASP A 458 7.41 21.41 27.28
CA ASP A 458 8.54 21.80 26.45
C ASP A 458 8.23 21.55 24.98
N PHE A 459 7.57 22.53 24.36
CA PHE A 459 7.19 22.43 22.96
C PHE A 459 8.41 22.33 22.06
N PRO A 460 8.34 21.47 21.03
CA PRO A 460 9.44 21.31 20.07
C PRO A 460 9.57 22.56 19.19
N THR A 461 8.53 23.38 19.15
CA THR A 461 8.53 24.59 18.35
C THR A 461 9.07 25.78 19.16
N GLY A 462 9.44 25.52 20.40
CA GLY A 462 10.01 26.54 21.28
C GLY A 462 8.97 27.45 21.91
N ALA A 463 9.10 28.75 21.62
CA ALA A 463 8.18 29.79 22.11
C ALA A 463 8.26 29.99 23.63
N ILE A 464 7.32 30.76 24.16
CA ILE A 464 7.31 31.15 25.57
C ILE A 464 6.03 30.73 26.28
N ILE A 465 6.18 30.00 27.39
CA ILE A 465 5.03 29.56 28.17
C ILE A 465 4.83 30.40 29.42
N GLN A 466 3.62 30.93 29.60
CA GLN A 466 3.32 31.81 30.73
C GLN A 466 2.16 31.28 31.56
N GLY A 467 2.39 31.15 32.87
CA GLY A 467 1.33 30.73 33.78
C GLY A 467 1.74 29.59 34.69
N ARG A 468 2.65 29.88 35.62
CA ARG A 468 3.14 28.87 36.56
C ARG A 468 2.01 28.32 37.43
N ASP A 469 1.04 29.18 37.74
CA ASP A 469 -0.10 28.79 38.57
C ASP A 469 -1.02 27.83 37.82
N GLU A 470 -1.21 28.09 36.52
CA GLU A 470 -2.08 27.26 35.70
C GLU A 470 -1.42 25.94 35.34
N ILE A 471 -0.09 25.92 35.25
CA ILE A 471 0.65 24.69 35.02
C ILE A 471 0.45 23.75 36.20
N LYS A 472 0.53 24.31 37.41
CA LYS A 472 0.35 23.52 38.63
C LYS A 472 -1.06 22.95 38.69
N LYS A 473 -2.04 23.78 38.33
CA LYS A 473 -3.44 23.38 38.33
C LYS A 473 -3.64 22.22 37.35
N ALA A 474 -2.90 22.25 36.25
CA ALA A 474 -3.00 21.22 35.24
C ALA A 474 -2.37 19.92 35.70
N TYR A 475 -1.20 20.02 36.32
CA TYR A 475 -0.48 18.84 36.81
C TYR A 475 -1.22 18.17 37.97
N GLU A 476 -2.16 18.89 38.57
CA GLU A 476 -2.95 18.36 39.67
C GLU A 476 -4.25 17.73 39.19
N THR A 477 -5.11 18.56 38.60
CA THR A 477 -6.45 18.12 38.22
C THR A 477 -6.49 17.47 36.84
N GLY A 478 -5.67 17.96 35.92
CA GLY A 478 -5.66 17.45 34.57
C GLY A 478 -5.94 18.55 33.56
N LYS A 479 -6.82 19.47 33.94
CA LYS A 479 -7.15 20.61 33.09
C LYS A 479 -6.43 21.86 33.56
N GLY A 480 -6.15 22.76 32.62
CA GLY A 480 -5.46 24.00 32.92
C GLY A 480 -5.18 24.80 31.67
N ARG A 481 -5.36 26.12 31.74
CA ARG A 481 -5.14 26.96 30.57
C ARG A 481 -3.90 27.81 30.69
N VAL A 482 -2.88 27.47 29.91
CA VAL A 482 -1.62 28.22 29.91
C VAL A 482 -1.51 29.09 28.66
N VAL A 483 -0.66 30.11 28.73
CA VAL A 483 -0.48 31.03 27.61
C VAL A 483 0.85 30.79 26.89
N VAL A 484 0.79 30.59 25.58
CA VAL A 484 1.98 30.37 24.76
C VAL A 484 2.27 31.59 23.89
N ARG A 485 3.49 32.11 23.98
CA ARG A 485 3.85 33.34 23.28
C ARG A 485 5.08 33.17 22.40
N SER A 486 5.05 33.80 21.22
CA SER A 486 6.16 33.75 20.28
C SER A 486 7.40 34.46 20.80
N LYS A 487 8.58 33.92 20.46
CA LYS A 487 9.84 34.55 20.81
C LYS A 487 10.12 35.71 19.85
N THR A 488 10.08 36.93 20.37
CA THR A 488 10.24 38.11 19.53
C THR A 488 11.55 38.86 19.79
N GLU A 489 11.90 39.74 18.85
CA GLU A 489 13.11 40.55 18.96
C GLU A 489 13.00 41.79 18.08
N ILE A 490 13.21 42.96 18.68
CA ILE A 490 13.07 44.22 17.95
C ILE A 490 14.39 44.67 17.32
N GLU A 491 14.37 44.81 16.00
CA GLU A 491 15.54 45.29 15.26
C GLU A 491 15.28 46.67 14.68
N LYS A 492 16.17 47.61 14.99
CA LYS A 492 16.04 48.97 14.48
C LYS A 492 16.60 49.08 13.07
N LEU A 493 15.78 49.56 12.14
CA LEU A 493 16.22 49.76 10.77
C LEU A 493 16.66 51.20 10.55
N LYS A 494 17.24 51.47 9.39
CA LYS A 494 17.69 52.82 9.05
C LYS A 494 16.50 53.70 8.68
N GLY A 495 16.51 54.93 9.20
CA GLY A 495 15.44 55.87 8.90
C GLY A 495 14.50 56.09 10.07
N GLY A 496 14.92 55.68 11.25
CA GLY A 496 14.12 55.84 12.45
C GLY A 496 12.92 54.91 12.50
N LYS A 497 13.00 53.81 11.77
CA LYS A 497 11.93 52.82 11.76
C LYS A 497 12.40 51.51 12.38
N GLU A 498 11.52 50.86 13.13
CA GLU A 498 11.86 49.61 13.79
C GLU A 498 11.28 48.41 13.06
N GLN A 499 11.52 47.21 13.58
CA GLN A 499 11.08 45.98 12.95
C GLN A 499 10.96 44.83 13.94
N ILE A 500 9.79 44.21 13.98
CA ILE A 500 9.56 43.05 14.84
C ILE A 500 10.03 41.77 14.14
N VAL A 501 10.85 40.99 14.82
CA VAL A 501 11.37 39.76 14.24
C VAL A 501 11.01 38.54 15.09
N ILE A 502 10.10 37.73 14.58
CA ILE A 502 9.67 36.51 15.26
C ILE A 502 10.60 35.35 14.92
N THR A 503 11.09 34.67 15.96
CA THR A 503 12.03 33.57 15.77
C THR A 503 11.44 32.21 16.13
N GLU A 504 10.44 32.23 17.01
CA GLU A 504 9.75 31.01 17.41
C GLU A 504 8.24 31.26 17.49
N ILE A 505 7.44 30.27 17.13
CA ILE A 505 5.98 30.41 17.13
C ILE A 505 5.33 29.32 17.99
N PRO A 506 4.09 29.58 18.47
CA PRO A 506 3.39 28.63 19.35
C PRO A 506 3.20 27.24 18.76
N TYR A 507 3.10 26.25 19.63
CA TYR A 507 2.90 24.85 19.25
C TYR A 507 1.59 24.66 18.48
N GLU A 508 1.61 23.75 17.51
CA GLU A 508 0.43 23.44 16.69
C GLU A 508 -0.11 24.61 15.88
N ILE A 509 0.73 25.62 15.64
CA ILE A 509 0.30 26.77 14.84
C ILE A 509 0.95 26.77 13.46
N ASN A 510 0.14 27.01 12.44
CA ASN A 510 0.61 27.05 11.06
C ASN A 510 1.37 28.33 10.75
N LYS A 511 2.62 28.19 10.31
CA LYS A 511 3.47 29.34 10.02
C LYS A 511 2.93 30.14 8.84
N ALA A 512 2.43 29.43 7.82
CA ALA A 512 1.93 30.08 6.62
C ALA A 512 0.62 30.83 6.88
N ASN A 513 -0.24 30.23 7.70
CA ASN A 513 -1.50 30.87 8.06
C ASN A 513 -1.29 32.07 8.97
N LEU A 514 -0.23 32.01 9.78
CA LEU A 514 0.09 33.10 10.69
C LEU A 514 0.50 34.35 9.91
N VAL A 515 1.38 34.17 8.93
CA VAL A 515 1.86 35.28 8.10
C VAL A 515 0.72 35.94 7.35
N LYS A 516 -0.20 35.12 6.84
CA LYS A 516 -1.36 35.62 6.12
C LYS A 516 -2.26 36.44 7.03
N LYS A 517 -2.40 35.98 8.27
CA LYS A 517 -3.25 36.66 9.24
C LYS A 517 -2.65 37.99 9.67
N ILE A 518 -1.33 38.01 9.82
CA ILE A 518 -0.62 39.25 10.17
C ILE A 518 -0.67 40.24 9.01
N ASP A 519 -0.58 39.71 7.79
CA ASP A 519 -0.65 40.54 6.59
C ASP A 519 -2.04 41.16 6.45
N ASP A 520 -3.07 40.40 6.81
CA ASP A 520 -4.44 40.89 6.74
C ASP A 520 -4.65 42.07 7.69
N VAL A 521 -3.89 42.10 8.78
CA VAL A 521 -3.90 43.22 9.70
C VAL A 521 -3.34 44.45 9.02
N ARG A 522 -2.27 44.27 8.24
CA ARG A 522 -1.62 45.36 7.53
C ARG A 522 -2.51 45.86 6.38
N VAL A 523 -3.10 44.93 5.65
CA VAL A 523 -3.95 45.28 4.52
C VAL A 523 -5.21 46.03 4.96
N ASN A 524 -5.86 45.50 6.00
CA ASN A 524 -7.09 46.12 6.51
C ASN A 524 -6.82 47.35 7.36
N ASN A 525 -5.57 47.49 7.81
CA ASN A 525 -5.19 48.57 8.72
C ASN A 525 -6.05 48.60 9.98
N LYS A 526 -6.32 47.41 10.52
CA LYS A 526 -7.04 47.29 11.79
C LYS A 526 -6.26 48.03 12.85
N VAL A 527 -4.95 47.82 12.85
CA VAL A 527 -4.03 48.57 13.70
C VAL A 527 -3.11 49.37 12.78
N ALA A 528 -2.64 50.51 13.26
CA ALA A 528 -1.84 51.40 12.43
C ALA A 528 -0.34 51.31 12.72
N GLY A 529 0.45 51.08 11.67
CA GLY A 529 1.89 51.11 11.81
C GLY A 529 2.69 50.05 11.07
N ILE A 530 2.01 49.09 10.45
CA ILE A 530 2.71 48.01 9.75
C ILE A 530 3.04 48.37 8.30
N ALA A 531 4.31 48.25 7.95
CA ALA A 531 4.77 48.58 6.60
C ALA A 531 4.82 47.36 5.69
N GLU A 532 5.35 46.26 6.19
CA GLU A 532 5.49 45.04 5.40
C GLU A 532 5.65 43.80 6.27
N VAL A 533 4.93 42.74 5.91
CA VAL A 533 5.08 41.44 6.56
C VAL A 533 5.90 40.54 5.66
N ARG A 534 6.91 39.89 6.23
CA ARG A 534 7.88 39.15 5.43
C ARG A 534 8.32 37.83 6.08
N ASP A 535 7.89 36.72 5.48
CA ASP A 535 8.37 35.42 5.92
C ASP A 535 9.75 35.18 5.32
N GLU A 536 10.76 35.13 6.17
CA GLU A 536 12.14 34.97 5.71
C GLU A 536 12.74 33.67 6.24
N SER A 537 11.89 32.67 6.44
CA SER A 537 12.33 31.39 6.97
C SER A 537 13.02 30.56 5.89
N ASP A 538 14.31 30.30 6.07
CA ASP A 538 15.04 29.41 5.19
C ASP A 538 15.06 27.99 5.74
N ARG A 539 15.81 27.10 5.10
CA ARG A 539 15.87 25.72 5.52
C ARG A 539 16.66 25.53 6.82
N ASP A 540 17.32 26.61 7.26
CA ASP A 540 18.12 26.55 8.47
C ASP A 540 17.77 27.68 9.43
N GLY A 541 16.48 27.85 9.73
CA GLY A 541 16.04 28.86 10.67
C GLY A 541 14.68 29.43 10.36
N LEU A 542 13.98 29.87 11.40
CA LEU A 542 12.67 30.49 11.25
C LEU A 542 12.82 32.01 11.47
N ARG A 543 12.21 32.79 10.59
CA ARG A 543 12.31 34.24 10.69
C ARG A 543 11.15 34.96 10.01
N ILE A 544 10.25 35.52 10.81
CA ILE A 544 9.18 36.35 10.30
C ILE A 544 9.45 37.81 10.65
N ALA A 545 9.63 38.64 9.63
CA ALA A 545 9.99 40.04 9.84
C ALA A 545 8.84 40.99 9.59
N ILE A 546 8.35 41.61 10.66
CA ILE A 546 7.30 42.61 10.57
C ILE A 546 7.91 44.01 10.57
N GLU A 547 8.20 44.53 9.40
CA GLU A 547 8.77 45.87 9.27
C GLU A 547 7.71 46.93 9.54
N LEU A 548 8.03 47.88 10.42
CA LEU A 548 7.07 48.90 10.81
C LEU A 548 7.41 50.26 10.22
N LYS A 549 6.40 51.11 10.10
CA LYS A 549 6.56 52.44 9.52
C LYS A 549 7.30 53.37 10.46
N LYS A 550 7.68 54.53 9.95
CA LYS A 550 8.33 55.55 10.76
C LYS A 550 7.31 56.20 11.71
N ASP A 551 7.72 56.41 12.95
CA ASP A 551 6.85 56.96 13.99
C ASP A 551 5.57 56.12 14.16
N ALA A 552 5.74 54.89 14.62
CA ALA A 552 4.61 54.01 14.88
C ALA A 552 4.85 53.20 16.15
N ASN A 553 3.91 53.30 17.09
CA ASN A 553 4.03 52.62 18.38
C ASN A 553 4.14 51.11 18.23
N THR A 554 5.37 50.60 18.28
CA THR A 554 5.63 49.18 18.08
C THR A 554 5.08 48.34 19.22
N GLU A 555 4.81 48.97 20.35
CA GLU A 555 4.21 48.28 21.48
C GLU A 555 2.73 48.04 21.21
N LEU A 556 2.07 49.05 20.65
CA LEU A 556 0.65 48.98 20.33
C LEU A 556 0.40 47.89 19.29
N VAL A 557 1.31 47.75 18.34
CA VAL A 557 1.18 46.77 17.27
C VAL A 557 1.42 45.34 17.75
N LEU A 558 2.54 45.15 18.45
CA LEU A 558 2.91 43.83 18.95
C LEU A 558 1.86 43.28 19.91
N ASN A 559 1.26 44.16 20.70
CA ASN A 559 0.20 43.77 21.61
C ASN A 559 -1.06 43.35 20.87
N TYR A 560 -1.36 44.04 19.77
CA TYR A 560 -2.53 43.73 18.97
C TYR A 560 -2.40 42.37 18.30
N LEU A 561 -1.22 42.10 17.74
CA LEU A 561 -0.97 40.85 17.06
C LEU A 561 -0.98 39.66 18.02
N PHE A 562 -0.63 39.91 19.27
CA PHE A 562 -0.64 38.87 20.29
C PHE A 562 -2.07 38.47 20.62
N LYS A 563 -2.98 39.44 20.58
CA LYS A 563 -4.36 39.20 20.97
C LYS A 563 -5.25 38.74 19.82
N TYR A 564 -5.09 39.35 18.65
CA TYR A 564 -6.00 39.09 17.54
C TYR A 564 -5.48 38.11 16.47
N THR A 565 -4.21 37.74 16.55
CA THR A 565 -3.67 36.71 15.68
C THR A 565 -3.30 35.50 16.53
N ASP A 566 -2.49 34.61 15.97
CA ASP A 566 -2.01 33.46 16.74
C ASP A 566 -0.53 33.60 17.09
N LEU A 567 -0.06 34.85 17.15
CA LEU A 567 1.27 35.13 17.67
C LEU A 567 1.34 34.64 19.10
N GLN A 568 0.24 34.82 19.83
CA GLN A 568 0.08 34.29 21.16
C GLN A 568 -1.24 33.57 21.26
N ILE A 569 -1.23 32.37 21.84
CA ILE A 569 -2.43 31.56 21.97
C ILE A 569 -2.60 31.05 23.39
N ASN A 570 -3.79 30.52 23.67
CA ASN A 570 -4.04 29.83 24.92
C ASN A 570 -3.93 28.32 24.69
N TYR A 571 -3.07 27.66 25.45
CA TYR A 571 -3.00 26.20 25.39
C TYR A 571 -3.75 25.57 26.54
N ASN A 572 -4.80 24.83 26.21
CA ASN A 572 -5.62 24.18 27.21
C ASN A 572 -5.21 22.74 27.48
N PHE A 573 -4.77 22.48 28.71
CA PHE A 573 -4.51 21.12 29.15
C PHE A 573 -5.84 20.37 29.21
N ASN A 574 -5.83 19.11 28.81
CA ASN A 574 -6.99 18.24 28.94
C ASN A 574 -6.50 16.81 29.01
N MET A 575 -5.54 16.59 29.90
CA MET A 575 -4.81 15.33 29.98
C MET A 575 -5.69 14.14 30.31
N VAL A 576 -6.21 13.51 29.27
CA VAL A 576 -7.01 12.30 29.41
C VAL A 576 -6.33 11.14 28.69
N ALA A 577 -6.25 10.00 29.35
CA ALA A 577 -5.64 8.81 28.76
C ALA A 577 -6.46 7.57 29.13
N ILE A 578 -6.01 6.41 28.66
CA ILE A 578 -6.69 5.16 28.96
C ILE A 578 -5.99 4.38 30.06
N ASP A 579 -6.57 4.41 31.25
CA ASP A 579 -6.06 3.66 32.38
C ASP A 579 -7.07 2.58 32.77
N ASN A 580 -6.63 1.32 32.75
CA ASN A 580 -7.51 0.18 33.01
C ASN A 580 -8.71 0.14 32.07
N PHE A 581 -8.44 0.19 30.77
CA PHE A 581 -9.46 0.10 29.71
C PHE A 581 -10.48 1.23 29.71
N THR A 582 -10.49 2.04 30.77
CA THR A 582 -11.43 3.16 30.89
C THR A 582 -10.72 4.48 30.67
N PRO A 583 -11.45 5.48 30.14
CA PRO A 583 -10.89 6.83 30.00
C PRO A 583 -10.72 7.50 31.36
N ARG A 584 -9.60 8.19 31.55
CA ARG A 584 -9.32 8.83 32.83
C ARG A 584 -8.64 10.18 32.66
N GLN A 585 -9.26 11.23 33.20
CA GLN A 585 -8.60 12.52 33.27
C GLN A 585 -7.57 12.46 34.38
N VAL A 586 -6.32 12.75 34.05
CA VAL A 586 -5.21 12.52 34.97
C VAL A 586 -4.29 13.72 35.10
N GLY A 587 -3.67 13.85 36.28
CA GLY A 587 -2.66 14.87 36.51
C GLY A 587 -1.28 14.29 36.25
N ILE A 588 -0.25 14.95 36.77
CA ILE A 588 1.13 14.50 36.55
C ILE A 588 1.48 13.30 37.42
N VAL A 589 0.74 13.12 38.51
CA VAL A 589 1.00 12.04 39.45
C VAL A 589 0.48 10.66 39.03
N PRO A 590 -0.81 10.56 38.64
CA PRO A 590 -1.26 9.24 38.21
C PRO A 590 -0.62 8.80 36.89
N ILE A 591 -0.15 9.75 36.10
CA ILE A 591 0.58 9.45 34.88
C ILE A 591 1.93 8.80 35.21
N LEU A 592 2.69 9.44 36.08
CA LEU A 592 4.00 8.93 36.46
C LEU A 592 3.91 7.63 37.24
N SER A 593 2.86 7.48 38.04
CA SER A 593 2.66 6.26 38.81
C SER A 593 2.30 5.09 37.89
N SER A 594 1.51 5.37 36.86
CA SER A 594 1.11 4.35 35.90
C SER A 594 2.29 3.90 35.07
N TYR A 595 3.20 4.83 34.76
CA TYR A 595 4.40 4.51 34.02
C TYR A 595 5.34 3.65 34.84
N ILE A 596 5.49 4.00 36.12
CA ILE A 596 6.35 3.25 37.03
C ILE A 596 5.82 1.85 37.26
N ALA A 597 4.51 1.74 37.47
CA ALA A 597 3.86 0.44 37.66
C ALA A 597 4.04 -0.42 36.41
N HIS A 598 3.99 0.22 35.24
CA HIS A 598 4.17 -0.48 33.98
C HIS A 598 5.59 -1.00 33.82
N ARG A 599 6.56 -0.11 33.98
CA ARG A 599 7.97 -0.48 33.87
C ARG A 599 8.34 -1.56 34.87
N ARG A 600 7.66 -1.57 36.01
CA ARG A 600 7.85 -2.62 37.00
C ARG A 600 7.45 -3.96 36.41
N GLU A 601 6.26 -4.02 35.82
CA GLU A 601 5.77 -5.24 35.18
C GLU A 601 6.69 -5.69 34.06
N VAL A 602 7.14 -4.72 33.25
CA VAL A 602 8.04 -5.02 32.13
C VAL A 602 9.35 -5.62 32.62
N ILE A 603 10.00 -4.95 33.57
CA ILE A 603 11.26 -5.42 34.15
C ILE A 603 11.11 -6.79 34.80
N LEU A 604 10.02 -6.96 35.55
CA LEU A 604 9.74 -8.25 36.18
C LEU A 604 9.55 -9.34 35.13
N ALA A 605 8.72 -9.06 34.13
CA ALA A 605 8.45 -10.04 33.07
C ALA A 605 9.70 -10.34 32.26
N ARG A 606 10.49 -9.31 31.97
CA ARG A 606 11.74 -9.49 31.23
C ARG A 606 12.71 -10.36 32.01
N SER A 607 12.72 -10.18 33.33
CA SER A 607 13.63 -10.92 34.19
C SER A 607 13.25 -12.39 34.27
N ARG A 608 11.95 -12.66 34.33
CA ARG A 608 11.46 -14.04 34.33
C ARG A 608 11.84 -14.73 33.03
N PHE A 609 11.76 -13.99 31.93
CA PHE A 609 12.06 -14.52 30.60
C PHE A 609 13.52 -14.93 30.47
N ASP A 610 14.42 -14.01 30.82
CA ASP A 610 15.85 -14.28 30.75
C ASP A 610 16.25 -15.36 31.74
N LYS A 611 15.58 -15.40 32.89
CA LYS A 611 15.85 -16.42 33.89
C LYS A 611 15.35 -17.77 33.40
N GLU A 612 14.27 -17.75 32.62
CA GLU A 612 13.71 -18.97 32.05
C GLU A 612 14.68 -19.58 31.05
N LYS A 613 15.27 -18.73 30.21
CA LYS A 613 16.25 -19.17 29.23
C LYS A 613 17.49 -19.73 29.91
N ALA A 614 18.01 -18.98 30.88
CA ALA A 614 19.23 -19.36 31.60
C ALA A 614 19.05 -20.69 32.32
N GLU A 615 17.88 -20.89 32.93
CA GLU A 615 17.59 -22.14 33.64
C GLU A 615 17.60 -23.34 32.70
N LYS A 616 16.95 -23.19 31.55
CA LYS A 616 16.83 -24.27 30.58
C LYS A 616 18.19 -24.73 30.04
N ARG A 617 19.07 -23.78 29.76
CA ARG A 617 20.42 -24.12 29.30
C ARG A 617 21.23 -24.73 30.43
N LEU A 618 21.17 -24.10 31.59
CA LEU A 618 21.86 -24.59 32.79
C LEU A 618 21.48 -26.05 33.06
N HIS A 619 20.21 -26.36 32.84
CA HIS A 619 19.72 -27.72 33.02
C HIS A 619 20.31 -28.65 31.98
N ILE A 620 20.49 -28.13 30.77
CA ILE A 620 21.04 -28.90 29.66
C ILE A 620 22.54 -29.12 29.87
N VAL A 621 23.24 -28.05 30.26
CA VAL A 621 24.68 -28.12 30.51
C VAL A 621 25.01 -29.11 31.62
N GLU A 622 24.17 -29.13 32.66
CA GLU A 622 24.31 -30.11 33.75
C GLU A 622 24.28 -31.53 33.20
N GLY A 623 23.36 -31.78 32.27
CA GLY A 623 23.24 -33.09 31.66
C GLY A 623 24.43 -33.44 30.78
N LEU A 624 24.86 -32.50 29.96
CA LEU A 624 25.99 -32.72 29.07
C LEU A 624 27.27 -33.05 29.83
N ILE A 625 27.50 -32.33 30.93
CA ILE A 625 28.65 -32.58 31.79
C ILE A 625 28.63 -34.01 32.35
N ARG A 626 27.45 -34.46 32.75
CA ARG A 626 27.30 -35.80 33.30
C ARG A 626 27.43 -36.86 32.21
N VAL A 627 27.04 -36.49 30.99
CA VAL A 627 27.14 -37.40 29.85
C VAL A 627 28.60 -37.78 29.58
N ILE A 628 29.47 -36.78 29.60
CA ILE A 628 30.90 -37.00 29.36
C ILE A 628 31.48 -37.99 30.36
N SER A 629 30.97 -37.97 31.59
CA SER A 629 31.41 -38.88 32.64
C SER A 629 31.03 -40.33 32.31
N ILE A 630 29.99 -40.50 31.51
CA ILE A 630 29.51 -41.83 31.13
C ILE A 630 29.28 -41.93 29.63
N LEU A 631 30.16 -41.31 28.85
CA LEU A 631 30.00 -41.21 27.40
C LEU A 631 29.85 -42.56 26.72
N ASP A 632 30.73 -43.51 27.07
CA ASP A 632 30.73 -44.82 26.45
C ASP A 632 29.41 -45.58 26.66
N GLU A 633 28.90 -45.56 27.88
CA GLU A 633 27.65 -46.26 28.20
C GLU A 633 26.43 -45.56 27.61
N VAL A 634 26.54 -44.26 27.35
CA VAL A 634 25.46 -43.50 26.74
C VAL A 634 25.35 -43.83 25.25
N ILE A 635 26.49 -43.80 24.56
CA ILE A 635 26.53 -44.17 23.15
C ILE A 635 26.07 -45.62 22.96
N ALA A 636 26.48 -46.48 23.89
CA ALA A 636 26.08 -47.88 23.85
C ALA A 636 24.58 -48.02 24.07
N LEU A 637 24.00 -47.10 24.83
CA LEU A 637 22.56 -47.13 25.12
C LEU A 637 21.74 -46.71 23.91
N ILE A 638 22.20 -45.67 23.22
CA ILE A 638 21.54 -45.19 22.01
C ILE A 638 21.70 -46.24 20.91
N ARG A 639 22.86 -46.90 20.90
CA ARG A 639 23.13 -47.97 19.95
C ARG A 639 22.14 -49.11 20.15
N ALA A 640 21.75 -49.35 21.40
CA ALA A 640 20.84 -50.43 21.72
C ALA A 640 19.38 -49.99 21.63
N SER A 641 19.17 -48.70 21.40
CA SER A 641 17.82 -48.16 21.31
C SER A 641 17.17 -48.47 19.97
N GLU A 642 15.84 -48.54 19.97
CA GLU A 642 15.08 -48.88 18.77
C GLU A 642 14.86 -47.67 17.87
N ASN A 643 14.61 -46.52 18.49
CA ASN A 643 14.38 -45.28 17.76
C ASN A 643 14.76 -44.07 18.60
N LYS A 644 14.37 -42.89 18.16
CA LYS A 644 14.67 -41.66 18.88
C LYS A 644 13.93 -41.60 20.21
N ALA A 645 12.63 -41.92 20.16
CA ALA A 645 11.81 -41.87 21.36
C ALA A 645 12.23 -42.91 22.40
N ASP A 646 12.56 -44.10 21.92
CA ASP A 646 13.00 -45.18 22.81
C ASP A 646 14.36 -44.86 23.41
N ALA A 647 15.16 -44.08 22.69
CA ALA A 647 16.48 -43.68 23.16
C ALA A 647 16.37 -42.72 24.34
N LYS A 648 15.46 -41.76 24.23
CA LYS A 648 15.24 -40.77 25.29
C LYS A 648 14.63 -41.43 26.52
N GLU A 649 13.67 -42.33 26.28
CA GLU A 649 13.01 -43.04 27.37
C GLU A 649 14.01 -43.91 28.12
N ASN A 650 15.01 -44.41 27.40
CA ASN A 650 16.06 -45.20 28.01
C ASN A 650 17.02 -44.34 28.83
N LEU A 651 17.32 -43.15 28.34
CA LEU A 651 18.20 -42.22 29.03
C LEU A 651 17.59 -41.79 30.37
N LYS A 652 16.26 -41.64 30.38
CA LYS A 652 15.54 -41.26 31.58
C LYS A 652 15.60 -42.36 32.63
N VAL A 653 15.17 -43.55 32.24
CA VAL A 653 15.05 -44.67 33.17
C VAL A 653 16.40 -45.15 33.69
N SER A 654 17.37 -45.28 32.80
CA SER A 654 18.65 -45.89 33.16
C SER A 654 19.68 -44.92 33.73
N TYR A 655 19.51 -43.62 33.47
CA TYR A 655 20.49 -42.64 33.91
C TYR A 655 19.91 -41.33 34.43
N ASP A 656 18.62 -41.33 34.75
CA ASP A 656 17.98 -40.22 35.44
C ASP A 656 18.02 -38.86 34.73
N PHE A 657 18.24 -38.87 33.42
CA PHE A 657 18.17 -37.64 32.65
C PHE A 657 16.70 -37.24 32.49
N THR A 658 16.45 -35.94 32.45
CA THR A 658 15.08 -35.45 32.26
C THR A 658 14.75 -35.40 30.77
N GLU A 659 13.49 -35.12 30.46
CA GLU A 659 13.03 -35.05 29.07
C GLU A 659 13.81 -34.02 28.25
N GLU A 660 13.99 -32.83 28.82
CA GLU A 660 14.68 -31.75 28.14
C GLU A 660 16.14 -32.12 27.88
N GLN A 661 16.75 -32.77 28.85
CA GLN A 661 18.14 -33.21 28.72
C GLN A 661 18.24 -34.35 27.73
N ALA A 662 17.31 -35.30 27.80
CA ALA A 662 17.31 -36.46 26.92
C ALA A 662 17.18 -36.06 25.46
N GLU A 663 16.47 -34.96 25.21
CA GLU A 663 16.30 -34.45 23.86
C GLU A 663 17.60 -33.87 23.34
N ALA A 664 18.25 -33.05 24.16
CA ALA A 664 19.50 -32.40 23.78
C ALA A 664 20.61 -33.42 23.52
N ILE A 665 20.69 -34.43 24.38
CA ILE A 665 21.69 -35.49 24.24
C ILE A 665 21.48 -36.27 22.95
N VAL A 666 20.23 -36.67 22.71
CA VAL A 666 19.90 -37.51 21.57
C VAL A 666 20.05 -36.79 20.23
N THR A 667 19.97 -35.46 20.24
CA THR A 667 20.07 -34.67 19.02
C THR A 667 21.43 -34.02 18.83
N LEU A 668 22.43 -34.49 19.58
CA LEU A 668 23.80 -34.01 19.40
C LEU A 668 24.37 -34.52 18.10
N GLN A 669 25.00 -33.63 17.32
CA GLN A 669 25.66 -34.05 16.10
C GLN A 669 26.86 -34.92 16.45
N LEU A 670 27.13 -35.91 15.60
CA LEU A 670 28.14 -36.95 15.88
C LEU A 670 29.51 -36.42 16.30
N TYR A 671 29.93 -35.28 15.73
CA TYR A 671 31.28 -34.77 15.98
C TYR A 671 31.48 -34.31 17.41
N ARG A 672 30.39 -34.06 18.13
CA ARG A 672 30.48 -33.60 19.51
C ARG A 672 30.89 -34.73 20.46
N LEU A 673 31.06 -35.93 19.92
CA LEU A 673 31.58 -37.05 20.70
C LEU A 673 33.08 -36.94 20.87
N THR A 674 33.69 -36.07 20.07
CA THR A 674 35.13 -35.85 20.14
C THR A 674 35.50 -35.15 21.44
N ASN A 675 34.72 -34.13 21.80
CA ASN A 675 35.01 -33.31 22.97
C ASN A 675 34.81 -34.03 24.30
N THR A 676 35.77 -33.85 25.20
CA THR A 676 35.67 -34.36 26.56
C THR A 676 36.08 -33.29 27.56
N ASP A 677 36.22 -32.06 27.07
CA ASP A 677 36.59 -30.94 27.93
C ASP A 677 35.38 -30.50 28.74
N VAL A 678 35.41 -30.80 30.04
CA VAL A 678 34.29 -30.49 30.92
C VAL A 678 34.46 -29.10 31.56
N VAL A 679 35.69 -28.61 31.55
CA VAL A 679 36.03 -27.32 32.16
C VAL A 679 35.26 -26.16 31.56
N VAL A 680 35.26 -26.05 30.24
CA VAL A 680 34.58 -24.95 29.56
C VAL A 680 33.08 -24.93 29.86
N LEU A 681 32.47 -26.10 29.89
CA LEU A 681 31.05 -26.21 30.23
C LEU A 681 30.79 -25.77 31.67
N GLN A 682 31.72 -26.09 32.55
CA GLN A 682 31.62 -25.70 33.96
C GLN A 682 31.74 -24.20 34.13
N GLU A 683 32.50 -23.56 33.24
CA GLU A 683 32.62 -22.11 33.25
C GLU A 683 31.31 -21.46 32.82
N GLU A 684 30.55 -22.19 32.01
CA GLU A 684 29.24 -21.71 31.58
C GLU A 684 28.23 -21.90 32.71
N GLU A 685 28.41 -22.96 33.49
CA GLU A 685 27.59 -23.19 34.67
C GLU A 685 27.73 -22.02 35.64
N ALA A 686 28.97 -21.60 35.87
CA ALA A 686 29.26 -20.49 36.76
C ALA A 686 28.62 -19.20 36.28
N GLU A 687 28.75 -18.93 34.99
CA GLU A 687 28.21 -17.72 34.39
C GLU A 687 26.69 -17.71 34.45
N LEU A 688 26.07 -18.86 34.19
CA LEU A 688 24.62 -18.98 34.20
C LEU A 688 24.02 -18.87 35.59
N ARG A 689 24.68 -19.50 36.57
CA ARG A 689 24.20 -19.46 37.95
C ARG A 689 24.23 -18.04 38.51
N GLU A 690 25.23 -17.27 38.14
CA GLU A 690 25.33 -15.87 38.58
C GLU A 690 24.24 -15.02 37.95
N LYS A 691 23.91 -15.33 36.70
CA LYS A 691 22.87 -14.60 35.99
C LYS A 691 21.50 -14.87 36.59
N ILE A 692 21.23 -16.15 36.86
CA ILE A 692 19.97 -16.56 37.47
C ILE A 692 19.80 -15.91 38.85
N ALA A 693 20.90 -15.79 39.57
CA ALA A 693 20.89 -15.18 40.90
C ALA A 693 20.48 -13.72 40.85
N MET A 694 21.18 -12.94 40.04
CA MET A 694 20.90 -11.51 39.91
C MET A 694 19.53 -11.23 39.32
N LEU A 695 19.03 -12.18 38.53
CA LEU A 695 17.71 -12.04 37.92
C LEU A 695 16.62 -12.32 38.94
N ALA A 696 16.85 -13.33 39.77
CA ALA A 696 15.89 -13.72 40.79
C ALA A 696 15.75 -12.63 41.85
N ALA A 697 16.86 -11.96 42.15
CA ALA A 697 16.87 -10.90 43.15
C ALA A 697 15.98 -9.73 42.73
N ILE A 698 15.98 -9.44 41.43
CA ILE A 698 15.14 -8.39 40.88
C ILE A 698 13.67 -8.75 41.05
N ILE A 699 13.36 -10.01 40.81
CA ILE A 699 11.99 -10.51 40.91
C ILE A 699 11.56 -10.60 42.38
N GLY A 700 12.51 -10.90 43.25
CA GLY A 700 12.22 -11.13 44.65
C GLY A 700 12.35 -9.92 45.56
N ASP A 701 13.15 -8.95 45.14
CA ASP A 701 13.36 -7.75 45.95
C ASP A 701 12.88 -6.47 45.26
N GLU A 702 11.87 -5.84 45.84
CA GLU A 702 11.27 -4.64 45.27
C GLU A 702 12.28 -3.53 45.09
N ARG A 703 13.16 -3.36 46.07
CA ARG A 703 14.18 -2.32 46.03
C ARG A 703 15.19 -2.55 44.90
N THR A 704 15.67 -3.79 44.79
CA THR A 704 16.61 -4.15 43.73
C THR A 704 16.02 -3.87 42.36
N MET A 705 14.73 -4.18 42.21
CA MET A 705 14.02 -3.93 40.96
C MET A 705 13.94 -2.44 40.65
N TYR A 706 13.53 -1.64 41.63
CA TYR A 706 13.41 -0.20 41.45
C TYR A 706 14.76 0.44 41.18
N ASN A 707 15.82 -0.09 41.78
CA ASN A 707 17.17 0.38 41.51
C ASN A 707 17.56 0.16 40.05
N LEU A 708 17.20 -1.00 39.52
CA LEU A 708 17.44 -1.34 38.12
C LEU A 708 16.68 -0.37 37.22
N MET A 709 15.43 -0.10 37.59
CA MET A 709 14.57 0.79 36.83
C MET A 709 15.16 2.21 36.76
N LYS A 710 15.69 2.67 37.88
CA LYS A 710 16.32 3.98 37.95
C LYS A 710 17.59 4.01 37.09
N LYS A 711 18.36 2.93 37.16
CA LYS A 711 19.61 2.83 36.42
C LYS A 711 19.38 2.96 34.92
N GLU A 712 18.33 2.30 34.43
CA GLU A 712 18.02 2.32 33.01
C GLU A 712 17.42 3.65 32.57
N LEU A 713 16.61 4.26 33.44
CA LEU A 713 16.00 5.54 33.14
C LEU A 713 17.04 6.65 33.04
N ARG A 714 18.13 6.51 33.79
CA ARG A 714 19.21 7.48 33.74
C ARG A 714 20.03 7.33 32.47
N GLU A 715 20.21 6.08 32.04
CA GLU A 715 20.95 5.79 30.81
C GLU A 715 20.22 6.37 29.61
N VAL A 716 18.91 6.19 29.58
CA VAL A 716 18.07 6.77 28.55
C VAL A 716 18.20 8.29 28.54
N LYS A 717 18.19 8.87 29.74
CA LYS A 717 18.35 10.31 29.90
C LYS A 717 19.67 10.79 29.31
N LYS A 718 20.76 10.18 29.77
CA LYS A 718 22.10 10.56 29.32
C LYS A 718 22.25 10.47 27.81
N LYS A 719 21.60 9.48 27.21
CA LYS A 719 21.73 9.23 25.78
C LYS A 719 20.89 10.18 24.94
N PHE A 720 19.69 10.51 25.40
CA PHE A 720 18.76 11.32 24.60
C PHE A 720 18.43 12.68 25.19
N ALA A 721 19.25 13.16 26.13
CA ALA A 721 19.03 14.46 26.75
C ALA A 721 19.19 15.60 25.74
N THR A 722 18.20 16.49 25.70
CA THR A 722 18.26 17.68 24.87
C THR A 722 17.81 18.90 25.68
N PRO A 723 18.49 20.03 25.48
CA PRO A 723 18.17 21.29 26.20
C PRO A 723 16.73 21.74 25.95
N ARG A 724 16.21 22.58 26.84
CA ARG A 724 14.87 23.12 26.67
C ARG A 724 14.78 24.00 25.43
N LEU A 725 13.56 24.10 24.88
CA LEU A 725 13.33 24.95 23.73
C LEU A 725 12.37 26.07 24.12
N SER A 726 11.48 25.78 25.06
CA SER A 726 10.50 26.76 25.51
C SER A 726 10.88 27.34 26.87
N SER A 727 10.89 28.66 26.96
CA SER A 727 11.18 29.34 28.22
C SER A 727 9.92 29.38 29.09
N LEU A 728 10.11 29.49 30.40
CA LEU A 728 9.00 29.50 31.33
C LEU A 728 8.93 30.78 32.13
N GLU A 729 7.72 31.35 32.21
CA GLU A 729 7.50 32.59 32.94
C GLU A 729 6.23 32.52 33.76
N ASP A 730 5.90 33.62 34.44
CA ASP A 730 4.70 33.70 35.25
C ASP A 730 4.20 35.14 35.36
N LYS B 13 -1.13 27.81 -8.34
CA LYS B 13 -0.23 26.68 -8.35
C LYS B 13 1.23 27.14 -8.41
N LEU B 14 1.43 28.39 -8.83
CA LEU B 14 2.77 28.95 -8.96
C LEU B 14 3.24 29.61 -7.67
N THR B 15 4.44 29.24 -7.24
CA THR B 15 5.08 29.90 -6.10
C THR B 15 6.06 30.93 -6.64
N PRO B 16 5.70 32.22 -6.55
CA PRO B 16 6.50 33.29 -7.14
C PRO B 16 7.71 33.66 -6.27
N ALA B 17 8.67 34.37 -6.86
CA ALA B 17 9.82 34.86 -6.13
C ALA B 17 9.44 36.09 -5.32
N GLN B 18 10.09 36.27 -4.17
CA GLN B 18 9.77 37.39 -3.27
C GLN B 18 10.11 38.73 -3.89
N SER B 19 11.03 38.73 -4.85
CA SER B 19 11.45 39.96 -5.52
C SER B 19 11.44 39.79 -7.04
N LYS B 20 10.61 40.59 -7.71
CA LYS B 20 10.52 40.54 -9.16
C LYS B 20 11.78 41.13 -9.79
N ASN B 21 12.48 40.31 -10.56
CA ASN B 21 13.72 40.74 -11.19
C ASN B 21 14.05 39.91 -12.44
N PRO B 22 13.77 40.47 -13.63
CA PRO B 22 14.04 39.80 -14.91
C PRO B 22 15.52 39.67 -15.22
N ALA B 23 16.39 39.85 -14.21
CA ALA B 23 17.82 39.78 -14.42
C ALA B 23 18.45 38.62 -13.66
N LYS B 24 17.79 38.16 -12.59
CA LYS B 24 18.36 37.10 -11.76
C LYS B 24 17.34 36.04 -11.34
N ASN B 25 16.06 36.32 -11.51
CA ASN B 25 15.02 35.37 -11.13
C ASN B 25 15.03 34.09 -11.96
N GLU B 26 14.95 32.96 -11.27
CA GLU B 26 14.93 31.66 -11.93
C GLU B 26 13.53 31.05 -11.86
N LEU B 27 13.18 30.27 -12.88
CA LEU B 27 11.88 29.62 -12.93
C LEU B 27 12.04 28.11 -13.08
N TYR B 28 11.89 27.40 -11.96
CA TYR B 28 12.03 25.95 -11.96
C TYR B 28 10.74 25.25 -12.36
N LEU B 29 10.78 24.53 -13.47
CA LEU B 29 9.64 23.71 -13.89
C LEU B 29 9.83 22.29 -13.36
N VAL B 30 9.14 21.98 -12.27
CA VAL B 30 9.34 20.73 -11.54
C VAL B 30 8.33 19.65 -11.94
N GLU B 31 8.81 18.42 -12.07
CA GLU B 31 7.96 17.28 -12.39
C GLU B 31 7.22 16.79 -11.14
N GLY B 32 5.91 17.04 -11.12
CA GLY B 32 5.07 16.56 -10.04
C GLY B 32 4.88 17.56 -8.92
N ASP B 33 3.79 17.40 -8.18
CA ASP B 33 3.47 18.29 -7.05
C ASP B 33 4.40 18.07 -5.86
N SER B 34 4.58 16.81 -5.49
CA SER B 34 5.39 16.46 -4.32
C SER B 34 6.82 16.98 -4.45
N ALA B 35 7.41 16.80 -5.63
CA ALA B 35 8.74 17.30 -5.90
C ALA B 35 8.73 18.84 -5.96
N GLY B 36 7.60 19.38 -6.40
CA GLY B 36 7.42 20.83 -6.42
C GLY B 36 7.32 21.38 -5.01
N GLY B 37 6.77 20.58 -4.10
CA GLY B 37 6.67 20.96 -2.71
C GLY B 37 8.04 20.93 -2.04
N SER B 38 8.83 19.90 -2.36
CA SER B 38 10.18 19.77 -1.83
C SER B 38 11.05 20.93 -2.31
N ALA B 39 10.80 21.37 -3.54
CA ALA B 39 11.53 22.50 -4.11
C ALA B 39 11.02 23.81 -3.52
N LYS B 40 9.76 23.82 -3.10
CA LYS B 40 9.16 25.00 -2.50
C LYS B 40 9.71 25.25 -1.11
N GLN B 41 10.34 24.23 -0.54
CA GLN B 41 10.93 24.31 0.80
C GLN B 41 12.43 24.53 0.73
N GLY B 42 13.05 23.97 -0.30
CA GLY B 42 14.50 24.07 -0.44
C GLY B 42 14.94 25.21 -1.33
N ARG B 43 13.99 26.04 -1.75
CA ARG B 43 14.29 27.17 -2.61
C ARG B 43 14.91 28.33 -1.84
N ASP B 44 15.37 29.33 -2.58
CA ASP B 44 15.78 30.60 -2.00
C ASP B 44 14.76 31.64 -2.47
N ARG B 45 13.75 31.87 -1.64
CA ARG B 45 12.57 32.66 -2.01
C ARG B 45 12.85 34.03 -2.63
N LYS B 46 14.07 34.52 -2.50
CA LYS B 46 14.45 35.83 -3.01
C LYS B 46 14.45 35.90 -4.54
N PHE B 47 14.78 34.79 -5.19
CA PHE B 47 14.92 34.81 -6.65
C PHE B 47 14.55 33.48 -7.32
N GLN B 48 14.13 32.50 -6.54
CA GLN B 48 13.78 31.20 -7.11
C GLN B 48 12.29 30.91 -7.03
N ALA B 49 11.64 30.89 -8.19
CA ALA B 49 10.20 30.60 -8.27
C ALA B 49 9.97 29.17 -8.73
N ILE B 50 8.87 28.58 -8.28
CA ILE B 50 8.56 27.18 -8.59
C ILE B 50 7.22 27.04 -9.31
N LEU B 51 7.23 26.28 -10.41
CA LEU B 51 6.01 25.99 -11.15
C LEU B 51 5.90 24.48 -11.39
N PRO B 52 5.08 23.80 -10.58
CA PRO B 52 4.90 22.34 -10.67
C PRO B 52 4.17 21.92 -11.92
N LEU B 53 4.74 20.98 -12.67
CA LEU B 53 4.07 20.42 -13.84
C LEU B 53 3.42 19.08 -13.50
N ARG B 54 2.10 19.09 -13.43
CA ARG B 54 1.33 17.93 -13.00
C ARG B 54 0.96 17.03 -14.17
N GLY B 55 1.60 15.87 -14.24
CA GLY B 55 1.37 14.93 -15.32
C GLY B 55 2.22 15.28 -16.54
N LYS B 56 2.15 14.44 -17.56
CA LYS B 56 2.88 14.69 -18.81
C LYS B 56 2.35 15.91 -19.53
N VAL B 57 3.27 16.74 -20.03
CA VAL B 57 2.90 17.97 -20.71
C VAL B 57 2.42 17.68 -22.14
N ILE B 58 1.42 18.44 -22.59
CA ILE B 58 0.82 18.24 -23.90
C ILE B 58 1.81 18.38 -25.05
N ASN B 59 1.73 17.47 -26.01
CA ASN B 59 2.58 17.52 -27.19
C ASN B 59 2.10 18.60 -28.15
N THR B 60 2.74 19.77 -28.08
CA THR B 60 2.31 20.94 -28.85
C THR B 60 2.63 20.83 -30.34
N ALA B 61 3.34 19.77 -30.72
CA ALA B 61 3.64 19.53 -32.12
C ALA B 61 3.00 18.23 -32.58
N LYS B 62 1.76 18.00 -32.15
CA LYS B 62 1.09 16.74 -32.42
C LYS B 62 -0.43 16.86 -32.21
N ALA B 63 -0.83 17.83 -31.39
CA ALA B 63 -2.24 18.03 -31.09
C ALA B 63 -2.77 19.30 -31.74
N LYS B 64 -4.09 19.37 -31.90
CA LYS B 64 -4.73 20.54 -32.49
C LYS B 64 -4.50 21.78 -31.63
N MET B 65 -4.30 22.92 -32.28
CA MET B 65 -3.99 24.17 -31.59
C MET B 65 -5.15 24.61 -30.69
N ALA B 66 -6.35 24.14 -31.01
CA ALA B 66 -7.52 24.42 -30.17
C ALA B 66 -7.39 23.73 -28.83
N ASP B 67 -6.91 22.49 -28.84
CA ASP B 67 -6.70 21.74 -27.60
C ASP B 67 -5.48 22.25 -26.85
N ILE B 68 -4.55 22.84 -27.58
CA ILE B 68 -3.34 23.40 -26.98
C ILE B 68 -3.66 24.63 -26.14
N LEU B 69 -4.49 25.52 -26.71
CA LEU B 69 -4.87 26.75 -26.04
C LEU B 69 -5.75 26.49 -24.82
N LYS B 70 -6.37 25.32 -24.78
CA LYS B 70 -7.24 24.95 -23.67
C LYS B 70 -6.47 24.22 -22.56
N ASN B 71 -5.22 23.88 -22.85
CA ASN B 71 -4.37 23.20 -21.89
C ASN B 71 -3.89 24.16 -20.80
N GLU B 72 -4.37 23.94 -19.58
CA GLU B 72 -4.10 24.83 -18.46
C GLU B 72 -2.62 24.93 -18.10
N GLU B 73 -1.87 23.88 -18.38
CA GLU B 73 -0.44 23.85 -18.09
C GLU B 73 0.29 24.89 -18.93
N ILE B 74 -0.05 24.92 -20.21
CA ILE B 74 0.56 25.86 -21.15
C ILE B 74 0.19 27.31 -20.81
N ASN B 75 -1.09 27.54 -20.56
CA ASN B 75 -1.58 28.88 -20.24
C ASN B 75 -0.95 29.46 -18.97
N THR B 76 -0.81 28.62 -17.95
CA THR B 76 -0.19 29.04 -16.69
C THR B 76 1.33 29.10 -16.80
N MET B 77 1.86 28.63 -17.93
CA MET B 77 3.29 28.71 -18.19
C MET B 77 3.60 30.00 -18.94
N ILE B 78 2.69 30.39 -19.82
CA ILE B 78 2.82 31.62 -20.59
C ILE B 78 2.51 32.85 -19.73
N TYR B 79 1.44 32.75 -18.94
CA TYR B 79 0.98 33.87 -18.13
C TYR B 79 1.89 34.16 -16.95
N THR B 80 2.86 33.28 -16.70
CA THR B 80 3.84 33.50 -15.64
C THR B 80 5.19 33.86 -16.23
N ILE B 81 5.44 33.41 -17.45
CA ILE B 81 6.63 33.82 -18.19
C ILE B 81 6.50 35.29 -18.55
N GLY B 82 5.27 35.73 -18.73
CA GLY B 82 4.96 37.14 -18.95
C GLY B 82 5.54 37.71 -20.23
N ALA B 83 5.45 36.95 -21.33
CA ALA B 83 5.98 37.40 -22.61
C ALA B 83 5.12 36.92 -23.77
N GLY B 84 3.97 36.35 -23.47
CA GLY B 84 3.08 35.82 -24.49
C GLY B 84 3.66 34.59 -25.17
N VAL B 85 3.13 34.28 -26.35
CA VAL B 85 3.61 33.13 -27.11
C VAL B 85 3.42 33.32 -28.61
N GLY B 86 4.03 32.44 -29.40
CA GLY B 86 3.93 32.52 -30.84
C GLY B 86 4.70 33.69 -31.42
N ALA B 87 4.16 34.29 -32.47
CA ALA B 87 4.78 35.43 -33.12
C ALA B 87 4.71 36.66 -32.22
N ASP B 88 3.73 36.68 -31.33
CA ASP B 88 3.56 37.77 -30.38
C ASP B 88 4.37 37.49 -29.12
N PHE B 89 5.69 37.43 -29.29
CA PHE B 89 6.58 37.07 -28.18
C PHE B 89 7.75 38.04 -28.06
N SER B 90 7.65 38.97 -27.13
CA SER B 90 8.73 39.91 -26.85
C SER B 90 9.68 39.31 -25.81
N ILE B 91 10.91 39.02 -26.23
CA ILE B 91 11.89 38.36 -25.37
C ILE B 91 12.38 39.26 -24.24
N GLU B 92 12.13 40.57 -24.36
CA GLU B 92 12.57 41.53 -23.36
C GLU B 92 11.56 41.71 -22.24
N ASP B 93 10.36 41.18 -22.45
CA ASP B 93 9.27 41.32 -21.48
C ASP B 93 9.22 40.17 -20.48
N ALA B 94 10.09 39.17 -20.67
CA ALA B 94 10.14 38.01 -19.80
C ALA B 94 10.51 38.40 -18.37
N ASN B 95 9.96 37.68 -17.41
CA ASN B 95 10.19 37.98 -15.99
C ASN B 95 11.32 37.14 -15.39
N TYR B 96 11.77 36.13 -16.12
CA TYR B 96 12.83 35.26 -15.63
C TYR B 96 14.03 35.27 -16.57
N ASP B 97 15.23 35.31 -15.99
CA ASP B 97 16.46 35.31 -16.77
C ASP B 97 16.89 33.88 -17.10
N LYS B 98 16.53 32.95 -16.23
CA LYS B 98 16.87 31.55 -16.44
C LYS B 98 15.67 30.65 -16.14
N ILE B 99 15.40 29.72 -17.05
CA ILE B 99 14.32 28.76 -16.87
C ILE B 99 14.86 27.34 -16.79
N ILE B 100 14.92 26.80 -15.58
CA ILE B 100 15.47 25.46 -15.37
C ILE B 100 14.38 24.40 -15.37
N ILE B 101 14.63 23.32 -16.09
CA ILE B 101 13.71 22.18 -16.11
C ILE B 101 14.24 21.09 -15.19
N MET B 102 13.50 20.82 -14.12
CA MET B 102 13.94 19.84 -13.12
C MET B 102 12.98 18.66 -13.03
N THR B 103 13.33 17.58 -13.74
CA THR B 103 12.54 16.35 -13.72
C THR B 103 13.31 15.26 -12.99
N ASP B 104 12.66 14.11 -12.82
CA ASP B 104 13.32 12.96 -12.21
C ASP B 104 14.42 12.45 -13.12
N ALA B 105 15.30 11.62 -12.58
CA ALA B 105 16.41 11.07 -13.35
C ALA B 105 15.96 9.91 -14.24
N ASP B 106 14.68 9.54 -14.13
CA ASP B 106 14.16 8.42 -14.90
C ASP B 106 13.66 8.80 -16.29
N THR B 107 13.33 7.78 -17.08
CA THR B 107 12.98 7.95 -18.49
C THR B 107 11.75 8.82 -18.73
N ASP B 108 10.78 8.74 -17.83
CA ASP B 108 9.58 9.57 -17.93
C ASP B 108 9.94 11.03 -17.73
N GLY B 109 11.02 11.29 -17.00
CA GLY B 109 11.54 12.62 -16.84
C GLY B 109 12.15 13.10 -18.14
N ALA B 110 12.80 12.18 -18.85
CA ALA B 110 13.40 12.50 -20.15
C ALA B 110 12.32 12.79 -21.18
N HIS B 111 11.16 12.16 -21.01
CA HIS B 111 10.04 12.38 -21.93
C HIS B 111 9.47 13.77 -21.73
N ILE B 112 9.34 14.18 -20.46
CA ILE B 112 8.86 15.50 -20.12
C ILE B 112 9.80 16.58 -20.64
N GLN B 113 11.10 16.33 -20.50
CA GLN B 113 12.12 17.23 -21.04
C GLN B 113 11.96 17.37 -22.54
N THR B 114 11.61 16.26 -23.20
CA THR B 114 11.39 16.25 -24.64
C THR B 114 10.16 17.06 -25.02
N LEU B 115 9.05 16.80 -24.35
CA LEU B 115 7.79 17.49 -24.61
C LEU B 115 7.91 18.99 -24.34
N LEU B 116 8.60 19.35 -23.26
CA LEU B 116 8.79 20.75 -22.90
C LEU B 116 9.68 21.48 -23.90
N LEU B 117 10.75 20.80 -24.33
CA LEU B 117 11.71 21.39 -25.25
C LEU B 117 11.06 21.74 -26.58
N THR B 118 10.10 20.92 -27.00
CA THR B 118 9.40 21.13 -28.26
C THR B 118 8.43 22.29 -28.17
N PHE B 119 7.88 22.54 -26.99
CA PHE B 119 7.01 23.68 -26.79
C PHE B 119 7.81 24.98 -26.82
N PHE B 120 8.89 25.02 -26.05
CA PHE B 120 9.76 26.18 -26.02
C PHE B 120 10.45 26.41 -27.37
N TYR B 121 10.46 25.37 -28.20
CA TYR B 121 11.00 25.49 -29.55
C TYR B 121 9.96 26.09 -30.49
N ARG B 122 8.78 25.49 -30.49
CA ARG B 122 7.73 25.87 -31.43
C ARG B 122 7.13 27.24 -31.16
N TYR B 123 6.84 27.54 -29.90
CA TYR B 123 6.09 28.75 -29.56
C TYR B 123 6.88 29.81 -28.78
N MET B 124 8.11 29.47 -28.40
CA MET B 124 8.96 30.42 -27.68
C MET B 124 10.42 30.34 -28.14
N ARG B 125 10.62 30.34 -29.46
CA ARG B 125 11.95 30.23 -30.05
C ARG B 125 13.02 31.22 -29.55
N PRO B 126 12.68 32.52 -29.41
CA PRO B 126 13.71 33.45 -28.92
C PRO B 126 14.20 33.13 -27.50
N LEU B 127 13.36 32.47 -26.70
CA LEU B 127 13.73 32.13 -25.33
C LEU B 127 14.85 31.10 -25.29
N VAL B 128 14.76 30.10 -26.17
CA VAL B 128 15.74 29.03 -26.21
C VAL B 128 16.98 29.42 -27.00
N GLU B 129 16.80 30.35 -27.94
CA GLU B 129 17.90 30.82 -28.77
C GLU B 129 18.86 31.71 -27.99
N ALA B 130 18.38 32.24 -26.87
CA ALA B 130 19.19 33.11 -26.03
C ALA B 130 19.96 32.31 -24.98
N GLY B 131 19.71 31.01 -24.93
CA GLY B 131 20.38 30.15 -23.98
C GLY B 131 19.90 30.34 -22.57
N HIS B 132 18.63 30.69 -22.41
CA HIS B 132 18.04 30.91 -21.09
C HIS B 132 17.32 29.66 -20.60
N VAL B 133 17.17 28.67 -21.47
CA VAL B 133 16.50 27.43 -21.11
C VAL B 133 17.51 26.37 -20.69
N TYR B 134 17.46 25.99 -19.41
CA TYR B 134 18.42 25.04 -18.85
C TYR B 134 17.77 23.71 -18.50
N ILE B 135 18.61 22.72 -18.18
CA ILE B 135 18.13 21.43 -17.71
C ILE B 135 18.87 21.03 -16.44
N ALA B 136 18.17 21.09 -15.31
CA ALA B 136 18.77 20.75 -14.03
C ALA B 136 19.00 19.25 -13.92
N LEU B 137 20.21 18.87 -13.52
CA LEU B 137 20.56 17.45 -13.40
C LEU B 137 20.70 17.03 -11.94
N PRO B 138 19.69 16.32 -11.42
CA PRO B 138 19.69 15.81 -10.04
C PRO B 138 20.74 14.72 -9.85
N PRO B 139 21.19 14.49 -8.62
CA PRO B 139 22.15 13.42 -8.35
C PRO B 139 21.51 12.06 -8.49
N LEU B 140 22.30 11.06 -8.84
CA LEU B 140 21.79 9.71 -9.05
C LEU B 140 22.05 8.82 -7.85
N TYR B 141 23.12 9.12 -7.11
CA TYR B 141 23.52 8.31 -5.95
C TYR B 141 23.84 9.19 -4.75
N LYS B 142 23.95 8.55 -3.59
CA LYS B 142 24.26 9.25 -2.35
C LYS B 142 24.88 8.29 -1.33
N MET B 143 26.19 8.42 -1.12
CA MET B 143 26.90 7.54 -0.19
C MET B 143 27.49 8.33 0.97
N ALA B 154 28.78 11.69 0.33
CA ALA B 154 28.39 12.80 -0.54
C ALA B 154 27.45 12.35 -1.65
N TYR B 155 27.55 12.99 -2.80
CA TYR B 155 26.68 12.67 -3.93
C TYR B 155 27.49 12.41 -5.20
N ALA B 156 26.88 11.68 -6.14
CA ALA B 156 27.53 11.37 -7.41
C ALA B 156 26.51 11.28 -8.54
N TRP B 157 26.87 11.82 -9.70
CA TRP B 157 25.98 11.85 -10.85
C TRP B 157 26.24 10.71 -11.83
N THR B 158 27.48 10.24 -11.88
CA THR B 158 27.86 9.15 -12.77
C THR B 158 28.33 7.94 -11.98
N ASP B 159 28.28 6.77 -12.61
CA ASP B 159 28.71 5.53 -11.98
C ASP B 159 30.21 5.57 -11.70
N GLY B 160 30.94 6.33 -12.51
CA GLY B 160 32.36 6.52 -12.29
C GLY B 160 32.61 7.42 -11.10
N GLU B 161 31.73 8.40 -10.90
CA GLU B 161 31.83 9.29 -9.76
C GLU B 161 31.49 8.54 -8.47
N LEU B 162 30.64 7.52 -8.60
CA LEU B 162 30.28 6.67 -7.47
C LEU B 162 31.43 5.73 -7.11
N GLU B 163 32.17 5.32 -8.13
CA GLU B 163 33.32 4.45 -7.94
C GLU B 163 34.44 5.19 -7.23
N GLU B 164 34.60 6.47 -7.56
CA GLU B 164 35.61 7.31 -6.94
C GLU B 164 35.21 7.69 -5.52
N LEU B 165 33.92 7.92 -5.32
CA LEU B 165 33.39 8.28 -4.01
C LEU B 165 33.43 7.10 -3.05
N ARG B 166 33.52 5.89 -3.61
CA ARG B 166 33.60 4.68 -2.82
C ARG B 166 34.98 4.51 -2.20
N LYS B 167 35.95 5.24 -2.76
CA LYS B 167 37.32 5.19 -2.25
C LYS B 167 37.50 6.07 -1.02
N GLN B 176 22.75 5.57 -1.33
CA GLN B 176 21.33 5.64 -1.63
C GLN B 176 21.09 5.96 -3.11
N ARG B 177 20.48 5.01 -3.82
CA ARG B 177 20.19 5.20 -5.24
C ARG B 177 18.83 5.89 -5.42
N TYR B 178 18.87 7.16 -5.77
CA TYR B 178 17.66 7.96 -5.94
C TYR B 178 16.90 7.56 -7.19
N LYS B 179 15.64 7.17 -7.02
CA LYS B 179 14.78 6.78 -8.14
C LYS B 179 13.91 7.94 -8.59
N GLY B 180 14.10 9.09 -7.97
CA GLY B 180 13.33 10.28 -8.30
C GLY B 180 13.63 11.44 -7.37
N LEU B 181 12.78 12.46 -7.40
CA LEU B 181 12.96 13.64 -6.55
C LEU B 181 12.15 13.52 -5.26
N GLY B 182 11.18 12.60 -5.27
CA GLY B 182 10.31 12.42 -4.12
C GLY B 182 10.98 11.78 -2.91
N GLU B 183 12.22 11.35 -3.09
CA GLU B 183 12.97 10.71 -2.02
C GLU B 183 14.07 11.62 -1.48
N MET B 184 14.05 12.89 -1.88
CA MET B 184 15.06 13.84 -1.46
C MET B 184 14.51 14.85 -0.46
N ASN B 185 15.31 15.22 0.52
CA ASN B 185 14.95 16.28 1.46
C ASN B 185 15.18 17.64 0.84
N ALA B 186 14.58 18.67 1.42
CA ALA B 186 14.68 20.03 0.89
C ALA B 186 16.11 20.56 0.91
N ASP B 187 16.82 20.25 1.99
CA ASP B 187 18.21 20.68 2.14
C ASP B 187 19.11 19.93 1.16
N GLN B 188 18.70 18.71 0.80
CA GLN B 188 19.46 17.89 -0.13
C GLN B 188 19.28 18.39 -1.56
N LEU B 189 18.04 18.71 -1.92
CA LEU B 189 17.73 19.20 -3.26
C LEU B 189 18.38 20.56 -3.52
N TRP B 190 18.45 21.38 -2.48
CA TRP B 190 19.06 22.71 -2.60
C TRP B 190 20.56 22.60 -2.82
N GLU B 191 21.24 21.87 -1.95
CA GLU B 191 22.69 21.77 -1.98
C GLU B 191 23.23 21.07 -3.23
N THR B 192 22.39 20.25 -3.85
CA THR B 192 22.84 19.43 -4.98
C THR B 192 22.46 19.99 -6.34
N THR B 193 21.21 20.42 -6.50
CA THR B 193 20.72 20.85 -7.81
C THR B 193 20.20 22.29 -7.85
N MET B 194 19.92 22.87 -6.69
CA MET B 194 19.30 24.19 -6.66
C MET B 194 20.26 25.33 -6.30
N ASN B 195 21.26 25.03 -5.46
CA ASN B 195 22.27 26.02 -5.12
C ASN B 195 23.08 26.41 -6.35
N PRO B 196 22.99 27.68 -6.76
CA PRO B 196 23.60 28.17 -8.00
C PRO B 196 25.12 28.10 -8.00
N GLU B 197 25.71 27.91 -6.82
CA GLU B 197 27.16 27.83 -6.70
C GLU B 197 27.64 26.39 -6.48
N THR B 198 26.72 25.44 -6.63
CA THR B 198 27.04 24.04 -6.43
C THR B 198 26.08 23.12 -7.17
N ARG B 199 25.77 23.47 -8.42
CA ARG B 199 24.85 22.69 -9.22
C ARG B 199 25.40 22.41 -10.62
N THR B 200 24.98 21.30 -11.21
CA THR B 200 25.35 20.96 -12.57
C THR B 200 24.20 21.25 -13.51
N LEU B 201 24.41 22.17 -14.45
CA LEU B 201 23.35 22.57 -15.37
C LEU B 201 23.68 22.27 -16.83
N ILE B 202 22.63 22.04 -17.62
CA ILE B 202 22.78 21.82 -19.06
C ILE B 202 22.21 23.00 -19.83
N ARG B 203 23.06 23.68 -20.58
CA ARG B 203 22.63 24.82 -21.38
C ARG B 203 22.13 24.35 -22.74
N VAL B 204 20.83 24.53 -22.99
CA VAL B 204 20.24 24.12 -24.26
C VAL B 204 20.48 25.16 -25.35
N THR B 205 21.39 24.84 -26.27
CA THR B 205 21.70 25.75 -27.36
C THR B 205 21.39 25.11 -28.72
N ILE B 206 20.77 25.88 -29.60
CA ILE B 206 20.44 25.40 -30.93
C ILE B 206 21.53 25.80 -31.92
N GLU B 207 22.47 24.87 -32.16
CA GLU B 207 23.58 25.11 -33.07
C GLU B 207 23.09 25.37 -34.49
N ASP B 208 22.39 24.39 -35.05
CA ASP B 208 21.82 24.54 -36.38
C ASP B 208 20.30 24.51 -36.32
N LEU B 209 19.66 25.39 -37.07
CA LEU B 209 18.20 25.44 -37.10
C LEU B 209 17.66 24.49 -38.15
N ALA B 210 18.56 23.99 -39.00
CA ALA B 210 18.17 23.09 -40.09
C ALA B 210 17.94 21.67 -39.58
N ARG B 211 19.00 21.05 -39.05
CA ARG B 211 18.94 19.67 -38.60
C ARG B 211 18.08 19.49 -37.35
N ALA B 212 17.95 20.56 -36.56
CA ALA B 212 17.16 20.51 -35.34
C ALA B 212 15.68 20.41 -35.63
N GLU B 213 15.26 20.93 -36.77
CA GLU B 213 13.86 20.88 -37.20
C GLU B 213 13.47 19.45 -37.53
N ARG B 214 14.32 18.76 -38.28
CA ARG B 214 14.06 17.37 -38.67
C ARG B 214 14.11 16.44 -37.46
N ARG B 215 14.95 16.79 -36.49
CA ARG B 215 15.10 16.00 -35.27
C ARG B 215 13.84 16.12 -34.41
N VAL B 216 13.25 17.31 -34.39
CA VAL B 216 12.05 17.56 -33.60
C VAL B 216 10.81 16.94 -34.24
N ASN B 217 10.67 17.14 -35.55
CA ASN B 217 9.50 16.64 -36.27
C ASN B 217 9.41 15.12 -36.32
N VAL B 218 10.55 14.46 -36.49
CA VAL B 218 10.59 13.01 -36.60
C VAL B 218 10.18 12.32 -35.30
N LEU B 219 10.43 12.98 -34.18
CA LEU B 219 10.17 12.39 -32.87
C LEU B 219 8.78 12.74 -32.35
N MET B 220 8.26 13.89 -32.75
CA MET B 220 7.03 14.41 -32.15
C MET B 220 5.89 14.60 -33.15
N GLY B 221 6.22 14.57 -34.44
CA GLY B 221 5.23 14.77 -35.48
C GLY B 221 4.10 13.76 -35.48
N ASP B 222 3.02 14.08 -36.19
CA ASP B 222 1.86 13.21 -36.24
C ASP B 222 2.12 11.97 -37.10
N LYS B 223 3.19 12.02 -37.89
CA LYS B 223 3.57 10.89 -38.73
C LYS B 223 4.29 9.83 -37.90
N VAL B 224 3.72 8.63 -37.86
CA VAL B 224 4.25 7.55 -37.03
C VAL B 224 5.41 6.82 -37.71
N GLU B 225 5.25 6.56 -39.01
CA GLU B 225 6.25 5.81 -39.79
C GLU B 225 7.69 6.35 -39.72
N PRO B 226 7.89 7.67 -39.89
CA PRO B 226 9.27 8.18 -39.78
C PRO B 226 9.86 7.97 -38.39
N ARG B 227 9.02 8.05 -37.36
CA ARG B 227 9.48 7.85 -35.99
C ARG B 227 9.90 6.40 -35.75
N ARG B 228 9.09 5.48 -36.28
CA ARG B 228 9.37 4.04 -36.14
C ARG B 228 10.68 3.70 -36.85
N LYS B 229 10.93 4.36 -37.97
CA LYS B 229 12.15 4.14 -38.73
C LYS B 229 13.37 4.72 -38.00
N TRP B 230 13.18 5.89 -37.38
CA TRP B 230 14.25 6.55 -36.65
C TRP B 230 14.66 5.73 -35.42
N ILE B 231 13.67 5.15 -34.75
CA ILE B 231 13.92 4.31 -33.59
C ILE B 231 14.69 3.05 -34.00
N GLU B 232 14.31 2.48 -35.13
CA GLU B 232 14.95 1.28 -35.64
C GLU B 232 16.34 1.57 -36.23
N ASP B 233 16.67 2.84 -36.38
CA ASP B 233 17.94 3.24 -36.98
C ASP B 233 18.94 3.77 -35.94
N ASN B 234 18.43 4.26 -34.82
CA ASN B 234 19.29 4.87 -33.82
C ASN B 234 19.35 4.12 -32.48
N VAL B 235 18.18 3.70 -32.00
CA VAL B 235 18.09 3.03 -30.71
C VAL B 235 18.75 1.65 -30.74
N LYS B 236 19.82 1.50 -29.96
CA LYS B 236 20.52 0.23 -29.85
C LYS B 236 19.94 -0.62 -28.73
N PHE B 237 19.21 -1.67 -29.10
CA PHE B 237 18.56 -2.53 -28.12
C PHE B 237 19.54 -3.53 -27.50
N THR B 238 20.79 -3.48 -27.96
CA THR B 238 21.86 -4.34 -27.46
C THR B 238 21.51 -5.82 -27.58
N ILE B 250 28.31 23.78 -14.93
CA ILE B 250 27.49 23.96 -16.12
C ILE B 250 28.17 23.38 -17.35
N GLN B 251 27.36 22.95 -18.32
CA GLN B 251 27.88 22.38 -19.55
C GLN B 251 26.85 22.47 -20.68
N ASN B 252 27.25 23.05 -21.80
CA ASN B 252 26.35 23.26 -22.93
C ASN B 252 25.98 21.97 -23.63
N MET B 253 24.91 22.01 -24.43
CA MET B 253 24.46 20.86 -25.19
C MET B 253 23.53 21.28 -26.33
N SER B 254 23.69 20.62 -27.47
CA SER B 254 22.87 20.93 -28.66
C SER B 254 21.43 20.48 -28.46
N LEU B 255 20.52 21.09 -29.23
CA LEU B 255 19.11 20.72 -29.15
C LEU B 255 18.86 19.37 -29.83
N GLU B 256 19.44 19.20 -31.01
CA GLU B 256 19.29 17.96 -31.77
C GLU B 256 19.92 16.79 -31.00
N ASP B 257 21.00 17.08 -30.28
CA ASP B 257 21.69 16.07 -29.50
C ASP B 257 20.90 15.73 -28.23
N ILE B 258 20.32 16.75 -27.61
CA ILE B 258 19.56 16.56 -26.38
C ILE B 258 18.25 15.83 -26.63
N MET B 259 17.57 16.20 -27.70
CA MET B 259 16.30 15.57 -28.08
C MET B 259 16.48 14.10 -28.41
N GLY B 260 17.55 13.78 -29.14
CA GLY B 260 17.83 12.42 -29.53
C GLY B 260 18.26 11.55 -28.36
N GLU B 261 18.97 12.15 -27.42
CA GLU B 261 19.44 11.43 -26.24
C GLU B 261 18.30 11.17 -25.26
N ARG B 262 17.45 12.18 -25.07
CA ARG B 262 16.34 12.07 -24.13
C ARG B 262 15.22 11.16 -24.64
N PHE B 263 14.68 11.48 -25.81
CA PHE B 263 13.59 10.70 -26.37
C PHE B 263 14.05 9.28 -26.72
N GLY B 264 15.33 9.14 -27.05
CA GLY B 264 15.89 7.84 -27.34
C GLY B 264 15.81 6.91 -26.16
N ARG B 265 16.08 7.46 -24.98
CA ARG B 265 16.01 6.69 -23.74
C ARG B 265 14.58 6.32 -23.40
N TYR B 266 13.67 7.27 -23.56
CA TYR B 266 12.25 7.03 -23.27
C TYR B 266 11.64 6.06 -24.26
N SER B 267 12.02 6.18 -25.52
CA SER B 267 11.52 5.29 -26.57
C SER B 267 11.92 3.85 -26.26
N LYS B 268 13.21 3.65 -25.97
CA LYS B 268 13.74 2.32 -25.67
C LYS B 268 13.08 1.69 -24.46
N TYR B 269 12.97 2.47 -23.38
CA TYR B 269 12.45 1.96 -22.11
C TYR B 269 10.99 1.53 -22.20
N ILE B 270 10.13 2.39 -22.76
CA ILE B 270 8.71 2.09 -22.83
C ILE B 270 8.41 1.00 -23.85
N ILE B 271 9.35 0.75 -24.75
CA ILE B 271 9.19 -0.30 -25.76
C ILE B 271 9.40 -1.69 -25.17
N GLN B 272 10.50 -1.85 -24.44
CA GLN B 272 10.90 -3.17 -23.95
C GLN B 272 10.70 -3.34 -22.45
N ASP B 273 10.23 -2.30 -21.78
CA ASP B 273 10.06 -2.37 -20.32
C ASP B 273 8.81 -1.69 -19.80
N ARG B 274 7.75 -1.66 -20.61
CA ARG B 274 6.47 -1.14 -20.14
C ARG B 274 5.24 -1.61 -20.94
N ALA B 275 5.15 -1.17 -22.19
CA ALA B 275 3.93 -1.34 -22.97
C ALA B 275 3.79 -2.70 -23.67
N LEU B 276 4.90 -3.23 -24.16
CA LEU B 276 4.84 -4.44 -24.98
C LEU B 276 5.21 -5.71 -24.19
N PRO B 277 4.48 -6.80 -24.46
CA PRO B 277 4.69 -8.08 -23.76
C PRO B 277 5.88 -8.85 -24.30
N ASP B 278 6.46 -9.70 -23.47
CA ASP B 278 7.50 -10.61 -23.91
C ASP B 278 6.85 -11.71 -24.74
N ILE B 279 7.51 -12.16 -25.80
CA ILE B 279 6.92 -13.12 -26.73
C ILE B 279 6.79 -14.52 -26.13
N ARG B 280 7.45 -14.75 -25.00
CA ARG B 280 7.44 -16.07 -24.37
C ARG B 280 6.30 -16.25 -23.36
N ASP B 281 6.28 -15.46 -22.30
CA ASP B 281 5.25 -15.60 -21.28
C ASP B 281 4.08 -14.64 -21.47
N GLY B 282 4.18 -13.79 -22.50
CA GLY B 282 3.11 -12.88 -22.85
C GLY B 282 2.77 -11.88 -21.75
N LEU B 283 3.78 -11.43 -21.02
CA LEU B 283 3.55 -10.51 -19.91
C LEU B 283 4.30 -9.20 -20.06
N LYS B 284 3.65 -8.10 -19.71
CA LYS B 284 4.31 -6.82 -19.55
C LYS B 284 5.07 -6.88 -18.24
N PRO B 285 6.15 -6.10 -18.11
CA PRO B 285 7.02 -6.12 -16.92
C PRO B 285 6.25 -5.98 -15.60
N VAL B 286 5.23 -5.13 -15.59
CA VAL B 286 4.45 -4.93 -14.37
C VAL B 286 3.62 -6.16 -14.04
N GLN B 287 3.10 -6.83 -15.06
CA GLN B 287 2.32 -8.04 -14.88
C GLN B 287 3.18 -9.18 -14.35
N ARG B 288 4.43 -9.23 -14.79
CA ARG B 288 5.36 -10.27 -14.37
C ARG B 288 5.77 -10.06 -12.92
N ARG B 289 6.02 -8.81 -12.55
CA ARG B 289 6.42 -8.47 -11.19
C ARG B 289 5.31 -8.75 -10.18
N ILE B 290 4.07 -8.47 -10.58
CA ILE B 290 2.91 -8.78 -9.74
C ILE B 290 2.83 -10.27 -9.44
N LEU B 291 2.93 -11.09 -10.48
CA LEU B 291 2.85 -12.54 -10.34
C LEU B 291 3.97 -13.09 -9.47
N TYR B 292 5.21 -12.66 -9.74
CA TYR B 292 6.37 -13.16 -9.02
C TYR B 292 6.36 -12.75 -7.55
N SER B 293 5.95 -11.51 -7.28
CA SER B 293 5.94 -10.99 -5.93
C SER B 293 4.90 -11.70 -5.07
N MET B 294 3.69 -11.83 -5.61
CA MET B 294 2.61 -12.50 -4.91
C MET B 294 2.94 -13.96 -4.65
N ASN B 295 3.63 -14.58 -5.60
CA ASN B 295 4.03 -15.97 -5.48
C ASN B 295 5.12 -16.12 -4.42
N LYS B 296 5.98 -15.11 -4.34
CA LYS B 296 7.07 -15.11 -3.36
C LYS B 296 6.51 -14.94 -1.96
N ASP B 297 5.42 -14.18 -1.86
CA ASP B 297 4.77 -13.94 -0.57
C ASP B 297 3.75 -15.04 -0.27
N SER B 298 3.81 -16.12 -1.02
CA SER B 298 2.94 -17.28 -0.83
C SER B 298 1.45 -16.95 -0.96
N ASN B 299 1.14 -15.86 -1.66
CA ASN B 299 -0.24 -15.46 -1.88
C ASN B 299 -0.83 -16.19 -3.07
N THR B 300 -1.07 -17.49 -2.91
CA THR B 300 -1.52 -18.34 -4.00
C THR B 300 -2.96 -18.84 -3.85
N PHE B 301 -3.37 -19.70 -4.77
CA PHE B 301 -4.75 -20.17 -4.84
C PHE B 301 -5.12 -21.09 -3.68
N ASP B 302 -4.17 -21.91 -3.24
CA ASP B 302 -4.42 -22.91 -2.22
C ASP B 302 -4.44 -22.30 -0.82
N LYS B 303 -3.93 -21.08 -0.70
CA LYS B 303 -3.89 -20.40 0.57
C LYS B 303 -4.92 -19.28 0.64
N SER B 304 -5.05 -18.67 1.82
CA SER B 304 -6.05 -17.64 2.06
C SER B 304 -5.84 -16.41 1.18
N TYR B 305 -6.90 -15.62 1.03
CA TYR B 305 -6.80 -14.35 0.31
C TYR B 305 -5.96 -13.36 1.11
N ARG B 306 -5.44 -12.35 0.42
CA ARG B 306 -4.55 -11.39 1.04
C ARG B 306 -5.02 -9.97 0.69
N LYS B 307 -4.93 -9.07 1.66
CA LYS B 307 -5.30 -7.68 1.44
C LYS B 307 -4.50 -7.10 0.28
N SER B 308 -5.21 -6.48 -0.67
CA SER B 308 -4.59 -6.01 -1.90
C SER B 308 -3.47 -4.99 -1.68
N ALA B 309 -3.67 -4.09 -0.72
CA ALA B 309 -2.69 -3.05 -0.43
C ALA B 309 -1.36 -3.65 0.05
N LYS B 310 -1.44 -4.79 0.73
CA LYS B 310 -0.25 -5.48 1.20
C LYS B 310 0.57 -6.01 0.03
N SER B 311 -0.12 -6.50 -1.00
CA SER B 311 0.54 -7.01 -2.18
C SER B 311 1.13 -5.89 -3.03
N VAL B 312 0.35 -4.84 -3.24
CA VAL B 312 0.79 -3.68 -4.01
C VAL B 312 2.02 -3.03 -3.38
N GLY B 313 2.00 -2.89 -2.06
CA GLY B 313 3.11 -2.29 -1.34
C GLY B 313 4.39 -3.11 -1.46
N ASN B 314 4.25 -4.42 -1.39
CA ASN B 314 5.40 -5.32 -1.52
C ASN B 314 5.99 -5.29 -2.93
N ILE B 315 5.13 -5.13 -3.93
CA ILE B 315 5.57 -5.03 -5.31
C ILE B 315 6.35 -3.73 -5.53
N MET B 316 5.76 -2.64 -5.06
CA MET B 316 6.33 -1.31 -5.25
C MET B 316 7.66 -1.13 -4.53
N GLY B 317 7.82 -1.81 -3.40
CA GLY B 317 9.00 -1.65 -2.58
C GLY B 317 10.13 -2.61 -2.93
N ASN B 318 9.80 -3.68 -3.66
CA ASN B 318 10.78 -4.71 -3.98
C ASN B 318 11.12 -4.86 -5.45
N PHE B 319 10.17 -4.55 -6.33
CA PHE B 319 10.36 -4.84 -7.75
C PHE B 319 9.97 -3.68 -8.69
N HIS B 320 8.73 -3.23 -8.61
CA HIS B 320 8.20 -2.22 -9.54
C HIS B 320 8.20 -0.82 -8.93
N PRO B 321 9.20 0.01 -9.30
CA PRO B 321 9.37 1.34 -8.71
C PRO B 321 8.46 2.40 -9.34
N HIS B 322 7.16 2.25 -9.18
CA HIS B 322 6.21 3.20 -9.74
C HIS B 322 5.03 3.44 -8.81
N GLY B 323 3.98 4.08 -9.32
CA GLY B 323 2.82 4.43 -8.52
C GLY B 323 2.01 3.23 -8.08
N ASP B 324 1.30 3.37 -6.97
CA ASP B 324 0.48 2.30 -6.43
C ASP B 324 -0.75 2.03 -7.30
N SER B 325 -1.35 3.09 -7.80
CA SER B 325 -2.58 2.98 -8.60
C SER B 325 -2.33 2.22 -9.90
N SER B 326 -1.18 2.47 -10.53
CA SER B 326 -0.83 1.78 -11.77
C SER B 326 -0.65 0.28 -11.54
N ILE B 327 0.01 -0.06 -10.45
CA ILE B 327 0.23 -1.46 -10.09
C ILE B 327 -1.08 -2.14 -9.74
N TYR B 328 -1.92 -1.43 -8.99
CA TYR B 328 -3.22 -1.98 -8.57
C TYR B 328 -4.17 -2.16 -9.75
N ASP B 329 -4.21 -1.16 -10.64
CA ASP B 329 -5.04 -1.24 -11.83
C ASP B 329 -4.63 -2.43 -12.69
N ALA B 330 -3.33 -2.67 -12.80
CA ALA B 330 -2.81 -3.80 -13.53
C ALA B 330 -3.22 -5.10 -12.86
N MET B 331 -3.17 -5.12 -11.53
CA MET B 331 -3.55 -6.29 -10.75
C MET B 331 -5.05 -6.58 -10.86
N VAL B 332 -5.85 -5.50 -10.92
CA VAL B 332 -7.29 -5.63 -11.05
C VAL B 332 -7.68 -6.25 -12.39
N ARG B 333 -7.04 -5.80 -13.46
CA ARG B 333 -7.37 -6.27 -14.81
C ARG B 333 -7.11 -7.76 -14.96
N MET B 334 -6.05 -8.25 -14.31
CA MET B 334 -5.72 -9.66 -14.39
C MET B 334 -6.72 -10.54 -13.64
N SER B 335 -7.67 -9.89 -12.97
CA SER B 335 -8.70 -10.61 -12.22
C SER B 335 -10.06 -10.57 -12.90
N GLN B 336 -10.20 -9.70 -13.89
CA GLN B 336 -11.47 -9.53 -14.58
C GLN B 336 -11.67 -10.58 -15.67
N ASN B 337 -12.72 -11.40 -15.52
CA ASN B 337 -12.96 -12.51 -16.43
C ASN B 337 -13.67 -12.12 -17.72
N TRP B 338 -13.65 -10.84 -18.05
CA TRP B 338 -14.21 -10.36 -19.31
C TRP B 338 -13.15 -9.60 -20.11
N LYS B 339 -11.92 -9.63 -19.61
CA LYS B 339 -10.79 -9.03 -20.31
C LYS B 339 -9.72 -10.09 -20.55
N ASN B 340 -9.58 -11.00 -19.59
CA ASN B 340 -8.67 -12.14 -19.72
C ASN B 340 -9.44 -13.44 -19.92
N ARG B 341 -9.05 -14.20 -20.92
CA ARG B 341 -9.67 -15.50 -21.20
C ARG B 341 -9.42 -16.47 -20.05
N GLU B 342 -8.28 -16.29 -19.39
CA GLU B 342 -7.92 -17.10 -18.23
C GLU B 342 -7.27 -16.22 -17.17
N ILE B 343 -8.06 -15.79 -16.19
CA ILE B 343 -7.60 -14.84 -15.18
C ILE B 343 -6.41 -15.39 -14.39
N LEU B 344 -5.45 -14.51 -14.12
CA LEU B 344 -4.22 -14.90 -13.42
C LEU B 344 -4.26 -14.46 -11.97
N VAL B 345 -5.31 -13.73 -11.61
CA VAL B 345 -5.50 -13.27 -10.24
C VAL B 345 -6.95 -13.46 -9.82
N GLU B 346 -7.18 -14.04 -8.65
CA GLU B 346 -8.51 -14.11 -8.08
C GLU B 346 -8.68 -12.98 -7.06
N MET B 347 -9.81 -12.29 -7.13
CA MET B 347 -10.02 -11.12 -6.29
C MET B 347 -11.40 -11.08 -5.64
N HIS B 348 -11.43 -10.85 -4.33
CA HIS B 348 -12.69 -10.74 -3.59
C HIS B 348 -13.17 -9.30 -3.53
N GLY B 349 -14.46 -9.10 -3.82
CA GLY B 349 -15.06 -7.79 -3.75
C GLY B 349 -15.29 -7.14 -5.09
N ASN B 350 -15.55 -5.83 -5.08
CA ASN B 350 -15.83 -5.09 -6.29
C ASN B 350 -14.59 -4.89 -7.15
N ASN B 351 -14.38 -5.80 -8.10
CA ASN B 351 -13.27 -5.67 -9.04
C ASN B 351 -13.76 -5.11 -10.38
N GLY B 352 -14.89 -4.40 -10.33
CA GLY B 352 -15.46 -3.79 -11.52
C GLY B 352 -16.46 -4.67 -12.23
N SER B 353 -16.99 -4.17 -13.34
CA SER B 353 -17.93 -4.94 -14.15
C SER B 353 -17.76 -4.57 -15.62
N MET B 354 -18.59 -5.13 -16.48
CA MET B 354 -18.53 -4.86 -17.92
C MET B 354 -19.13 -3.50 -18.24
N ASP B 355 -19.72 -2.86 -17.23
CA ASP B 355 -20.32 -1.54 -17.40
C ASP B 355 -19.28 -0.43 -17.21
N GLY B 356 -18.08 -0.81 -16.80
CA GLY B 356 -16.99 0.13 -16.66
C GLY B 356 -16.97 0.87 -15.34
N ASP B 357 -17.89 0.53 -14.45
CA ASP B 357 -17.93 1.17 -13.14
C ASP B 357 -16.66 0.87 -12.33
N PRO B 358 -16.15 1.89 -11.62
CA PRO B 358 -14.88 1.81 -10.88
C PRO B 358 -14.84 0.67 -9.87
N PRO B 359 -13.75 -0.11 -9.87
CA PRO B 359 -13.54 -1.16 -8.87
C PRO B 359 -13.18 -0.54 -7.53
N ALA B 360 -13.32 -1.32 -6.45
CA ALA B 360 -13.00 -0.82 -5.12
C ALA B 360 -11.51 -0.54 -5.00
N ALA B 361 -11.16 0.45 -4.17
CA ALA B 361 -9.76 0.78 -3.93
C ALA B 361 -9.04 -0.38 -3.26
N MET B 362 -7.72 -0.38 -3.31
CA MET B 362 -6.92 -1.48 -2.76
C MET B 362 -7.07 -1.60 -1.24
N ARG B 363 -7.68 -0.59 -0.62
CA ARG B 363 -7.99 -0.62 0.79
C ARG B 363 -9.06 -1.67 1.09
N TYR B 364 -9.97 -1.84 0.14
CA TYR B 364 -11.14 -2.71 0.34
C TYR B 364 -10.91 -4.17 -0.07
N THR B 365 -10.29 -4.37 -1.23
CA THR B 365 -10.26 -5.69 -1.86
C THR B 365 -9.20 -6.66 -1.34
N GLU B 366 -9.51 -7.95 -1.44
CA GLU B 366 -8.56 -9.02 -1.16
C GLU B 366 -8.23 -9.72 -2.47
N ALA B 367 -7.05 -10.32 -2.56
CA ALA B 367 -6.63 -10.97 -3.80
C ALA B 367 -5.61 -12.09 -3.59
N ARG B 368 -5.51 -12.96 -4.60
CA ARG B 368 -4.53 -14.05 -4.62
C ARG B 368 -4.36 -14.54 -6.05
N LEU B 369 -3.31 -15.33 -6.29
CA LEU B 369 -3.06 -15.87 -7.62
C LEU B 369 -4.05 -16.97 -7.95
N SER B 370 -4.49 -17.02 -9.20
CA SER B 370 -5.33 -18.11 -9.65
C SER B 370 -4.49 -19.38 -9.76
N GLU B 371 -5.15 -20.53 -9.88
CA GLU B 371 -4.42 -21.80 -9.96
C GLU B 371 -3.59 -21.90 -11.24
N ILE B 372 -4.14 -21.45 -12.35
CA ILE B 372 -3.45 -21.53 -13.63
C ILE B 372 -2.25 -20.58 -13.68
N ALA B 373 -2.28 -19.53 -12.86
CA ALA B 373 -1.16 -18.60 -12.78
C ALA B 373 0.03 -19.27 -12.13
N GLY B 374 -0.24 -20.30 -11.33
CA GLY B 374 0.82 -21.06 -10.69
C GLY B 374 1.67 -21.79 -11.71
N TYR B 375 1.05 -22.18 -12.82
CA TYR B 375 1.75 -22.87 -13.89
C TYR B 375 2.65 -21.92 -14.67
N LEU B 376 2.35 -20.62 -14.61
CA LEU B 376 3.22 -19.61 -15.21
C LEU B 376 4.52 -19.49 -14.43
N LEU B 377 4.49 -19.91 -13.16
CA LEU B 377 5.64 -19.78 -12.28
C LEU B 377 6.22 -21.14 -11.90
N GLN B 378 5.75 -22.19 -12.58
CA GLN B 378 6.20 -23.55 -12.32
C GLN B 378 7.72 -23.69 -12.52
N ASP B 379 8.37 -24.37 -11.58
CA ASP B 379 9.81 -24.65 -11.64
C ASP B 379 10.69 -23.41 -11.56
N ILE B 380 10.15 -22.30 -11.05
CA ILE B 380 10.91 -21.06 -10.94
C ILE B 380 11.97 -21.15 -9.84
N GLU B 381 11.81 -22.12 -8.95
CA GLU B 381 12.73 -22.31 -7.85
C GLU B 381 13.91 -23.21 -8.24
N LYS B 382 14.02 -23.51 -9.53
CA LYS B 382 15.02 -24.47 -10.00
C LYS B 382 15.99 -23.88 -11.01
N LYS B 383 16.16 -22.56 -10.98
CA LYS B 383 17.09 -21.86 -11.87
C LYS B 383 16.81 -22.17 -13.35
N THR B 384 15.56 -22.05 -13.75
CA THR B 384 15.15 -22.37 -15.10
C THR B 384 14.93 -21.09 -15.90
N VAL B 385 15.31 -19.96 -15.32
CA VAL B 385 15.03 -18.66 -15.90
C VAL B 385 16.10 -17.63 -15.55
N PRO B 386 16.49 -16.79 -16.52
CA PRO B 386 17.48 -15.74 -16.28
C PRO B 386 16.96 -14.63 -15.36
N PHE B 387 17.64 -14.41 -14.25
CA PHE B 387 17.26 -13.36 -13.30
C PHE B 387 18.08 -12.10 -13.50
N ALA B 388 17.69 -11.03 -12.82
CA ALA B 388 18.39 -9.76 -12.91
C ALA B 388 18.12 -8.93 -11.67
N TRP B 389 19.07 -8.04 -11.32
CA TRP B 389 18.93 -7.18 -10.15
C TRP B 389 17.80 -6.16 -10.31
N ASN B 390 17.13 -5.86 -9.22
CA ASN B 390 16.09 -4.83 -9.22
C ASN B 390 16.67 -3.44 -9.06
N PHE B 391 15.82 -2.46 -8.79
CA PHE B 391 16.28 -1.08 -8.65
C PHE B 391 17.09 -0.85 -7.37
N ASP B 392 16.79 -1.63 -6.34
CA ASP B 392 17.51 -1.50 -5.07
C ASP B 392 18.82 -2.28 -5.08
N ASP B 393 18.97 -3.19 -6.03
CA ASP B 393 20.09 -4.13 -6.06
C ASP B 393 20.15 -4.94 -4.77
N THR B 394 18.97 -5.26 -4.23
CA THR B 394 18.87 -6.01 -2.98
C THR B 394 18.14 -7.32 -3.22
N GLU B 395 17.59 -7.48 -4.41
CA GLU B 395 16.78 -8.64 -4.73
C GLU B 395 16.73 -8.87 -6.24
N LYS B 396 16.83 -10.14 -6.65
CA LYS B 396 16.83 -10.47 -8.07
C LYS B 396 15.43 -10.86 -8.53
N GLU B 397 15.03 -10.35 -9.70
CA GLU B 397 13.72 -10.63 -10.26
C GLU B 397 13.83 -11.36 -11.59
N PRO B 398 12.82 -12.19 -11.92
CA PRO B 398 12.82 -12.90 -13.19
C PRO B 398 12.57 -11.97 -14.37
N THR B 399 13.29 -12.17 -15.46
CA THR B 399 13.11 -11.36 -16.66
C THR B 399 11.99 -11.95 -17.52
N VAL B 400 11.69 -13.22 -17.29
CA VAL B 400 10.63 -13.91 -18.00
C VAL B 400 10.20 -15.11 -17.17
N LEU B 401 8.91 -15.44 -17.19
CA LEU B 401 8.42 -16.58 -16.42
C LEU B 401 8.47 -17.87 -17.25
N PRO B 402 8.70 -19.01 -16.58
CA PRO B 402 8.78 -20.32 -17.24
C PRO B 402 7.61 -20.60 -18.17
N ALA B 403 6.41 -20.21 -17.76
CA ALA B 403 5.20 -20.31 -18.60
C ALA B 403 4.92 -21.72 -19.10
N ALA B 404 4.24 -22.52 -18.28
CA ALA B 404 3.89 -23.89 -18.66
C ALA B 404 2.73 -23.92 -19.66
N PHE B 405 2.21 -22.74 -20.00
CA PHE B 405 1.24 -22.62 -21.08
C PHE B 405 1.46 -21.32 -21.85
N PRO B 406 1.25 -21.34 -23.18
CA PRO B 406 1.48 -20.18 -24.05
C PRO B 406 0.55 -19.02 -23.71
N ASN B 407 0.93 -18.21 -22.74
CA ASN B 407 0.04 -17.16 -22.23
C ASN B 407 -0.20 -16.00 -23.21
N LEU B 408 0.75 -15.77 -24.12
CA LEU B 408 0.65 -14.66 -25.07
C LEU B 408 -0.61 -14.76 -25.93
N LEU B 409 -0.87 -15.97 -26.44
CA LEU B 409 -2.03 -16.19 -27.28
C LEU B 409 -3.30 -16.40 -26.47
N VAL B 410 -3.17 -17.11 -25.35
CA VAL B 410 -4.32 -17.47 -24.53
C VAL B 410 -5.02 -16.26 -23.91
N ASN B 411 -4.24 -15.34 -23.33
CA ASN B 411 -4.80 -14.17 -22.68
C ASN B 411 -4.71 -12.88 -23.51
N GLY B 412 -3.74 -12.83 -24.42
CA GLY B 412 -3.61 -11.68 -25.31
C GLY B 412 -2.83 -10.53 -24.69
N SER B 413 -2.84 -9.38 -25.36
CA SER B 413 -2.11 -8.21 -24.88
C SER B 413 -2.51 -6.91 -25.60
N THR B 414 -2.36 -5.79 -24.90
CA THR B 414 -2.63 -4.45 -25.46
C THR B 414 -2.22 -3.35 -24.49
N GLY B 415 -1.42 -2.38 -24.96
CA GLY B 415 -0.86 -2.43 -26.31
C GLY B 415 -0.61 -1.09 -26.97
N ILE B 416 0.03 -0.15 -26.25
CA ILE B 416 0.39 1.13 -26.83
C ILE B 416 1.79 1.58 -26.39
N SER B 417 2.76 1.48 -27.29
CA SER B 417 4.13 1.88 -26.98
C SER B 417 4.53 3.16 -27.70
N ALA B 418 5.83 3.31 -27.94
CA ALA B 418 6.35 4.46 -28.69
C ALA B 418 6.97 4.00 -30.00
N GLY B 419 6.30 4.30 -31.11
CA GLY B 419 6.74 3.83 -32.42
C GLY B 419 6.09 2.51 -32.76
N TYR B 420 5.60 1.83 -31.74
CA TYR B 420 4.94 0.54 -31.90
C TYR B 420 3.68 0.46 -31.04
N ALA B 421 2.84 -0.52 -31.34
CA ALA B 421 1.63 -0.77 -30.55
C ALA B 421 1.23 -2.22 -30.76
N THR B 422 0.51 -2.80 -29.80
CA THR B 422 0.13 -4.20 -29.93
C THR B 422 -1.36 -4.45 -29.66
N ASP B 423 -1.87 -5.53 -30.24
CA ASP B 423 -3.25 -5.94 -30.02
C ASP B 423 -3.40 -7.42 -30.37
N ILE B 424 -3.25 -8.27 -29.37
CA ILE B 424 -3.38 -9.71 -29.56
C ILE B 424 -4.63 -10.20 -28.84
N PRO B 425 -5.52 -10.88 -29.57
CA PRO B 425 -6.78 -11.34 -28.98
C PRO B 425 -6.61 -12.63 -28.19
N PRO B 426 -7.44 -12.82 -27.16
CA PRO B 426 -7.42 -14.05 -26.37
C PRO B 426 -7.74 -15.27 -27.22
N HIS B 427 -7.14 -16.41 -26.88
CA HIS B 427 -7.40 -17.66 -27.59
C HIS B 427 -7.78 -18.76 -26.63
N ASN B 428 -8.42 -19.81 -27.14
CA ASN B 428 -8.76 -20.97 -26.34
C ASN B 428 -7.51 -21.70 -25.90
N LEU B 429 -7.43 -22.00 -24.60
CA LEU B 429 -6.26 -22.63 -24.01
C LEU B 429 -5.95 -23.99 -24.66
N ALA B 430 -7.00 -24.79 -24.83
CA ALA B 430 -6.84 -26.14 -25.40
C ALA B 430 -6.39 -26.08 -26.86
N GLU B 431 -6.86 -25.08 -27.59
CA GLU B 431 -6.55 -24.96 -29.01
C GLU B 431 -5.10 -24.54 -29.26
N VAL B 432 -4.65 -23.53 -28.53
CA VAL B 432 -3.28 -23.06 -28.66
C VAL B 432 -2.28 -24.17 -28.34
N ILE B 433 -2.56 -24.92 -27.28
CA ILE B 433 -1.72 -26.04 -26.89
C ILE B 433 -1.67 -27.09 -27.98
N ASP B 434 -2.82 -27.42 -28.55
CA ASP B 434 -2.90 -28.39 -29.64
C ASP B 434 -2.08 -27.91 -30.85
N ALA B 435 -2.10 -26.60 -31.08
CA ALA B 435 -1.33 -26.02 -32.18
C ALA B 435 0.16 -26.15 -31.91
N ALA B 436 0.55 -25.84 -30.67
CA ALA B 436 1.95 -25.92 -30.28
C ALA B 436 2.46 -27.35 -30.31
N VAL B 437 1.65 -28.29 -29.86
CA VAL B 437 2.02 -29.70 -29.82
C VAL B 437 2.34 -30.23 -31.23
N TYR B 438 1.51 -29.83 -32.19
CA TYR B 438 1.72 -30.22 -33.58
C TYR B 438 3.05 -29.68 -34.10
N MET B 439 3.32 -28.41 -33.81
CA MET B 439 4.53 -27.75 -34.29
C MET B 439 5.80 -28.34 -33.67
N ILE B 440 5.66 -28.94 -32.49
CA ILE B 440 6.78 -29.63 -31.86
C ILE B 440 7.20 -30.81 -32.71
N ASP B 441 6.21 -31.56 -33.19
CA ASP B 441 6.45 -32.70 -34.06
C ASP B 441 6.78 -32.24 -35.47
N HIS B 442 6.15 -31.14 -35.89
CA HIS B 442 6.35 -30.61 -37.23
C HIS B 442 6.78 -29.15 -37.19
N PRO B 443 8.09 -28.91 -37.03
CA PRO B 443 8.66 -27.55 -36.90
C PRO B 443 8.30 -26.64 -38.06
N THR B 444 8.33 -27.17 -39.28
CA THR B 444 8.06 -26.36 -40.47
C THR B 444 6.58 -26.38 -40.88
N ALA B 445 5.70 -26.34 -39.88
CA ALA B 445 4.26 -26.36 -40.14
C ALA B 445 3.77 -25.07 -40.78
N LYS B 446 2.87 -25.19 -41.75
CA LYS B 446 2.32 -24.03 -42.42
C LYS B 446 1.11 -23.50 -41.67
N ILE B 447 0.72 -22.26 -41.97
CA ILE B 447 -0.39 -21.59 -41.29
C ILE B 447 -1.72 -22.31 -41.54
N ASP B 448 -1.97 -22.69 -42.78
CA ASP B 448 -3.18 -23.41 -43.15
C ASP B 448 -3.35 -24.72 -42.38
N LYS B 449 -2.23 -25.30 -41.98
CA LYS B 449 -2.25 -26.55 -41.22
C LYS B 449 -2.51 -26.29 -39.74
N LEU B 450 -1.89 -25.23 -39.21
CA LEU B 450 -2.03 -24.87 -37.81
C LEU B 450 -3.46 -24.46 -37.46
N MET B 451 -4.17 -23.91 -38.44
CA MET B 451 -5.52 -23.42 -38.22
C MET B 451 -6.55 -24.55 -38.14
N GLU B 452 -6.09 -25.78 -38.30
CA GLU B 452 -6.93 -26.95 -38.08
C GLU B 452 -6.99 -27.25 -36.59
N PHE B 453 -6.07 -26.64 -35.85
CA PHE B 453 -6.03 -26.77 -34.41
C PHE B 453 -6.36 -25.43 -33.75
N LEU B 454 -5.88 -24.35 -34.37
CA LEU B 454 -6.13 -23.00 -33.88
C LEU B 454 -6.90 -22.20 -34.93
N PRO B 455 -8.23 -22.38 -34.96
CA PRO B 455 -9.07 -21.78 -36.01
C PRO B 455 -9.20 -20.27 -35.87
N GLY B 456 -9.08 -19.76 -34.64
CA GLY B 456 -9.18 -18.33 -34.42
C GLY B 456 -9.30 -17.93 -32.96
N PRO B 457 -9.40 -16.62 -32.69
CA PRO B 457 -9.51 -16.07 -31.34
C PRO B 457 -10.73 -16.60 -30.59
N ASP B 458 -10.61 -16.66 -29.26
CA ASP B 458 -11.72 -17.08 -28.42
C ASP B 458 -11.92 -16.07 -27.30
N PHE B 459 -12.70 -15.03 -27.59
CA PHE B 459 -12.97 -13.97 -26.62
C PHE B 459 -13.68 -14.50 -25.39
N PRO B 460 -13.30 -14.00 -24.21
CA PRO B 460 -13.97 -14.38 -22.95
C PRO B 460 -15.38 -13.77 -22.91
N THR B 461 -15.61 -12.77 -23.75
CA THR B 461 -16.91 -12.12 -23.83
C THR B 461 -17.83 -12.89 -24.77
N GLY B 462 -17.25 -13.77 -25.58
CA GLY B 462 -18.02 -14.61 -26.50
C GLY B 462 -18.25 -13.96 -27.85
N ALA B 463 -19.53 -13.85 -28.23
CA ALA B 463 -19.94 -13.25 -29.49
C ALA B 463 -19.51 -14.03 -30.74
N ILE B 464 -19.67 -13.41 -31.90
CA ILE B 464 -19.40 -14.07 -33.17
C ILE B 464 -18.25 -13.42 -33.93
N ILE B 465 -17.35 -14.24 -34.47
CA ILE B 465 -16.22 -13.75 -35.24
C ILE B 465 -16.35 -14.13 -36.72
N GLN B 466 -16.27 -13.14 -37.60
CA GLN B 466 -16.44 -13.38 -39.03
C GLN B 466 -15.24 -12.89 -39.84
N GLY B 467 -14.67 -13.79 -40.65
CA GLY B 467 -13.57 -13.42 -41.52
C GLY B 467 -12.39 -14.38 -41.43
N ARG B 468 -12.59 -15.59 -41.96
CA ARG B 468 -11.55 -16.62 -41.94
C ARG B 468 -10.30 -16.17 -42.69
N ASP B 469 -10.51 -15.41 -43.75
CA ASP B 469 -9.42 -14.93 -44.59
C ASP B 469 -8.49 -13.99 -43.83
N GLU B 470 -9.08 -12.96 -43.20
CA GLU B 470 -8.31 -11.97 -42.46
C GLU B 470 -7.62 -12.56 -41.23
N ILE B 471 -8.19 -13.61 -40.66
CA ILE B 471 -7.57 -14.31 -39.53
C ILE B 471 -6.26 -14.95 -39.99
N LYS B 472 -6.30 -15.55 -41.18
CA LYS B 472 -5.11 -16.17 -41.75
C LYS B 472 -4.05 -15.13 -42.07
N LYS B 473 -4.50 -13.98 -42.57
CA LYS B 473 -3.60 -12.88 -42.89
C LYS B 473 -2.94 -12.37 -41.62
N ALA B 474 -3.69 -12.45 -40.52
CA ALA B 474 -3.19 -12.01 -39.22
C ALA B 474 -2.23 -13.03 -38.64
N TYR B 475 -2.56 -14.31 -38.79
CA TYR B 475 -1.73 -15.39 -38.27
C TYR B 475 -0.43 -15.53 -39.07
N GLU B 476 -0.34 -14.81 -40.19
CA GLU B 476 0.84 -14.87 -41.04
C GLU B 476 1.70 -13.62 -40.93
N THR B 477 1.05 -12.46 -41.05
CA THR B 477 1.77 -11.19 -41.08
C THR B 477 1.79 -10.49 -39.72
N GLY B 478 0.73 -10.69 -38.94
CA GLY B 478 0.61 -10.06 -37.64
C GLY B 478 -0.52 -9.05 -37.60
N LYS B 479 -0.87 -8.52 -38.77
CA LYS B 479 -1.98 -7.58 -38.90
C LYS B 479 -3.17 -8.21 -39.60
N GLY B 480 -4.37 -7.85 -39.15
CA GLY B 480 -5.59 -8.36 -39.75
C GLY B 480 -6.81 -7.63 -39.22
N ARG B 481 -7.87 -7.58 -40.02
CA ARG B 481 -9.09 -6.91 -39.61
C ARG B 481 -10.29 -7.86 -39.66
N VAL B 482 -10.68 -8.38 -38.51
CA VAL B 482 -11.78 -9.32 -38.42
C VAL B 482 -13.02 -8.64 -37.83
N VAL B 483 -14.19 -9.24 -38.06
CA VAL B 483 -15.45 -8.66 -37.59
C VAL B 483 -16.01 -9.43 -36.39
N VAL B 484 -16.33 -8.70 -35.33
CA VAL B 484 -16.95 -9.28 -34.15
C VAL B 484 -18.42 -8.85 -34.08
N ARG B 485 -19.32 -9.83 -33.96
CA ARG B 485 -20.75 -9.56 -33.98
C ARG B 485 -21.45 -10.11 -32.74
N SER B 486 -22.38 -9.33 -32.20
CA SER B 486 -23.11 -9.72 -31.00
C SER B 486 -24.03 -10.91 -31.24
N LYS B 487 -24.13 -11.80 -30.24
CA LYS B 487 -25.04 -12.93 -30.31
C LYS B 487 -26.43 -12.51 -29.89
N THR B 488 -27.39 -12.65 -30.81
CA THR B 488 -28.75 -12.17 -30.57
C THR B 488 -29.81 -13.25 -30.75
N GLU B 489 -31.03 -12.92 -30.37
CA GLU B 489 -32.18 -13.81 -30.56
C GLU B 489 -33.47 -12.99 -30.47
N ILE B 490 -34.53 -13.48 -31.09
CA ILE B 490 -35.80 -12.76 -31.11
C ILE B 490 -36.86 -13.45 -30.28
N GLU B 491 -37.48 -12.68 -29.37
CA GLU B 491 -38.54 -13.20 -28.52
C GLU B 491 -39.88 -12.58 -28.87
N LYS B 492 -40.84 -13.42 -29.24
CA LYS B 492 -42.18 -12.95 -29.56
C LYS B 492 -42.88 -12.47 -28.29
N LEU B 493 -43.60 -11.36 -28.40
CA LEU B 493 -44.30 -10.80 -27.25
C LEU B 493 -45.81 -10.73 -27.48
N LYS B 494 -46.52 -10.21 -26.49
CA LYS B 494 -47.97 -10.04 -26.61
C LYS B 494 -48.28 -8.82 -27.48
N GLY B 495 -49.48 -8.82 -28.07
CA GLY B 495 -49.89 -7.72 -28.92
C GLY B 495 -49.16 -7.69 -30.25
N GLY B 496 -48.57 -8.82 -30.62
CA GLY B 496 -47.87 -8.94 -31.90
C GLY B 496 -46.52 -8.25 -31.91
N LYS B 497 -46.04 -7.86 -30.74
CA LYS B 497 -44.75 -7.20 -30.63
C LYS B 497 -43.61 -8.21 -30.63
N GLU B 498 -42.42 -7.75 -31.00
CA GLU B 498 -41.23 -8.59 -30.96
C GLU B 498 -40.14 -7.93 -30.14
N GLN B 499 -39.15 -8.71 -29.73
CA GLN B 499 -38.10 -8.21 -28.85
C GLN B 499 -36.73 -8.80 -29.19
N ILE B 500 -35.79 -7.93 -29.53
CA ILE B 500 -34.42 -8.36 -29.79
C ILE B 500 -33.66 -8.52 -28.48
N VAL B 501 -33.10 -9.71 -28.25
CA VAL B 501 -32.38 -9.99 -27.01
C VAL B 501 -30.90 -10.23 -27.26
N ILE B 502 -30.06 -9.41 -26.65
CA ILE B 502 -28.62 -9.52 -26.79
C ILE B 502 -28.02 -10.20 -25.57
N THR B 503 -27.30 -11.30 -25.79
CA THR B 503 -26.75 -12.09 -24.69
C THR B 503 -25.23 -12.06 -24.66
N GLU B 504 -24.62 -11.80 -25.81
CA GLU B 504 -23.16 -11.69 -25.91
C GLU B 504 -22.76 -10.45 -26.72
N ILE B 505 -21.70 -9.78 -26.28
CA ILE B 505 -21.25 -8.55 -26.94
C ILE B 505 -19.76 -8.61 -27.29
N PRO B 506 -19.32 -7.79 -28.26
CA PRO B 506 -17.92 -7.79 -28.71
C PRO B 506 -16.90 -7.52 -27.61
N TYR B 507 -15.70 -8.07 -27.78
CA TYR B 507 -14.59 -7.90 -26.86
C TYR B 507 -14.21 -6.43 -26.71
N GLU B 508 -13.80 -6.05 -25.51
CA GLU B 508 -13.39 -4.67 -25.20
C GLU B 508 -14.49 -3.63 -25.42
N ILE B 509 -15.74 -4.03 -25.29
CA ILE B 509 -16.86 -3.11 -25.45
C ILE B 509 -17.60 -2.87 -24.12
N ASN B 510 -17.68 -1.61 -23.72
CA ASN B 510 -18.40 -1.23 -22.51
C ASN B 510 -19.91 -1.43 -22.67
N LYS B 511 -20.50 -2.28 -21.84
CA LYS B 511 -21.92 -2.62 -21.95
C LYS B 511 -22.82 -1.41 -21.68
N ALA B 512 -22.45 -0.61 -20.68
CA ALA B 512 -23.24 0.54 -20.29
C ALA B 512 -23.32 1.57 -21.41
N ASN B 513 -22.20 1.85 -22.06
CA ASN B 513 -22.16 2.80 -23.16
C ASN B 513 -22.89 2.28 -24.40
N LEU B 514 -22.82 0.97 -24.61
CA LEU B 514 -23.48 0.33 -25.74
C LEU B 514 -24.98 0.53 -25.65
N VAL B 515 -25.52 0.26 -24.46
CA VAL B 515 -26.96 0.43 -24.20
C VAL B 515 -27.38 1.88 -24.43
N LYS B 516 -26.56 2.81 -23.97
CA LYS B 516 -26.83 4.22 -24.13
C LYS B 516 -26.83 4.62 -25.61
N LYS B 517 -25.83 4.13 -26.34
CA LYS B 517 -25.71 4.41 -27.77
C LYS B 517 -26.85 3.77 -28.55
N ILE B 518 -27.29 2.59 -28.11
CA ILE B 518 -28.42 1.92 -28.73
C ILE B 518 -29.71 2.70 -28.46
N ASP B 519 -29.88 3.15 -27.22
CA ASP B 519 -31.04 3.95 -26.85
C ASP B 519 -31.01 5.31 -27.52
N ASP B 520 -29.81 5.83 -27.78
CA ASP B 520 -29.67 7.10 -28.50
C ASP B 520 -30.22 7.00 -29.92
N VAL B 521 -30.14 5.80 -30.49
CA VAL B 521 -30.71 5.54 -31.80
C VAL B 521 -32.23 5.72 -31.76
N ARG B 522 -32.85 5.22 -30.70
CA ARG B 522 -34.29 5.37 -30.50
C ARG B 522 -34.68 6.82 -30.30
N VAL B 523 -33.95 7.50 -29.43
CA VAL B 523 -34.22 8.90 -29.10
C VAL B 523 -34.14 9.79 -30.34
N ASN B 524 -33.07 9.62 -31.11
CA ASN B 524 -32.88 10.41 -32.33
C ASN B 524 -33.68 9.84 -33.50
N ASN B 525 -34.34 8.70 -33.28
CA ASN B 525 -35.17 8.04 -34.28
C ASN B 525 -34.41 7.77 -35.58
N LYS B 526 -33.14 7.39 -35.44
CA LYS B 526 -32.29 7.11 -36.59
C LYS B 526 -32.73 5.86 -37.35
N VAL B 527 -33.52 5.02 -36.68
CA VAL B 527 -34.17 3.90 -37.35
C VAL B 527 -35.56 3.70 -36.73
N ALA B 528 -36.53 3.36 -37.55
CA ALA B 528 -37.93 3.31 -37.12
C ALA B 528 -38.28 2.01 -36.42
N GLY B 529 -38.98 2.12 -35.29
CA GLY B 529 -39.58 0.95 -34.67
C GLY B 529 -39.10 0.53 -33.30
N ILE B 530 -38.21 1.31 -32.67
CA ILE B 530 -37.71 0.96 -31.35
C ILE B 530 -38.56 1.56 -30.23
N ALA B 531 -39.10 0.70 -29.39
CA ALA B 531 -40.01 1.12 -28.32
C ALA B 531 -39.27 1.45 -27.03
N GLU B 532 -38.39 0.55 -26.60
CA GLU B 532 -37.67 0.72 -25.34
C GLU B 532 -36.41 -0.12 -25.26
N VAL B 533 -35.34 0.48 -24.75
CA VAL B 533 -34.09 -0.23 -24.53
C VAL B 533 -33.92 -0.53 -23.06
N ARG B 534 -33.69 -1.80 -22.73
CA ARG B 534 -33.57 -2.22 -21.33
C ARG B 534 -32.40 -3.15 -21.08
N ASP B 535 -31.53 -2.76 -20.16
CA ASP B 535 -30.43 -3.63 -19.72
C ASP B 535 -30.96 -4.49 -18.58
N GLU B 536 -31.16 -5.78 -18.86
CA GLU B 536 -31.72 -6.69 -17.87
C GLU B 536 -30.69 -7.66 -17.31
N SER B 537 -29.42 -7.30 -17.44
CA SER B 537 -28.33 -8.15 -16.93
C SER B 537 -28.33 -8.23 -15.42
N ASP B 538 -28.07 -9.41 -14.88
CA ASP B 538 -27.94 -9.59 -13.44
C ASP B 538 -26.67 -10.38 -13.10
N ARG B 539 -26.56 -10.82 -11.85
CA ARG B 539 -25.34 -11.46 -11.37
C ARG B 539 -25.06 -12.84 -11.97
N ASP B 540 -25.87 -13.24 -12.94
CA ASP B 540 -25.66 -14.52 -13.61
C ASP B 540 -26.25 -14.54 -15.02
N GLY B 541 -25.88 -13.56 -15.84
CA GLY B 541 -26.34 -13.51 -17.21
C GLY B 541 -26.40 -12.11 -17.79
N LEU B 542 -25.88 -11.97 -19.00
CA LEU B 542 -25.95 -10.70 -19.72
C LEU B 542 -27.22 -10.69 -20.57
N ARG B 543 -27.96 -9.59 -20.51
CA ARG B 543 -29.21 -9.49 -21.26
C ARG B 543 -29.61 -8.06 -21.57
N ILE B 544 -29.59 -7.71 -22.85
CA ILE B 544 -30.04 -6.40 -23.30
C ILE B 544 -31.28 -6.55 -24.17
N ALA B 545 -32.44 -6.23 -23.62
CA ALA B 545 -33.70 -6.37 -24.32
C ALA B 545 -34.08 -5.12 -25.11
N ILE B 546 -34.05 -5.23 -26.43
CA ILE B 546 -34.48 -4.14 -27.30
C ILE B 546 -35.90 -4.39 -27.79
N GLU B 547 -36.87 -3.92 -27.00
CA GLU B 547 -38.28 -4.12 -27.33
C GLU B 547 -38.71 -3.21 -28.47
N LEU B 548 -39.33 -3.80 -29.50
CA LEU B 548 -39.76 -3.04 -30.66
C LEU B 548 -41.25 -2.73 -30.61
N LYS B 549 -41.71 -1.93 -31.56
CA LYS B 549 -43.11 -1.51 -31.61
C LYS B 549 -43.99 -2.56 -32.29
N LYS B 550 -45.22 -2.17 -32.60
CA LYS B 550 -46.20 -3.09 -33.17
C LYS B 550 -45.75 -3.68 -34.52
N ASP B 551 -46.01 -2.94 -35.59
CA ASP B 551 -45.63 -3.39 -36.93
C ASP B 551 -44.31 -2.78 -37.34
N ALA B 552 -43.22 -3.28 -36.75
CA ALA B 552 -41.89 -2.78 -37.04
C ALA B 552 -41.01 -3.84 -37.68
N ASN B 553 -40.28 -3.45 -38.73
CA ASN B 553 -39.35 -4.35 -39.40
C ASN B 553 -38.16 -4.66 -38.51
N THR B 554 -38.22 -5.80 -37.83
CA THR B 554 -37.20 -6.17 -36.85
C THR B 554 -35.87 -6.48 -37.51
N GLU B 555 -35.91 -6.86 -38.78
CA GLU B 555 -34.70 -7.14 -39.53
C GLU B 555 -33.99 -5.84 -39.89
N LEU B 556 -34.78 -4.80 -40.12
CA LEU B 556 -34.24 -3.49 -40.45
C LEU B 556 -33.54 -2.90 -39.22
N VAL B 557 -34.21 -3.00 -38.07
CA VAL B 557 -33.68 -2.46 -36.83
C VAL B 557 -32.37 -3.13 -36.43
N LEU B 558 -32.34 -4.46 -36.51
CA LEU B 558 -31.18 -5.24 -36.13
C LEU B 558 -29.97 -4.93 -37.02
N ASN B 559 -30.23 -4.71 -38.31
CA ASN B 559 -29.15 -4.40 -39.25
C ASN B 559 -28.54 -3.02 -39.05
N TYR B 560 -29.38 -2.06 -38.68
CA TYR B 560 -28.90 -0.70 -38.44
C TYR B 560 -28.01 -0.63 -37.22
N LEU B 561 -28.39 -1.34 -36.17
CA LEU B 561 -27.64 -1.34 -34.92
C LEU B 561 -26.26 -1.97 -35.09
N PHE B 562 -26.19 -3.02 -35.90
CA PHE B 562 -24.93 -3.70 -36.17
C PHE B 562 -23.96 -2.78 -36.89
N LYS B 563 -24.50 -1.92 -37.76
CA LYS B 563 -23.67 -1.07 -38.61
C LYS B 563 -23.33 0.26 -37.95
N TYR B 564 -24.25 0.81 -37.17
CA TYR B 564 -24.06 2.16 -36.63
C TYR B 564 -23.80 2.23 -35.12
N THR B 565 -24.04 1.14 -34.41
CA THR B 565 -23.69 1.08 -32.99
C THR B 565 -22.46 0.20 -32.80
N ASP B 566 -22.35 -0.44 -31.63
CA ASP B 566 -21.20 -1.29 -31.35
C ASP B 566 -21.60 -2.75 -31.09
N LEU B 567 -22.79 -3.13 -31.54
CA LEU B 567 -23.19 -4.53 -31.51
C LEU B 567 -22.26 -5.34 -32.42
N GLN B 568 -21.77 -4.69 -33.47
CA GLN B 568 -20.78 -5.27 -34.35
C GLN B 568 -19.60 -4.31 -34.51
N ILE B 569 -18.39 -4.80 -34.24
CA ILE B 569 -17.19 -3.98 -34.36
C ILE B 569 -16.13 -4.67 -35.19
N ASN B 570 -15.04 -3.95 -35.46
CA ASN B 570 -13.90 -4.52 -36.16
C ASN B 570 -12.71 -4.70 -35.22
N TYR B 571 -12.32 -5.94 -34.96
CA TYR B 571 -11.12 -6.19 -34.19
C TYR B 571 -9.91 -6.21 -35.12
N ASN B 572 -8.94 -5.37 -34.82
CA ASN B 572 -7.72 -5.30 -35.63
C ASN B 572 -6.53 -5.97 -34.96
N PHE B 573 -6.06 -7.05 -35.58
CA PHE B 573 -4.86 -7.72 -35.12
C PHE B 573 -3.67 -6.80 -35.32
N ASN B 574 -2.80 -6.74 -34.31
CA ASN B 574 -1.55 -6.02 -34.42
C ASN B 574 -0.53 -6.67 -33.50
N MET B 575 -0.28 -7.95 -33.75
CA MET B 575 0.52 -8.77 -32.85
C MET B 575 2.00 -8.38 -32.84
N VAL B 576 2.33 -7.43 -31.97
CA VAL B 576 3.71 -7.02 -31.77
C VAL B 576 4.18 -7.42 -30.37
N ALA B 577 5.30 -8.11 -30.31
CA ALA B 577 5.86 -8.54 -29.02
C ALA B 577 7.35 -8.23 -28.95
N ILE B 578 7.99 -8.62 -27.85
CA ILE B 578 9.42 -8.38 -27.69
C ILE B 578 10.21 -9.68 -27.87
N ASP B 579 10.92 -9.76 -28.99
CA ASP B 579 11.76 -10.93 -29.28
C ASP B 579 13.22 -10.49 -29.35
N ASN B 580 14.06 -11.10 -28.53
CA ASN B 580 15.47 -10.73 -28.41
C ASN B 580 15.64 -9.24 -28.11
N PHE B 581 14.93 -8.77 -27.08
CA PHE B 581 15.01 -7.39 -26.60
C PHE B 581 14.52 -6.34 -27.60
N THR B 582 14.01 -6.79 -28.75
CA THR B 582 13.53 -5.86 -29.78
C THR B 582 12.06 -6.12 -30.10
N PRO B 583 11.31 -5.04 -30.39
CA PRO B 583 9.91 -5.18 -30.79
C PRO B 583 9.79 -5.86 -32.15
N ARG B 584 8.92 -6.86 -32.26
CA ARG B 584 8.77 -7.61 -33.49
C ARG B 584 7.31 -7.85 -33.84
N GLN B 585 6.91 -7.43 -35.03
CA GLN B 585 5.60 -7.77 -35.55
C GLN B 585 5.61 -9.24 -35.95
N VAL B 586 4.97 -10.08 -35.14
CA VAL B 586 5.07 -11.52 -35.32
C VAL B 586 3.74 -12.18 -35.66
N GLY B 587 3.81 -13.28 -36.40
CA GLY B 587 2.63 -14.05 -36.76
C GLY B 587 2.43 -15.19 -35.78
N ILE B 588 1.61 -16.16 -36.16
CA ILE B 588 1.29 -17.28 -35.28
C ILE B 588 2.46 -18.26 -35.16
N VAL B 589 3.40 -18.16 -36.10
CA VAL B 589 4.55 -19.05 -36.14
C VAL B 589 5.76 -18.56 -35.31
N PRO B 590 6.13 -17.26 -35.43
CA PRO B 590 7.21 -16.80 -34.56
C PRO B 590 6.82 -16.87 -33.08
N ILE B 591 5.53 -16.79 -32.79
CA ILE B 591 5.04 -16.90 -31.42
C ILE B 591 5.19 -18.32 -30.88
N LEU B 592 4.58 -19.28 -31.57
CA LEU B 592 4.60 -20.67 -31.12
C LEU B 592 6.02 -21.25 -31.05
N SER B 593 6.86 -20.87 -32.00
CA SER B 593 8.24 -21.35 -32.02
C SER B 593 9.04 -20.79 -30.85
N SER B 594 8.89 -19.48 -30.60
CA SER B 594 9.61 -18.83 -29.51
C SER B 594 9.17 -19.37 -28.16
N TYR B 595 7.92 -19.80 -28.08
CA TYR B 595 7.42 -20.43 -26.86
C TYR B 595 8.04 -21.80 -26.67
N ILE B 596 8.05 -22.60 -27.73
CA ILE B 596 8.67 -23.92 -27.71
C ILE B 596 10.16 -23.80 -27.41
N ALA B 597 10.81 -22.81 -28.01
CA ALA B 597 12.22 -22.55 -27.77
C ALA B 597 12.45 -22.23 -26.29
N HIS B 598 11.55 -21.42 -25.73
CA HIS B 598 11.63 -21.05 -24.32
C HIS B 598 11.39 -22.26 -23.43
N ARG B 599 10.36 -23.05 -23.75
CA ARG B 599 10.04 -24.25 -22.99
C ARG B 599 11.19 -25.24 -23.00
N ARG B 600 11.96 -25.25 -24.08
CA ARG B 600 13.12 -26.12 -24.19
C ARG B 600 14.17 -25.72 -23.16
N GLU B 601 14.54 -24.45 -23.15
CA GLU B 601 15.54 -23.95 -22.22
C GLU B 601 15.13 -24.18 -20.78
N VAL B 602 13.84 -23.97 -20.50
CA VAL B 602 13.29 -24.17 -19.16
C VAL B 602 13.39 -25.63 -18.71
N ILE B 603 12.94 -26.54 -19.58
CA ILE B 603 12.99 -27.96 -19.27
C ILE B 603 14.44 -28.47 -19.14
N LEU B 604 15.32 -27.98 -20.01
CA LEU B 604 16.73 -28.33 -19.91
C LEU B 604 17.36 -27.83 -18.61
N ALA B 605 17.13 -26.56 -18.29
CA ALA B 605 17.68 -25.96 -17.07
C ALA B 605 17.11 -26.63 -15.82
N ARG B 606 15.84 -27.01 -15.88
CA ARG B 606 15.19 -27.70 -14.77
C ARG B 606 15.79 -29.08 -14.55
N SER B 607 16.01 -29.80 -15.64
CA SER B 607 16.50 -31.17 -15.59
C SER B 607 17.93 -31.24 -15.05
N ARG B 608 18.72 -30.22 -15.34
CA ARG B 608 20.08 -30.14 -14.82
C ARG B 608 20.04 -29.88 -13.32
N PHE B 609 19.08 -29.07 -12.90
CA PHE B 609 18.92 -28.72 -11.49
C PHE B 609 18.60 -29.95 -10.65
N ASP B 610 17.59 -30.71 -11.08
CA ASP B 610 17.17 -31.90 -10.36
C ASP B 610 18.21 -33.01 -10.42
N LYS B 611 19.01 -33.01 -11.47
CA LYS B 611 20.03 -34.04 -11.65
C LYS B 611 21.19 -33.82 -10.68
N GLU B 612 21.65 -32.58 -10.59
CA GLU B 612 22.73 -32.23 -9.66
C GLU B 612 22.30 -32.47 -8.23
N LYS B 613 21.02 -32.21 -7.95
CA LYS B 613 20.46 -32.41 -6.63
C LYS B 613 20.42 -33.89 -6.27
N ALA B 614 19.97 -34.71 -7.22
CA ALA B 614 19.89 -36.15 -7.01
C ALA B 614 21.28 -36.79 -6.96
N GLU B 615 22.22 -36.19 -7.68
CA GLU B 615 23.60 -36.68 -7.70
C GLU B 615 24.25 -36.55 -6.32
N LYS B 616 24.22 -35.34 -5.77
CA LYS B 616 24.80 -35.05 -4.46
C LYS B 616 24.10 -35.87 -3.38
N ARG B 617 22.81 -36.10 -3.56
CA ARG B 617 22.04 -36.89 -2.61
C ARG B 617 22.43 -38.37 -2.71
N LEU B 618 22.62 -38.84 -3.95
CA LEU B 618 23.06 -40.21 -4.19
C LEU B 618 24.41 -40.43 -3.52
N HIS B 619 25.29 -39.42 -3.65
CA HIS B 619 26.64 -39.49 -3.11
C HIS B 619 26.62 -39.74 -1.61
N ILE B 620 25.69 -39.08 -0.92
CA ILE B 620 25.56 -39.24 0.53
C ILE B 620 24.98 -40.60 0.88
N VAL B 621 23.94 -41.01 0.16
CA VAL B 621 23.31 -42.31 0.38
C VAL B 621 24.31 -43.45 0.20
N GLU B 622 25.18 -43.32 -0.80
CA GLU B 622 26.22 -44.31 -1.05
C GLU B 622 27.15 -44.43 0.17
N GLY B 623 27.47 -43.30 0.76
CA GLY B 623 28.35 -43.26 1.93
C GLY B 623 27.67 -43.79 3.18
N LEU B 624 26.39 -43.44 3.36
CA LEU B 624 25.64 -43.87 4.53
C LEU B 624 25.48 -45.39 4.58
N ILE B 625 25.44 -46.02 3.41
CA ILE B 625 25.31 -47.47 3.33
C ILE B 625 26.60 -48.17 3.77
N ARG B 626 27.74 -47.57 3.45
CA ARG B 626 29.02 -48.11 3.88
C ARG B 626 29.17 -47.99 5.40
N VAL B 627 28.72 -46.85 5.94
CA VAL B 627 28.81 -46.55 7.37
C VAL B 627 28.12 -47.61 8.22
N ILE B 628 26.95 -48.05 7.79
CA ILE B 628 26.17 -49.03 8.52
C ILE B 628 26.97 -50.31 8.77
N SER B 629 27.74 -50.73 7.77
CA SER B 629 28.54 -51.95 7.89
C SER B 629 29.75 -51.75 8.80
N ILE B 630 30.11 -50.49 9.05
CA ILE B 630 31.23 -50.18 9.92
C ILE B 630 30.84 -49.15 10.98
N LEU B 631 29.61 -49.24 11.48
CA LEU B 631 29.07 -48.27 12.43
C LEU B 631 29.96 -48.09 13.65
N ASP B 632 30.26 -49.19 14.34
CA ASP B 632 31.05 -49.14 15.56
C ASP B 632 32.46 -48.61 15.31
N GLU B 633 33.07 -49.07 14.21
CA GLU B 633 34.40 -48.63 13.84
C GLU B 633 34.43 -47.13 13.57
N VAL B 634 33.36 -46.61 13.00
CA VAL B 634 33.25 -45.18 12.72
C VAL B 634 33.05 -44.39 14.00
N ILE B 635 32.12 -44.84 14.85
CA ILE B 635 31.87 -44.20 16.14
C ILE B 635 33.13 -44.19 16.99
N ALA B 636 33.86 -45.30 16.97
CA ALA B 636 35.12 -45.38 17.69
C ALA B 636 36.15 -44.44 17.08
N LEU B 637 36.08 -44.26 15.77
CA LEU B 637 36.99 -43.37 15.07
C LEU B 637 36.70 -41.91 15.38
N ILE B 638 35.42 -41.57 15.52
CA ILE B 638 35.04 -40.20 15.86
C ILE B 638 35.39 -39.89 17.31
N ARG B 639 35.15 -40.84 18.21
CA ARG B 639 35.54 -40.69 19.61
C ARG B 639 37.04 -40.47 19.74
N ALA B 640 37.81 -41.19 18.94
CA ALA B 640 39.26 -41.11 18.96
C ALA B 640 39.74 -39.76 18.42
N SER B 641 38.93 -39.14 17.58
CA SER B 641 39.27 -37.85 16.98
C SER B 641 39.24 -36.74 18.03
N GLU B 642 39.97 -35.67 17.76
CA GLU B 642 40.07 -34.56 18.71
C GLU B 642 38.96 -33.52 18.49
N ASN B 643 38.60 -33.31 17.23
CA ASN B 643 37.54 -32.37 16.88
C ASN B 643 36.84 -32.74 15.57
N LYS B 644 35.98 -31.84 15.09
CA LYS B 644 35.20 -32.09 13.89
C LYS B 644 36.08 -32.22 12.65
N ALA B 645 36.95 -31.25 12.45
CA ALA B 645 37.84 -31.24 11.29
C ALA B 645 38.74 -32.47 11.28
N ASP B 646 39.23 -32.83 12.45
CA ASP B 646 40.10 -34.00 12.60
C ASP B 646 39.32 -35.28 12.32
N ALA B 647 38.05 -35.30 12.71
CA ALA B 647 37.20 -36.48 12.53
C ALA B 647 36.97 -36.78 11.06
N LYS B 648 36.87 -35.73 10.26
CA LYS B 648 36.62 -35.88 8.83
C LYS B 648 37.86 -36.37 8.10
N GLU B 649 39.02 -35.82 8.47
CA GLU B 649 40.28 -36.23 7.87
C GLU B 649 40.56 -37.70 8.17
N ASN B 650 40.13 -38.14 9.35
CA ASN B 650 40.29 -39.55 9.72
C ASN B 650 39.29 -40.44 8.98
N LEU B 651 38.09 -39.91 8.77
CA LEU B 651 37.08 -40.63 7.99
C LEU B 651 37.52 -40.75 6.53
N LYS B 652 38.30 -39.77 6.08
CA LYS B 652 38.86 -39.79 4.73
C LYS B 652 40.00 -40.79 4.63
N VAL B 653 41.01 -40.63 5.48
CA VAL B 653 42.20 -41.46 5.41
C VAL B 653 41.92 -42.94 5.67
N SER B 654 41.14 -43.21 6.71
CA SER B 654 40.91 -44.59 7.15
C SER B 654 39.86 -45.37 6.35
N TYR B 655 38.96 -44.65 5.68
CA TYR B 655 37.88 -45.33 4.97
C TYR B 655 37.53 -44.75 3.60
N ASP B 656 38.35 -43.80 3.13
CA ASP B 656 38.21 -43.23 1.79
C ASP B 656 36.85 -42.60 1.50
N PHE B 657 36.20 -42.06 2.52
CA PHE B 657 35.01 -41.25 2.31
C PHE B 657 35.44 -39.92 1.69
N THR B 658 34.57 -39.33 0.88
CA THR B 658 34.84 -38.02 0.30
C THR B 658 34.54 -36.93 1.33
N GLU B 659 34.98 -35.71 1.05
CA GLU B 659 34.73 -34.57 1.92
C GLU B 659 33.25 -34.35 2.14
N GLU B 660 32.49 -34.44 1.06
CA GLU B 660 31.04 -34.26 1.11
C GLU B 660 30.38 -35.39 1.89
N GLN B 661 30.93 -36.59 1.75
CA GLN B 661 30.42 -37.75 2.46
C GLN B 661 30.74 -37.69 3.95
N ALA B 662 31.98 -37.33 4.27
CA ALA B 662 32.44 -37.26 5.65
C ALA B 662 31.66 -36.22 6.46
N GLU B 663 31.37 -35.09 5.82
CA GLU B 663 30.60 -34.02 6.45
C GLU B 663 29.22 -34.50 6.86
N ALA B 664 28.56 -35.24 5.97
CA ALA B 664 27.22 -35.76 6.23
C ALA B 664 27.22 -36.73 7.42
N ILE B 665 28.20 -37.61 7.46
CA ILE B 665 28.33 -38.58 8.55
C ILE B 665 28.58 -37.88 9.88
N VAL B 666 29.55 -36.98 9.87
CA VAL B 666 29.98 -36.29 11.09
C VAL B 666 28.88 -35.41 11.70
N THR B 667 27.98 -34.91 10.87
CA THR B 667 26.92 -34.02 11.34
C THR B 667 25.60 -34.73 11.59
N LEU B 668 25.61 -36.07 11.56
CA LEU B 668 24.42 -36.83 11.89
C LEU B 668 24.10 -36.68 13.37
N GLN B 669 22.82 -36.53 13.69
CA GLN B 669 22.40 -36.45 15.08
C GLN B 669 22.43 -37.84 15.71
N LEU B 670 22.70 -37.90 17.01
CA LEU B 670 22.96 -39.16 17.71
C LEU B 670 21.90 -40.24 17.53
N TYR B 671 20.62 -39.84 17.44
CA TYR B 671 19.55 -40.83 17.37
C TYR B 671 19.53 -41.61 16.06
N ARG B 672 20.28 -41.12 15.07
CA ARG B 672 20.38 -41.79 13.77
C ARG B 672 21.08 -43.14 13.84
N LEU B 673 21.73 -43.39 14.98
CA LEU B 673 22.38 -44.67 15.22
C LEU B 673 21.34 -45.76 15.55
N THR B 674 20.08 -45.36 15.61
CA THR B 674 18.98 -46.28 15.83
C THR B 674 18.33 -46.66 14.50
N ASN B 675 18.13 -45.66 13.65
CA ASN B 675 17.56 -45.89 12.32
C ASN B 675 18.58 -46.52 11.38
N THR B 676 18.96 -47.77 11.66
CA THR B 676 20.00 -48.44 10.90
C THR B 676 19.45 -49.47 9.91
N ASP B 677 18.54 -49.02 9.06
CA ASP B 677 17.98 -49.88 8.02
C ASP B 677 18.72 -49.63 6.70
N VAL B 678 19.48 -50.64 6.25
CA VAL B 678 20.31 -50.49 5.06
C VAL B 678 19.51 -50.73 3.77
N VAL B 679 18.37 -51.41 3.89
CA VAL B 679 17.55 -51.72 2.73
C VAL B 679 16.81 -50.50 2.19
N VAL B 680 16.21 -49.73 3.09
CA VAL B 680 15.45 -48.54 2.69
C VAL B 680 16.40 -47.47 2.11
N LEU B 681 17.68 -47.59 2.39
CA LEU B 681 18.68 -46.72 1.81
C LEU B 681 19.01 -47.19 0.39
N GLN B 682 19.02 -48.49 0.19
CA GLN B 682 19.27 -49.07 -1.12
C GLN B 682 18.08 -48.87 -2.06
N GLU B 683 16.91 -48.66 -1.47
CA GLU B 683 15.72 -48.33 -2.24
C GLU B 683 15.80 -46.90 -2.75
N GLU B 684 16.30 -46.01 -1.90
CA GLU B 684 16.49 -44.61 -2.28
C GLU B 684 17.62 -44.52 -3.30
N GLU B 685 18.63 -45.37 -3.13
CA GLU B 685 19.76 -45.41 -4.04
C GLU B 685 19.29 -45.77 -5.44
N ALA B 686 18.46 -46.81 -5.53
CA ALA B 686 17.91 -47.25 -6.81
C ALA B 686 16.97 -46.20 -7.39
N GLU B 687 16.14 -45.62 -6.55
CA GLU B 687 15.19 -44.58 -6.97
C GLU B 687 15.92 -43.37 -7.53
N LEU B 688 17.10 -43.08 -6.99
CA LEU B 688 17.88 -41.93 -7.44
C LEU B 688 18.61 -42.21 -8.75
N ARG B 689 19.18 -43.40 -8.88
CA ARG B 689 19.91 -43.76 -10.09
C ARG B 689 19.00 -43.72 -11.32
N GLU B 690 17.74 -44.12 -11.11
CA GLU B 690 16.76 -44.12 -12.19
C GLU B 690 16.35 -42.69 -12.53
N LYS B 691 16.24 -41.85 -11.50
CA LYS B 691 15.85 -40.46 -11.68
C LYS B 691 16.94 -39.70 -12.45
N ILE B 692 18.19 -40.03 -12.17
CA ILE B 692 19.32 -39.45 -12.89
C ILE B 692 19.33 -39.94 -14.33
N ALA B 693 19.00 -41.22 -14.51
CA ALA B 693 18.98 -41.84 -15.83
C ALA B 693 17.93 -41.19 -16.73
N MET B 694 16.74 -40.94 -16.17
CA MET B 694 15.67 -40.30 -16.92
C MET B 694 15.96 -38.83 -17.18
N LEU B 695 16.66 -38.19 -16.25
CA LEU B 695 17.00 -36.78 -16.40
C LEU B 695 18.12 -36.57 -17.41
N ALA B 696 19.10 -37.47 -17.38
CA ALA B 696 20.21 -37.40 -18.32
C ALA B 696 19.72 -37.62 -19.75
N ALA B 697 18.68 -38.44 -19.90
CA ALA B 697 18.12 -38.73 -21.20
C ALA B 697 17.47 -37.50 -21.81
N ILE B 698 16.97 -36.62 -20.94
CA ILE B 698 16.33 -35.39 -21.38
C ILE B 698 17.37 -34.38 -21.83
N ILE B 699 18.47 -34.30 -21.08
CA ILE B 699 19.54 -33.35 -21.37
C ILE B 699 20.35 -33.79 -22.60
N GLY B 700 20.43 -35.10 -22.82
CA GLY B 700 21.25 -35.63 -23.89
C GLY B 700 20.52 -36.09 -25.14
N ASP B 701 19.23 -35.78 -25.22
CA ASP B 701 18.44 -36.15 -26.39
C ASP B 701 17.31 -35.15 -26.64
N GLU B 702 17.36 -34.51 -27.81
CA GLU B 702 16.40 -33.48 -28.16
C GLU B 702 14.97 -34.02 -28.27
N ARG B 703 14.86 -35.28 -28.69
CA ARG B 703 13.55 -35.90 -28.89
C ARG B 703 12.86 -36.23 -27.56
N THR B 704 13.62 -36.82 -26.64
CA THR B 704 13.11 -37.16 -25.33
C THR B 704 12.66 -35.89 -24.57
N MET B 705 13.40 -34.81 -24.78
CA MET B 705 13.04 -33.51 -24.22
C MET B 705 11.74 -32.99 -24.81
N TYR B 706 11.59 -33.14 -26.12
CA TYR B 706 10.41 -32.64 -26.82
C TYR B 706 9.16 -33.44 -26.48
N ASN B 707 9.34 -34.72 -26.18
CA ASN B 707 8.23 -35.55 -25.73
C ASN B 707 7.76 -35.14 -24.34
N LEU B 708 8.71 -34.65 -23.54
CA LEU B 708 8.39 -34.14 -22.20
C LEU B 708 7.58 -32.85 -22.32
N MET B 709 7.94 -32.02 -23.29
CA MET B 709 7.18 -30.80 -23.58
C MET B 709 5.73 -31.15 -23.88
N LYS B 710 5.55 -32.10 -24.80
CA LYS B 710 4.22 -32.52 -25.21
C LYS B 710 3.45 -33.18 -24.09
N LYS B 711 4.12 -34.03 -23.31
CA LYS B 711 3.49 -34.72 -22.19
C LYS B 711 2.94 -33.71 -21.18
N GLU B 712 3.75 -32.70 -20.87
CA GLU B 712 3.37 -31.69 -19.90
C GLU B 712 2.30 -30.74 -20.46
N LEU B 713 2.43 -30.40 -21.74
CA LEU B 713 1.47 -29.51 -22.39
C LEU B 713 0.09 -30.15 -22.47
N ARG B 714 0.06 -31.47 -22.64
CA ARG B 714 -1.20 -32.20 -22.67
C ARG B 714 -1.83 -32.26 -21.28
N GLU B 715 -0.98 -32.30 -20.26
CA GLU B 715 -1.45 -32.32 -18.87
C GLU B 715 -2.04 -30.98 -18.49
N VAL B 716 -1.41 -29.90 -18.94
CA VAL B 716 -1.92 -28.56 -18.73
C VAL B 716 -3.25 -28.41 -19.45
N LYS B 717 -3.32 -28.90 -20.67
CA LYS B 717 -4.53 -28.83 -21.48
C LYS B 717 -5.71 -29.55 -20.82
N LYS B 718 -5.48 -30.79 -20.39
CA LYS B 718 -6.52 -31.60 -19.77
C LYS B 718 -7.08 -30.96 -18.50
N LYS B 719 -6.20 -30.27 -17.76
CA LYS B 719 -6.58 -29.69 -16.48
C LYS B 719 -7.38 -28.40 -16.63
N PHE B 720 -7.00 -27.59 -17.62
CA PHE B 720 -7.61 -26.27 -17.78
C PHE B 720 -8.40 -26.12 -19.08
N ALA B 721 -8.81 -27.24 -19.66
CA ALA B 721 -9.59 -27.23 -20.90
C ALA B 721 -10.95 -26.58 -20.68
N THR B 722 -11.33 -25.69 -21.60
CA THR B 722 -12.64 -25.06 -21.57
C THR B 722 -13.17 -24.84 -22.98
N PRO B 723 -14.48 -25.07 -23.18
CA PRO B 723 -15.14 -24.93 -24.48
C PRO B 723 -14.99 -23.54 -25.07
N ARG B 724 -15.16 -23.41 -26.38
CA ARG B 724 -15.12 -22.11 -27.04
C ARG B 724 -16.27 -21.25 -26.55
N LEU B 725 -16.07 -19.94 -26.58
CA LEU B 725 -17.12 -19.00 -26.22
C LEU B 725 -17.53 -18.22 -27.46
N SER B 726 -16.56 -17.96 -28.33
CA SER B 726 -16.81 -17.25 -29.57
C SER B 726 -16.96 -18.23 -30.73
N SER B 727 -18.03 -18.07 -31.50
CA SER B 727 -18.25 -18.89 -32.68
C SER B 727 -17.62 -18.23 -33.91
N LEU B 728 -17.21 -19.05 -34.87
CA LEU B 728 -16.49 -18.54 -36.04
C LEU B 728 -17.29 -18.69 -37.33
N GLU B 729 -17.25 -17.65 -38.15
CA GLU B 729 -17.87 -17.68 -39.47
C GLU B 729 -16.93 -17.12 -40.51
N ASP B 730 -17.39 -17.05 -41.75
CA ASP B 730 -16.58 -16.54 -42.84
C ASP B 730 -17.44 -15.76 -43.84
#